data_7FUX
# 
_entry.id   7FUX 
# 
_audit_conform.dict_name       mmcif_pdbx.dic 
_audit_conform.dict_version    5.392 
_audit_conform.dict_location   http://mmcif.pdb.org/dictionaries/ascii/mmcif_pdbx.dic 
# 
loop_
_database_2.database_id 
_database_2.database_code 
_database_2.pdbx_database_accession 
_database_2.pdbx_DOI 
PDB   7FUX         pdb_00007fux 10.2210/pdb7fux/pdb 
WWPDB D_1001405378 ?            ?                   
# 
loop_
_pdbx_audit_revision_history.ordinal 
_pdbx_audit_revision_history.data_content_type 
_pdbx_audit_revision_history.major_revision 
_pdbx_audit_revision_history.minor_revision 
_pdbx_audit_revision_history.revision_date 
1 'Structure model' 1 0 2023-03-29 
2 'Structure model' 1 1 2024-05-22 
# 
_pdbx_audit_revision_details.ordinal             1 
_pdbx_audit_revision_details.revision_ordinal    1 
_pdbx_audit_revision_details.data_content_type   'Structure model' 
_pdbx_audit_revision_details.provider            repository 
_pdbx_audit_revision_details.type                'Initial release' 
_pdbx_audit_revision_details.description         ? 
_pdbx_audit_revision_details.details             ? 
# 
_pdbx_audit_revision_group.ordinal             1 
_pdbx_audit_revision_group.revision_ordinal    2 
_pdbx_audit_revision_group.data_content_type   'Structure model' 
_pdbx_audit_revision_group.group               'Data collection' 
# 
loop_
_pdbx_audit_revision_category.ordinal 
_pdbx_audit_revision_category.revision_ordinal 
_pdbx_audit_revision_category.data_content_type 
_pdbx_audit_revision_category.category 
1 2 'Structure model' chem_comp_atom 
2 2 'Structure model' chem_comp_bond 
# 
_pdbx_database_status.entry_id                        7FUX 
_pdbx_database_status.status_code                     REL 
_pdbx_database_status.status_code_sf                  REL 
_pdbx_database_status.status_code_mr                  ? 
_pdbx_database_status.status_code_cs                  ? 
_pdbx_database_status.recvd_initial_deposition_date   2023-03-09 
_pdbx_database_status.status_code_nmr_data            ? 
_pdbx_database_status.deposit_site                    RCSB 
_pdbx_database_status.process_site                    RCSB 
_pdbx_database_status.SG_entry                        ? 
_pdbx_database_status.pdb_format_compatible           Y 
_pdbx_database_status.methods_development_category    ? 
# 
_pdbx_contact_author.id                 1 
_pdbx_contact_author.email              frank.von-delft@diamond.ac.uk 
_pdbx_contact_author.name_first         Frank 
_pdbx_contact_author.name_last          'von Delft' 
_pdbx_contact_author.role               'principal investigator/group leader' 
_pdbx_contact_author.identifier_ORCID   0000-0003-0378-0017 
_pdbx_contact_author.name_mi            ? 
# 
loop_
_audit_author.name 
_audit_author.pdbx_ordinal 
'Grosjean, H.'   1 
'Tomlinson, C.'  2 
'Bradshaw, W.J.' 3 
'Koekemoer, L.'  4 
'Krojer, T.'     5 
'Fearon, D.'     6 
'Biggin, P.C.'   7 
'von Delft, F.'  8 
# 
_citation.id                        primary 
_citation.title                     'PanDDA analysis group deposition' 
_citation.journal_abbrev            'To Be Published' 
_citation.journal_volume            ? 
_citation.page_first                ? 
_citation.page_last                 ? 
_citation.year                      ? 
_citation.journal_id_ASTM           ? 
_citation.country                   ? 
_citation.journal_id_ISSN           ? 
_citation.journal_id_CSD            0353 
_citation.book_publisher            ? 
_citation.pdbx_database_id_PubMed   ? 
_citation.pdbx_database_id_DOI      ? 
# 
loop_
_citation_author.citation_id 
_citation_author.name 
_citation_author.identifier_ORCID 
_citation_author.ordinal 
primary 'Grosjean, H.'   ? 1 
primary 'Tomlinson, C.'  ? 2 
primary 'Bradshaw, W.J.' ? 3 
primary 'Koekemoer, L.'  ? 4 
primary 'Krojer, T.'     ? 5 
primary 'Fearon, D.'     ? 6 
primary 'Biggin, P.C.'   ? 7 
primary 'von Delft, F.'  ? 8 
# 
loop_
_entity.id 
_entity.type 
_entity.src_method 
_entity.pdbx_description 
_entity.formula_weight 
_entity.pdbx_number_of_molecules 
_entity.pdbx_ec 
_entity.pdbx_mutation 
_entity.pdbx_fragment 
_entity.details 
1 polymer     man 'PH-interacting protein'                                          17627.859 1   ? ? ? ? 
2 non-polymer syn '4-(furan-2-carbonyl)-N-(prop-2-yn-1-yl)piperazine-1-carboxamide' 261.276   1   ? ? ? ? 
3 water       nat water                                                             18.015    214 ? ? ? ? 
# 
_entity_name_com.entity_id   1 
_entity_name_com.name        
'PHIP,DDB1- and CUL4-associated factor 14,IRS-1 PH domain-binding protein,WD repeat-containing protein 11' 
# 
_entity_poly.entity_id                      1 
_entity_poly.type                           'polypeptide(L)' 
_entity_poly.nstd_linkage                   no 
_entity_poly.nstd_monomer                   no 
_entity_poly.pdbx_seq_one_letter_code       
;MHHHHHHSSGVDLGTENLYFQSMSYDIQAWKKQCEELLNLIFQCEDSEPFRQPVDLLEYPDYRDIIDTPMDFATVRETLE
AGNYESPMELCKDVRLIFSNSKAYTPSKRSRIYSMSLRLSAFFEEHISSVLSDYKSALRFHKRNTITKR
;
_entity_poly.pdbx_seq_one_letter_code_can   
;MHHHHHHSSGVDLGTENLYFQSMSYDIQAWKKQCEELLNLIFQCEDSEPFRQPVDLLEYPDYRDIIDTPMDFATVRETLE
AGNYESPMELCKDVRLIFSNSKAYTPSKRSRIYSMSLRLSAFFEEHISSVLSDYKSALRFHKRNTITKR
;
_entity_poly.pdbx_strand_id                 A 
_entity_poly.pdbx_target_identifier         ? 
# 
loop_
_pdbx_entity_nonpoly.entity_id 
_pdbx_entity_nonpoly.name 
_pdbx_entity_nonpoly.comp_id 
2 '4-(furan-2-carbonyl)-N-(prop-2-yn-1-yl)piperazine-1-carboxamide' ZJR 
3 water                                                             HOH 
# 
loop_
_entity_poly_seq.entity_id 
_entity_poly_seq.num 
_entity_poly_seq.mon_id 
_entity_poly_seq.hetero 
1 1   MET n 
1 2   HIS n 
1 3   HIS n 
1 4   HIS n 
1 5   HIS n 
1 6   HIS n 
1 7   HIS n 
1 8   SER n 
1 9   SER n 
1 10  GLY n 
1 11  VAL n 
1 12  ASP n 
1 13  LEU n 
1 14  GLY n 
1 15  THR n 
1 16  GLU n 
1 17  ASN n 
1 18  LEU n 
1 19  TYR n 
1 20  PHE n 
1 21  GLN n 
1 22  SER n 
1 23  MET n 
1 24  SER n 
1 25  TYR n 
1 26  ASP n 
1 27  ILE n 
1 28  GLN n 
1 29  ALA n 
1 30  TRP n 
1 31  LYS n 
1 32  LYS n 
1 33  GLN n 
1 34  CYS n 
1 35  GLU n 
1 36  GLU n 
1 37  LEU n 
1 38  LEU n 
1 39  ASN n 
1 40  LEU n 
1 41  ILE n 
1 42  PHE n 
1 43  GLN n 
1 44  CYS n 
1 45  GLU n 
1 46  ASP n 
1 47  SER n 
1 48  GLU n 
1 49  PRO n 
1 50  PHE n 
1 51  ARG n 
1 52  GLN n 
1 53  PRO n 
1 54  VAL n 
1 55  ASP n 
1 56  LEU n 
1 57  LEU n 
1 58  GLU n 
1 59  TYR n 
1 60  PRO n 
1 61  ASP n 
1 62  TYR n 
1 63  ARG n 
1 64  ASP n 
1 65  ILE n 
1 66  ILE n 
1 67  ASP n 
1 68  THR n 
1 69  PRO n 
1 70  MET n 
1 71  ASP n 
1 72  PHE n 
1 73  ALA n 
1 74  THR n 
1 75  VAL n 
1 76  ARG n 
1 77  GLU n 
1 78  THR n 
1 79  LEU n 
1 80  GLU n 
1 81  ALA n 
1 82  GLY n 
1 83  ASN n 
1 84  TYR n 
1 85  GLU n 
1 86  SER n 
1 87  PRO n 
1 88  MET n 
1 89  GLU n 
1 90  LEU n 
1 91  CYS n 
1 92  LYS n 
1 93  ASP n 
1 94  VAL n 
1 95  ARG n 
1 96  LEU n 
1 97  ILE n 
1 98  PHE n 
1 99  SER n 
1 100 ASN n 
1 101 SER n 
1 102 LYS n 
1 103 ALA n 
1 104 TYR n 
1 105 THR n 
1 106 PRO n 
1 107 SER n 
1 108 LYS n 
1 109 ARG n 
1 110 SER n 
1 111 ARG n 
1 112 ILE n 
1 113 TYR n 
1 114 SER n 
1 115 MET n 
1 116 SER n 
1 117 LEU n 
1 118 ARG n 
1 119 LEU n 
1 120 SER n 
1 121 ALA n 
1 122 PHE n 
1 123 PHE n 
1 124 GLU n 
1 125 GLU n 
1 126 HIS n 
1 127 ILE n 
1 128 SER n 
1 129 SER n 
1 130 VAL n 
1 131 LEU n 
1 132 SER n 
1 133 ASP n 
1 134 TYR n 
1 135 LYS n 
1 136 SER n 
1 137 ALA n 
1 138 LEU n 
1 139 ARG n 
1 140 PHE n 
1 141 HIS n 
1 142 LYS n 
1 143 ARG n 
1 144 ASN n 
1 145 THR n 
1 146 ILE n 
1 147 THR n 
1 148 LYS n 
1 149 ARG n 
# 
_entity_src_gen.entity_id                          1 
_entity_src_gen.pdbx_src_id                        1 
_entity_src_gen.pdbx_alt_source_flag               sample 
_entity_src_gen.pdbx_seq_type                      'Biological sequence' 
_entity_src_gen.pdbx_beg_seq_num                   1 
_entity_src_gen.pdbx_end_seq_num                   149 
_entity_src_gen.gene_src_common_name               human 
_entity_src_gen.gene_src_genus                     ? 
_entity_src_gen.pdbx_gene_src_gene                 'PHIP, DCAF14, WDR11' 
_entity_src_gen.gene_src_species                   ? 
_entity_src_gen.gene_src_strain                    ? 
_entity_src_gen.gene_src_tissue                    ? 
_entity_src_gen.gene_src_tissue_fraction           ? 
_entity_src_gen.gene_src_details                   ? 
_entity_src_gen.pdbx_gene_src_fragment             ? 
_entity_src_gen.pdbx_gene_src_scientific_name      'Homo sapiens' 
_entity_src_gen.pdbx_gene_src_ncbi_taxonomy_id     9606 
_entity_src_gen.pdbx_gene_src_variant              ? 
_entity_src_gen.pdbx_gene_src_cell_line            ? 
_entity_src_gen.pdbx_gene_src_atcc                 ? 
_entity_src_gen.pdbx_gene_src_organ                ? 
_entity_src_gen.pdbx_gene_src_organelle            ? 
_entity_src_gen.pdbx_gene_src_cell                 ? 
_entity_src_gen.pdbx_gene_src_cellular_location    ? 
_entity_src_gen.host_org_common_name               ? 
_entity_src_gen.pdbx_host_org_scientific_name      'Escherichia coli' 
_entity_src_gen.pdbx_host_org_ncbi_taxonomy_id     562 
_entity_src_gen.host_org_genus                     ? 
_entity_src_gen.pdbx_host_org_gene                 ? 
_entity_src_gen.pdbx_host_org_organ                ? 
_entity_src_gen.host_org_species                   ? 
_entity_src_gen.pdbx_host_org_tissue               ? 
_entity_src_gen.pdbx_host_org_tissue_fraction      ? 
_entity_src_gen.pdbx_host_org_strain               ? 
_entity_src_gen.pdbx_host_org_variant              ? 
_entity_src_gen.pdbx_host_org_cell_line            ? 
_entity_src_gen.pdbx_host_org_atcc                 ? 
_entity_src_gen.pdbx_host_org_culture_collection   ? 
_entity_src_gen.pdbx_host_org_cell                 ? 
_entity_src_gen.pdbx_host_org_organelle            ? 
_entity_src_gen.pdbx_host_org_cellular_location    ? 
_entity_src_gen.pdbx_host_org_vector_type          ? 
_entity_src_gen.pdbx_host_org_vector               ? 
_entity_src_gen.host_org_details                   ? 
_entity_src_gen.expression_system_id               ? 
_entity_src_gen.plasmid_name                       ? 
_entity_src_gen.plasmid_details                    ? 
_entity_src_gen.pdbx_description                   ? 
# 
loop_
_chem_comp.id 
_chem_comp.type 
_chem_comp.mon_nstd_flag 
_chem_comp.name 
_chem_comp.pdbx_synonyms 
_chem_comp.formula 
_chem_comp.formula_weight 
ALA 'L-peptide linking' y ALANINE                                                           ? 'C3 H7 N O2'     89.093  
ARG 'L-peptide linking' y ARGININE                                                          ? 'C6 H15 N4 O2 1' 175.209 
ASN 'L-peptide linking' y ASPARAGINE                                                        ? 'C4 H8 N2 O3'    132.118 
ASP 'L-peptide linking' y 'ASPARTIC ACID'                                                   ? 'C4 H7 N O4'     133.103 
CYS 'L-peptide linking' y CYSTEINE                                                          ? 'C3 H7 N O2 S'   121.158 
GLN 'L-peptide linking' y GLUTAMINE                                                         ? 'C5 H10 N2 O3'   146.144 
GLU 'L-peptide linking' y 'GLUTAMIC ACID'                                                   ? 'C5 H9 N O4'     147.129 
GLY 'peptide linking'   y GLYCINE                                                           ? 'C2 H5 N O2'     75.067  
HIS 'L-peptide linking' y HISTIDINE                                                         ? 'C6 H10 N3 O2 1' 156.162 
HOH non-polymer         . WATER                                                             ? 'H2 O'           18.015  
ILE 'L-peptide linking' y ISOLEUCINE                                                        ? 'C6 H13 N O2'    131.173 
LEU 'L-peptide linking' y LEUCINE                                                           ? 'C6 H13 N O2'    131.173 
LYS 'L-peptide linking' y LYSINE                                                            ? 'C6 H15 N2 O2 1' 147.195 
MET 'L-peptide linking' y METHIONINE                                                        ? 'C5 H11 N O2 S'  149.211 
PHE 'L-peptide linking' y PHENYLALANINE                                                     ? 'C9 H11 N O2'    165.189 
PRO 'L-peptide linking' y PROLINE                                                           ? 'C5 H9 N O2'     115.130 
SER 'L-peptide linking' y SERINE                                                            ? 'C3 H7 N O3'     105.093 
THR 'L-peptide linking' y THREONINE                                                         ? 'C4 H9 N O3'     119.119 
TRP 'L-peptide linking' y TRYPTOPHAN                                                        ? 'C11 H12 N2 O2'  204.225 
TYR 'L-peptide linking' y TYROSINE                                                          ? 'C9 H11 N O3'    181.189 
VAL 'L-peptide linking' y VALINE                                                            ? 'C5 H11 N O2'    117.146 
ZJR non-polymer         . '4-(furan-2-carbonyl)-N-(prop-2-yn-1-yl)piperazine-1-carboxamide' ? 'C13 H15 N3 O3'  261.276 
# 
loop_
_pdbx_poly_seq_scheme.asym_id 
_pdbx_poly_seq_scheme.entity_id 
_pdbx_poly_seq_scheme.seq_id 
_pdbx_poly_seq_scheme.mon_id 
_pdbx_poly_seq_scheme.ndb_seq_num 
_pdbx_poly_seq_scheme.pdb_seq_num 
_pdbx_poly_seq_scheme.auth_seq_num 
_pdbx_poly_seq_scheme.pdb_mon_id 
_pdbx_poly_seq_scheme.auth_mon_id 
_pdbx_poly_seq_scheme.pdb_strand_id 
_pdbx_poly_seq_scheme.pdb_ins_code 
_pdbx_poly_seq_scheme.hetero 
A 1 1   MET 1   1292 ?    ?   ?   A . n 
A 1 2   HIS 2   1293 ?    ?   ?   A . n 
A 1 3   HIS 3   1294 ?    ?   ?   A . n 
A 1 4   HIS 4   1295 ?    ?   ?   A . n 
A 1 5   HIS 5   1296 ?    ?   ?   A . n 
A 1 6   HIS 6   1297 ?    ?   ?   A . n 
A 1 7   HIS 7   1298 ?    ?   ?   A . n 
A 1 8   SER 8   1299 ?    ?   ?   A . n 
A 1 9   SER 9   1300 ?    ?   ?   A . n 
A 1 10  GLY 10  1301 ?    ?   ?   A . n 
A 1 11  VAL 11  1302 ?    ?   ?   A . n 
A 1 12  ASP 12  1303 ?    ?   ?   A . n 
A 1 13  LEU 13  1304 ?    ?   ?   A . n 
A 1 14  GLY 14  1305 ?    ?   ?   A . n 
A 1 15  THR 15  1306 ?    ?   ?   A . n 
A 1 16  GLU 16  1307 ?    ?   ?   A . n 
A 1 17  ASN 17  1308 ?    ?   ?   A . n 
A 1 18  LEU 18  1309 ?    ?   ?   A . n 
A 1 19  TYR 19  1310 ?    ?   ?   A . n 
A 1 20  PHE 20  1311 ?    ?   ?   A . n 
A 1 21  GLN 21  1312 ?    ?   ?   A . n 
A 1 22  SER 22  1313 ?    ?   ?   A . n 
A 1 23  MET 23  1314 ?    ?   ?   A . n 
A 1 24  SER 24  1315 1315 SER SER A . n 
A 1 25  TYR 25  1316 1316 TYR TYR A . n 
A 1 26  ASP 26  1317 1317 ASP ASP A . n 
A 1 27  ILE 27  1318 1318 ILE ILE A . n 
A 1 28  GLN 28  1319 1319 GLN GLN A . n 
A 1 29  ALA 29  1320 1320 ALA ALA A . n 
A 1 30  TRP 30  1321 1321 TRP TRP A . n 
A 1 31  LYS 31  1322 1322 LYS LYS A . n 
A 1 32  LYS 32  1323 1323 LYS LYS A . n 
A 1 33  GLN 33  1324 1324 GLN GLN A . n 
A 1 34  CYS 34  1325 1325 CYS CYS A . n 
A 1 35  GLU 35  1326 1326 GLU GLU A . n 
A 1 36  GLU 36  1327 1327 GLU GLU A . n 
A 1 37  LEU 37  1328 1328 LEU LEU A . n 
A 1 38  LEU 38  1329 1329 LEU LEU A . n 
A 1 39  ASN 39  1330 1330 ASN ASN A . n 
A 1 40  LEU 40  1331 1331 LEU LEU A . n 
A 1 41  ILE 41  1332 1332 ILE ILE A . n 
A 1 42  PHE 42  1333 1333 PHE PHE A . n 
A 1 43  GLN 43  1334 1334 GLN GLN A . n 
A 1 44  CYS 44  1335 1335 CYS CYS A . n 
A 1 45  GLU 45  1336 1336 GLU GLU A . n 
A 1 46  ASP 46  1337 1337 ASP ASP A . n 
A 1 47  SER 47  1338 1338 SER SER A . n 
A 1 48  GLU 48  1339 1339 GLU GLU A . n 
A 1 49  PRO 49  1340 1340 PRO PRO A . n 
A 1 50  PHE 50  1341 1341 PHE PHE A . n 
A 1 51  ARG 51  1342 1342 ARG ARG A . n 
A 1 52  GLN 52  1343 1343 GLN GLN A . n 
A 1 53  PRO 53  1344 1344 PRO PRO A . n 
A 1 54  VAL 54  1345 1345 VAL VAL A . n 
A 1 55  ASP 55  1346 1346 ASP ASP A . n 
A 1 56  LEU 56  1347 1347 LEU LEU A . n 
A 1 57  LEU 57  1348 1348 LEU LEU A . n 
A 1 58  GLU 58  1349 1349 GLU GLU A . n 
A 1 59  TYR 59  1350 1350 TYR TYR A . n 
A 1 60  PRO 60  1351 1351 PRO PRO A . n 
A 1 61  ASP 61  1352 1352 ASP ASP A . n 
A 1 62  TYR 62  1353 1353 TYR TYR A . n 
A 1 63  ARG 63  1354 1354 ARG ARG A . n 
A 1 64  ASP 64  1355 1355 ASP ASP A . n 
A 1 65  ILE 65  1356 1356 ILE ILE A . n 
A 1 66  ILE 66  1357 1357 ILE ILE A . n 
A 1 67  ASP 67  1358 1358 ASP ASP A . n 
A 1 68  THR 68  1359 1359 THR THR A . n 
A 1 69  PRO 69  1360 1360 PRO PRO A . n 
A 1 70  MET 70  1361 1361 MET MET A . n 
A 1 71  ASP 71  1362 1362 ASP ASP A . n 
A 1 72  PHE 72  1363 1363 PHE PHE A . n 
A 1 73  ALA 73  1364 1364 ALA ALA A . n 
A 1 74  THR 74  1365 1365 THR THR A . n 
A 1 75  VAL 75  1366 1366 VAL VAL A . n 
A 1 76  ARG 76  1367 1367 ARG ARG A . n 
A 1 77  GLU 77  1368 1368 GLU GLU A . n 
A 1 78  THR 78  1369 1369 THR THR A . n 
A 1 79  LEU 79  1370 1370 LEU LEU A . n 
A 1 80  GLU 80  1371 1371 GLU GLU A . n 
A 1 81  ALA 81  1372 1372 ALA ALA A . n 
A 1 82  GLY 82  1373 1373 GLY GLY A . n 
A 1 83  ASN 83  1374 1374 ASN ASN A . n 
A 1 84  TYR 84  1375 1375 TYR TYR A . n 
A 1 85  GLU 85  1376 1376 GLU GLU A . n 
A 1 86  SER 86  1377 1377 SER SER A . n 
A 1 87  PRO 87  1378 1378 PRO PRO A . n 
A 1 88  MET 88  1379 1379 MET MET A . n 
A 1 89  GLU 89  1380 1380 GLU GLU A . n 
A 1 90  LEU 90  1381 1381 LEU LEU A . n 
A 1 91  CYS 91  1382 1382 CYS CYS A . n 
A 1 92  LYS 92  1383 1383 LYS LYS A . n 
A 1 93  ASP 93  1384 1384 ASP ASP A . n 
A 1 94  VAL 94  1385 1385 VAL VAL A . n 
A 1 95  ARG 95  1386 1386 ARG ARG A . n 
A 1 96  LEU 96  1387 1387 LEU LEU A . n 
A 1 97  ILE 97  1388 1388 ILE ILE A . n 
A 1 98  PHE 98  1389 1389 PHE PHE A . n 
A 1 99  SER 99  1390 1390 SER SER A . n 
A 1 100 ASN 100 1391 1391 ASN ASN A . n 
A 1 101 SER 101 1392 1392 SER SER A . n 
A 1 102 LYS 102 1393 1393 LYS LYS A . n 
A 1 103 ALA 103 1394 1394 ALA ALA A . n 
A 1 104 TYR 104 1395 1395 TYR TYR A . n 
A 1 105 THR 105 1396 1396 THR THR A . n 
A 1 106 PRO 106 1397 1397 PRO PRO A . n 
A 1 107 SER 107 1398 1398 SER SER A . n 
A 1 108 LYS 108 1399 1399 LYS LYS A . n 
A 1 109 ARG 109 1400 1400 ARG ARG A . n 
A 1 110 SER 110 1401 1401 SER SER A . n 
A 1 111 ARG 111 1402 1402 ARG ARG A . n 
A 1 112 ILE 112 1403 1403 ILE ILE A . n 
A 1 113 TYR 113 1404 1404 TYR TYR A . n 
A 1 114 SER 114 1405 1405 SER SER A . n 
A 1 115 MET 115 1406 1406 MET MET A . n 
A 1 116 SER 116 1407 1407 SER SER A . n 
A 1 117 LEU 117 1408 1408 LEU LEU A . n 
A 1 118 ARG 118 1409 1409 ARG ARG A . n 
A 1 119 LEU 119 1410 1410 LEU LEU A . n 
A 1 120 SER 120 1411 1411 SER SER A . n 
A 1 121 ALA 121 1412 1412 ALA ALA A . n 
A 1 122 PHE 122 1413 1413 PHE PHE A . n 
A 1 123 PHE 123 1414 1414 PHE PHE A . n 
A 1 124 GLU 124 1415 1415 GLU GLU A . n 
A 1 125 GLU 125 1416 1416 GLU GLU A . n 
A 1 126 HIS 126 1417 1417 HIS HIS A . n 
A 1 127 ILE 127 1418 1418 ILE ILE A . n 
A 1 128 SER 128 1419 1419 SER SER A . n 
A 1 129 SER 129 1420 1420 SER SER A . n 
A 1 130 VAL 130 1421 1421 VAL VAL A . n 
A 1 131 LEU 131 1422 1422 LEU LEU A . n 
A 1 132 SER 132 1423 1423 SER SER A . n 
A 1 133 ASP 133 1424 1424 ASP ASP A . n 
A 1 134 TYR 134 1425 1425 TYR TYR A . n 
A 1 135 LYS 135 1426 1426 LYS LYS A . n 
A 1 136 SER 136 1427 1427 SER SER A . n 
A 1 137 ALA 137 1428 1428 ALA ALA A . n 
A 1 138 LEU 138 1429 1429 LEU LEU A . n 
A 1 139 ARG 139 1430 1430 ARG ARG A . n 
A 1 140 PHE 140 1431 1431 PHE PHE A . n 
A 1 141 HIS 141 1432 1432 HIS HIS A . n 
A 1 142 LYS 142 1433 1433 LYS LYS A . n 
A 1 143 ARG 143 1434 1434 ARG ARG A . n 
A 1 144 ASN 144 1435 1435 ASN ASN A . n 
A 1 145 THR 145 1436 ?    ?   ?   A . n 
A 1 146 ILE 146 1437 ?    ?   ?   A . n 
A 1 147 THR 147 1438 ?    ?   ?   A . n 
A 1 148 LYS 148 1439 ?    ?   ?   A . n 
A 1 149 ARG 149 1440 ?    ?   ?   A . n 
# 
loop_
_pdbx_nonpoly_scheme.asym_id 
_pdbx_nonpoly_scheme.entity_id 
_pdbx_nonpoly_scheme.mon_id 
_pdbx_nonpoly_scheme.ndb_seq_num 
_pdbx_nonpoly_scheme.pdb_seq_num 
_pdbx_nonpoly_scheme.auth_seq_num 
_pdbx_nonpoly_scheme.pdb_mon_id 
_pdbx_nonpoly_scheme.auth_mon_id 
_pdbx_nonpoly_scheme.pdb_strand_id 
_pdbx_nonpoly_scheme.pdb_ins_code 
B 2 ZJR 1   1901 1901 ZJR LIG A . 
C 3 HOH 1   2001 1662 HOH HOH A . 
C 3 HOH 2   2002 30   HOH HOH A . 
C 3 HOH 3   2003 20   HOH HOH A . 
C 3 HOH 4   2004 1670 HOH HOH A . 
C 3 HOH 5   2005 1610 HOH HOH A . 
C 3 HOH 6   2006 19   HOH HOH A . 
C 3 HOH 7   2007 1603 HOH HOH A . 
C 3 HOH 8   2008 1609 HOH HOH A . 
C 3 HOH 9   2009 1676 HOH HOH A . 
C 3 HOH 10  2010 1602 HOH HOH A . 
C 3 HOH 11  2011 1712 HOH HOH A . 
C 3 HOH 12  2012 1767 HOH HOH A . 
C 3 HOH 13  2013 1622 HOH HOH A . 
C 3 HOH 14  2014 1647 HOH HOH A . 
C 3 HOH 15  2015 1624 HOH HOH A . 
C 3 HOH 16  2016 1771 HOH HOH A . 
C 3 HOH 17  2017 1638 HOH HOH A . 
C 3 HOH 18  2018 1    HOH HOH A . 
C 3 HOH 19  2019 1626 HOH HOH A . 
C 3 HOH 20  2020 18   HOH HOH A . 
C 3 HOH 21  2021 1750 HOH HOH A . 
C 3 HOH 22  2022 1605 HOH HOH A . 
C 3 HOH 23  2023 1615 HOH HOH A . 
C 3 HOH 24  2024 28   HOH HOH A . 
C 3 HOH 25  2025 4    HOH HOH A . 
C 3 HOH 26  2026 1629 HOH HOH A . 
C 3 HOH 27  2027 1616 HOH HOH A . 
C 3 HOH 28  2028 9    HOH HOH A . 
C 3 HOH 29  2029 1658 HOH HOH A . 
C 3 HOH 30  2030 1608 HOH HOH A . 
C 3 HOH 31  2031 1678 HOH HOH A . 
C 3 HOH 32  2032 35   HOH HOH A . 
C 3 HOH 33  2033 1649 HOH HOH A . 
C 3 HOH 34  2034 1617 HOH HOH A . 
C 3 HOH 35  2035 1630 HOH HOH A . 
C 3 HOH 36  2036 1645 HOH HOH A . 
C 3 HOH 37  2037 32   HOH HOH A . 
C 3 HOH 38  2038 1644 HOH HOH A . 
C 3 HOH 39  2039 1677 HOH HOH A . 
C 3 HOH 40  2040 1628 HOH HOH A . 
C 3 HOH 41  2041 1668 HOH HOH A . 
C 3 HOH 42  2042 1740 HOH HOH A . 
C 3 HOH 43  2043 1631 HOH HOH A . 
C 3 HOH 44  2044 1620 HOH HOH A . 
C 3 HOH 45  2045 1655 HOH HOH A . 
C 3 HOH 46  2046 1625 HOH HOH A . 
C 3 HOH 47  2047 1682 HOH HOH A . 
C 3 HOH 48  2048 1732 HOH HOH A . 
C 3 HOH 49  2049 1633 HOH HOH A . 
C 3 HOH 50  2050 1632 HOH HOH A . 
C 3 HOH 51  2051 26   HOH HOH A . 
C 3 HOH 52  2052 1643 HOH HOH A . 
C 3 HOH 53  2053 1673 HOH HOH A . 
C 3 HOH 54  2054 1652 HOH HOH A . 
C 3 HOH 55  2055 1679 HOH HOH A . 
C 3 HOH 56  2056 1674 HOH HOH A . 
C 3 HOH 57  2057 1672 HOH HOH A . 
C 3 HOH 58  2058 3    HOH HOH A . 
C 3 HOH 59  2059 7    HOH HOH A . 
C 3 HOH 60  2060 1619 HOH HOH A . 
C 3 HOH 61  2061 1693 HOH HOH A . 
C 3 HOH 62  2062 1738 HOH HOH A . 
C 3 HOH 63  2063 1651 HOH HOH A . 
C 3 HOH 64  2064 1689 HOH HOH A . 
C 3 HOH 65  2065 1733 HOH HOH A . 
C 3 HOH 66  2066 1604 HOH HOH A . 
C 3 HOH 67  2067 12   HOH HOH A . 
C 3 HOH 68  2068 1666 HOH HOH A . 
C 3 HOH 69  2069 1723 HOH HOH A . 
C 3 HOH 70  2070 1687 HOH HOH A . 
C 3 HOH 71  2071 1700 HOH HOH A . 
C 3 HOH 72  2072 1665 HOH HOH A . 
C 3 HOH 73  2073 1634 HOH HOH A . 
C 3 HOH 74  2074 1675 HOH HOH A . 
C 3 HOH 75  2075 1613 HOH HOH A . 
C 3 HOH 76  2076 1623 HOH HOH A . 
C 3 HOH 77  2077 2    HOH HOH A . 
C 3 HOH 78  2078 1621 HOH HOH A . 
C 3 HOH 79  2079 1627 HOH HOH A . 
C 3 HOH 80  2080 1664 HOH HOH A . 
C 3 HOH 81  2081 1681 HOH HOH A . 
C 3 HOH 82  2082 1725 HOH HOH A . 
C 3 HOH 83  2083 1686 HOH HOH A . 
C 3 HOH 84  2084 1690 HOH HOH A . 
C 3 HOH 85  2085 1650 HOH HOH A . 
C 3 HOH 86  2086 1688 HOH HOH A . 
C 3 HOH 87  2087 1699 HOH HOH A . 
C 3 HOH 88  2088 1661 HOH HOH A . 
C 3 HOH 89  2089 1612 HOH HOH A . 
C 3 HOH 90  2090 1637 HOH HOH A . 
C 3 HOH 91  2091 1663 HOH HOH A . 
C 3 HOH 92  2092 1701 HOH HOH A . 
C 3 HOH 93  2093 1694 HOH HOH A . 
C 3 HOH 94  2094 1683 HOH HOH A . 
C 3 HOH 95  2095 1714 HOH HOH A . 
C 3 HOH 96  2096 1692 HOH HOH A . 
C 3 HOH 97  2097 1721 HOH HOH A . 
C 3 HOH 98  2098 1648 HOH HOH A . 
C 3 HOH 99  2099 1601 HOH HOH A . 
C 3 HOH 100 2100 1671 HOH HOH A . 
C 3 HOH 101 2101 1696 HOH HOH A . 
C 3 HOH 102 2102 1684 HOH HOH A . 
C 3 HOH 103 2103 1711 HOH HOH A . 
C 3 HOH 104 2104 1747 HOH HOH A . 
C 3 HOH 105 2105 1611 HOH HOH A . 
C 3 HOH 106 2106 1708 HOH HOH A . 
C 3 HOH 107 2107 14   HOH HOH A . 
C 3 HOH 108 2108 1722 HOH HOH A . 
C 3 HOH 109 2109 1685 HOH HOH A . 
C 3 HOH 110 2110 1728 HOH HOH A . 
C 3 HOH 111 2111 17   HOH HOH A . 
C 3 HOH 112 2112 1741 HOH HOH A . 
C 3 HOH 113 2113 33   HOH HOH A . 
C 3 HOH 114 2114 1636 HOH HOH A . 
C 3 HOH 115 2115 6    HOH HOH A . 
C 3 HOH 116 2116 1716 HOH HOH A . 
C 3 HOH 117 2117 1706 HOH HOH A . 
C 3 HOH 118 2118 1720 HOH HOH A . 
C 3 HOH 119 2119 1713 HOH HOH A . 
C 3 HOH 120 2120 1702 HOH HOH A . 
C 3 HOH 121 2121 1795 HOH HOH A . 
C 3 HOH 122 2122 1719 HOH HOH A . 
C 3 HOH 123 2123 1715 HOH HOH A . 
C 3 HOH 124 2124 1697 HOH HOH A . 
C 3 HOH 125 2125 1667 HOH HOH A . 
C 3 HOH 126 2126 1729 HOH HOH A . 
C 3 HOH 127 2127 1737 HOH HOH A . 
C 3 HOH 128 2128 8    HOH HOH A . 
C 3 HOH 129 2129 1709 HOH HOH A . 
C 3 HOH 130 2130 1726 HOH HOH A . 
C 3 HOH 131 2131 1657 HOH HOH A . 
C 3 HOH 132 2132 1724 HOH HOH A . 
C 3 HOH 133 2133 1710 HOH HOH A . 
C 3 HOH 134 2134 1736 HOH HOH A . 
C 3 HOH 135 2135 1669 HOH HOH A . 
C 3 HOH 136 2136 1801 HOH HOH A . 
C 3 HOH 137 2137 1727 HOH HOH A . 
C 3 HOH 138 2138 10   HOH HOH A . 
C 3 HOH 139 2139 1703 HOH HOH A . 
C 3 HOH 140 2140 1744 HOH HOH A . 
C 3 HOH 141 2141 1640 HOH HOH A . 
C 3 HOH 142 2142 1734 HOH HOH A . 
C 3 HOH 143 2143 36   HOH HOH A . 
C 3 HOH 144 2144 1735 HOH HOH A . 
C 3 HOH 145 2145 1718 HOH HOH A . 
C 3 HOH 146 2146 1730 HOH HOH A . 
C 3 HOH 147 2147 39   HOH HOH A . 
C 3 HOH 148 2148 34   HOH HOH A . 
C 3 HOH 149 2149 1704 HOH HOH A . 
C 3 HOH 150 2150 42   HOH HOH A . 
C 3 HOH 151 2151 1656 HOH HOH A . 
C 3 HOH 152 2152 1776 HOH HOH A . 
C 3 HOH 153 2153 1742 HOH HOH A . 
C 3 HOH 154 2154 31   HOH HOH A . 
C 3 HOH 155 2155 1753 HOH HOH A . 
C 3 HOH 156 2156 1751 HOH HOH A . 
C 3 HOH 157 2157 1754 HOH HOH A . 
C 3 HOH 158 2158 1752 HOH HOH A . 
C 3 HOH 159 2159 1755 HOH HOH A . 
C 3 HOH 160 2160 1773 HOH HOH A . 
C 3 HOH 161 2161 27   HOH HOH A . 
C 3 HOH 162 2162 1756 HOH HOH A . 
C 3 HOH 163 2163 1766 HOH HOH A . 
C 3 HOH 164 2164 25   HOH HOH A . 
C 3 HOH 165 2165 1757 HOH HOH A . 
C 3 HOH 166 2166 38   HOH HOH A . 
C 3 HOH 167 2167 1759 HOH HOH A . 
C 3 HOH 168 2168 1743 HOH HOH A . 
C 3 HOH 169 2169 1731 HOH HOH A . 
C 3 HOH 170 2170 1748 HOH HOH A . 
C 3 HOH 171 2171 1794 HOH HOH A . 
C 3 HOH 172 2172 1769 HOH HOH A . 
C 3 HOH 173 2173 1762 HOH HOH A . 
C 3 HOH 174 2174 1770 HOH HOH A . 
C 3 HOH 175 2175 1779 HOH HOH A . 
C 3 HOH 176 2176 1763 HOH HOH A . 
C 3 HOH 177 2177 1765 HOH HOH A . 
C 3 HOH 178 2178 1786 HOH HOH A . 
C 3 HOH 179 2179 41   HOH HOH A . 
C 3 HOH 180 2180 1777 HOH HOH A . 
C 3 HOH 181 2181 1760 HOH HOH A . 
C 3 HOH 182 2182 1758 HOH HOH A . 
C 3 HOH 183 2183 13   HOH HOH A . 
C 3 HOH 184 2184 1784 HOH HOH A . 
C 3 HOH 185 2185 1768 HOH HOH A . 
C 3 HOH 186 2186 1764 HOH HOH A . 
C 3 HOH 187 2187 1774 HOH HOH A . 
C 3 HOH 188 2188 21   HOH HOH A . 
C 3 HOH 189 2189 1775 HOH HOH A . 
C 3 HOH 190 2190 1778 HOH HOH A . 
C 3 HOH 191 2191 1796 HOH HOH A . 
C 3 HOH 192 2192 1783 HOH HOH A . 
C 3 HOH 193 2193 40   HOH HOH A . 
C 3 HOH 194 2194 1781 HOH HOH A . 
C 3 HOH 195 2195 1785 HOH HOH A . 
C 3 HOH 196 2196 1782 HOH HOH A . 
C 3 HOH 197 2197 1787 HOH HOH A . 
C 3 HOH 198 2198 1789 HOH HOH A . 
C 3 HOH 199 2199 23   HOH HOH A . 
C 3 HOH 200 2200 1791 HOH HOH A . 
C 3 HOH 201 2201 22   HOH HOH A . 
C 3 HOH 202 2202 1654 HOH HOH A . 
C 3 HOH 203 2203 29   HOH HOH A . 
C 3 HOH 204 2204 37   HOH HOH A . 
C 3 HOH 205 2205 1790 HOH HOH A . 
C 3 HOH 206 2206 1792 HOH HOH A . 
C 3 HOH 207 2207 1793 HOH HOH A . 
C 3 HOH 208 2208 11   HOH HOH A . 
C 3 HOH 209 2209 1798 HOH HOH A . 
C 3 HOH 210 2210 1797 HOH HOH A . 
C 3 HOH 211 2211 1761 HOH HOH A . 
C 3 HOH 212 2212 1799 HOH HOH A . 
C 3 HOH 213 2213 24   HOH HOH A . 
C 3 HOH 214 2214 1800 HOH HOH A . 
# 
loop_
_pdbx_unobs_or_zero_occ_atoms.id 
_pdbx_unobs_or_zero_occ_atoms.PDB_model_num 
_pdbx_unobs_or_zero_occ_atoms.polymer_flag 
_pdbx_unobs_or_zero_occ_atoms.occupancy_flag 
_pdbx_unobs_or_zero_occ_atoms.auth_asym_id 
_pdbx_unobs_or_zero_occ_atoms.auth_comp_id 
_pdbx_unobs_or_zero_occ_atoms.auth_seq_id 
_pdbx_unobs_or_zero_occ_atoms.PDB_ins_code 
_pdbx_unobs_or_zero_occ_atoms.auth_atom_id 
_pdbx_unobs_or_zero_occ_atoms.label_alt_id 
_pdbx_unobs_or_zero_occ_atoms.label_asym_id 
_pdbx_unobs_or_zero_occ_atoms.label_comp_id 
_pdbx_unobs_or_zero_occ_atoms.label_seq_id 
_pdbx_unobs_or_zero_occ_atoms.label_atom_id 
1 1 Y 1 A GLN 1334 ? CD  ? A GLN 43 CD  
2 1 Y 1 A GLN 1334 ? OE1 ? A GLN 43 OE1 
3 1 Y 1 A GLN 1334 ? NE2 ? A GLN 43 NE2 
# 
loop_
_software.pdbx_ordinal 
_software.name 
_software.version 
_software.date 
_software.type 
_software.contact_author 
_software.contact_author_email 
_software.classification 
_software.location 
_software.language 
_software.citation_id 
1 REFMAC      5.8.0267 ?               program 'Garib N. Murshudov' garib@ysbl.york.ac.uk    refinement        
http://www.ccp4.ac.uk/dist/html/refmac5.html        Fortran_77 ? 
2 Aimless     .        ?               program 'Phil Evans'         ?                        'data scaling'    
http://www.mrc-lmb.cam.ac.uk/harry/pre/aimless.html ?          ? 
3 PDB_EXTRACT 3.23     'SEP. 23, 2016' package PDB                  deposit@deposit.rcsb.org 'data extraction' 
http://sw-tools.pdb.org/apps/PDB_EXTRACT/           C++        ? 
4 XDS         .        ?               program ?                    ?                        'data reduction'  ? ?          ? 
5 REFMAC      .        ?               program ?                    ?                        phasing           ? ?          ? 
# 
_cell.entry_id           7FUX 
_cell.length_a           82.030 
_cell.length_b           27.498 
_cell.length_c           56.751 
_cell.angle_alpha        90.000 
_cell.angle_beta         100.020 
_cell.angle_gamma        90.000 
_cell.Z_PDB              4 
_cell.pdbx_unique_axis   ? 
# 
_symmetry.entry_id                         7FUX 
_symmetry.space_group_name_H-M             'C 1 2 1' 
_symmetry.pdbx_full_space_group_name_H-M   ? 
_symmetry.cell_setting                     ? 
_symmetry.Int_Tables_number                5 
# 
_exptl.crystals_number   1 
_exptl.entry_id          7FUX 
_exptl.method            'X-RAY DIFFRACTION' 
# 
_exptl_crystal.id                    1 
_exptl_crystal.density_meas          ? 
_exptl_crystal.density_Matthews      1.79 
_exptl_crystal.density_percent_sol   31.20 
_exptl_crystal.description           ? 
# 
_exptl_crystal_grow.crystal_id      1 
_exptl_crystal_grow.method          'VAPOR DIFFUSION, SITTING DROP' 
_exptl_crystal_grow.pH              5.6 
_exptl_crystal_grow.temp            277 
_exptl_crystal_grow.pdbx_details    '20% PEG 8000, 0.04M potassium phosphate' 
_exptl_crystal_grow.temp_details    ? 
_exptl_crystal_grow.pdbx_pH_range   ? 
# 
_diffrn.id                     1 
_diffrn.ambient_temp           100 
_diffrn.crystal_id             1 
_diffrn.ambient_temp_details   ? 
# 
_diffrn_detector.detector               PIXEL 
_diffrn_detector.type                   'DECTRIS PILATUS 6M' 
_diffrn_detector.pdbx_collection_date   2022-09-24 
_diffrn_detector.diffrn_id              1 
_diffrn_detector.details                ? 
# 
_diffrn_radiation.diffrn_id                        1 
_diffrn_radiation.wavelength_id                    1 
_diffrn_radiation.pdbx_diffrn_protocol             'SINGLE WAVELENGTH' 
_diffrn_radiation.pdbx_monochromatic_or_laue_m_l   ? 
_diffrn_radiation.monochromator                    ? 
_diffrn_radiation.pdbx_scattering_type             x-ray 
# 
_diffrn_radiation_wavelength.id           1 
_diffrn_radiation_wavelength.wavelength   0.92124 
_diffrn_radiation_wavelength.wt           1.0 
# 
_diffrn_source.diffrn_id                   1 
_diffrn_source.source                      SYNCHROTRON 
_diffrn_source.type                        'DIAMOND BEAMLINE I04-1' 
_diffrn_source.pdbx_wavelength_list        0.92124 
_diffrn_source.pdbx_synchrotron_site       Diamond 
_diffrn_source.pdbx_synchrotron_beamline   I04-1 
_diffrn_source.pdbx_wavelength             ? 
# 
_reflns.entry_id                     7FUX 
_reflns.pdbx_diffrn_id               1 
_reflns.pdbx_ordinal                 1 
_reflns.observed_criterion_sigma_I   ? 
_reflns.observed_criterion_sigma_F   ? 
_reflns.d_resolution_low             55.885 
_reflns.d_resolution_high            1.221 
_reflns.number_obs                   28037 
_reflns.number_all                   ? 
_reflns.percent_possible_obs         85.500 
_reflns.pdbx_Rmerge_I_obs            ? 
_reflns.pdbx_Rsym_value              ? 
_reflns.pdbx_netI_over_sigmaI        13.900 
_reflns.B_iso_Wilson_estimate        ? 
_reflns.pdbx_redundancy              4.600 
_reflns.pdbx_Rrim_I_all              0.057 
_reflns.pdbx_Rpim_I_all              0.025 
_reflns.pdbx_CC_half                 0.999 
_reflns.pdbx_netI_over_av_sigmaI     ? 
_reflns.pdbx_number_measured_all     127780 
_reflns.pdbx_scaling_rejects         ? 
_reflns.pdbx_chi_squared             ? 
_reflns.Rmerge_F_all                 ? 
_reflns.Rmerge_F_obs                 ? 
_reflns.observed_criterion_F_max     ? 
_reflns.observed_criterion_F_min     ? 
_reflns.observed_criterion_I_max     ? 
_reflns.observed_criterion_I_min     ? 
_reflns.pdbx_d_res_high_opt          ? 
_reflns.pdbx_d_res_low_opt           ? 
_reflns.details                      ? 
# 
loop_
_reflns_shell.pdbx_diffrn_id 
_reflns_shell.pdbx_ordinal 
_reflns_shell.d_res_high 
_reflns_shell.d_res_low 
_reflns_shell.number_measured_obs 
_reflns_shell.number_measured_all 
_reflns_shell.number_unique_obs 
_reflns_shell.pdbx_rejects 
_reflns_shell.Rmerge_I_obs 
_reflns_shell.meanI_over_sigI_obs 
_reflns_shell.pdbx_Rsym_value 
_reflns_shell.pdbx_chi_squared 
_reflns_shell.pdbx_redundancy 
_reflns_shell.percent_possible_obs 
_reflns_shell.pdbx_netI_over_sigmaI_obs 
_reflns_shell.number_possible 
_reflns_shell.number_unique_all 
_reflns_shell.Rmerge_F_all 
_reflns_shell.Rmerge_F_obs 
_reflns_shell.Rmerge_I_all 
_reflns_shell.meanI_over_sigI_all 
_reflns_shell.percent_possible_all 
_reflns_shell.pdbx_Rrim_I_all 
_reflns_shell.pdbx_Rpim_I_all 
_reflns_shell.pdbx_CC_half 
1 1 1.221 1.345  ? 3905 ? ? ? ? ? ? 2.800 ? 1.700  ? 1403 ? ? ? ? 27.200 0.666 0.378 0.798 
1 2 3.712 55.885 ? 6771 ? ? ? ? ? ? 4.800 ? 39.600 ? 1402 ? ? ? ? 98.200 0.033 0.015 0.999 
# 
_refine.entry_id                                 7FUX 
_refine.pdbx_refine_id                           'X-RAY DIFFRACTION' 
_refine.ls_d_res_high                            1.2200 
_refine.ls_d_res_low                             55.8900 
_refine.pdbx_ls_sigma_F                          0.000 
_refine.pdbx_data_cutoff_high_absF               ? 
_refine.pdbx_data_cutoff_low_absF                ? 
_refine.ls_percent_reflns_obs                    74.7600 
_refine.ls_number_reflns_obs                     26635 
_refine.ls_number_reflns_all                     ? 
_refine.pdbx_ls_cross_valid_method               THROUGHOUT 
_refine.ls_matrix_type                           ? 
_refine.pdbx_R_Free_selection_details            RANDOM 
_refine.details                                  
'HYDROGENS HAVE BEEN ADDED IN THE RIDING POSITIONS U VALUES      : REFINED INDIVIDUALLY' 
_refine.ls_R_factor_all                          ? 
_refine.ls_R_factor_obs                          0.1662 
_refine.ls_R_factor_R_work                       0.1647 
_refine.ls_wR_factor_R_work                      ? 
_refine.ls_R_factor_R_free                       0.1957 
_refine.ls_wR_factor_R_free                      ? 
_refine.ls_percent_reflns_R_free                 5.0000 
_refine.ls_number_reflns_R_free                  1402 
_refine.ls_number_reflns_R_work                  ? 
_refine.ls_R_factor_R_free_error                 ? 
_refine.B_iso_mean                               16.0660 
_refine.solvent_model_param_bsol                 ? 
_refine.solvent_model_param_ksol                 ? 
_refine.pdbx_isotropic_thermal_model             ? 
_refine.aniso_B[1][1]                            0.0100 
_refine.aniso_B[2][2]                            0.0700 
_refine.aniso_B[3][3]                            -0.1500 
_refine.aniso_B[1][2]                            -0.0000 
_refine.aniso_B[1][3]                            0.2100 
_refine.aniso_B[2][3]                            -0.0000 
_refine.correlation_coeff_Fo_to_Fc               0.9690 
_refine.correlation_coeff_Fo_to_Fc_free          0.9550 
_refine.overall_SU_R_Cruickshank_DPI             ? 
_refine.pdbx_overall_SU_R_free_Cruickshank_DPI   ? 
_refine.pdbx_overall_SU_R_Blow_DPI               ? 
_refine.pdbx_overall_SU_R_free_Blow_DPI          ? 
_refine.overall_SU_R_free                        ? 
_refine.pdbx_overall_ESU_R                       0.0880 
_refine.pdbx_overall_ESU_R_Free                  0.0820 
_refine.overall_SU_ML                            0.0580 
_refine.overall_SU_B                             1.3840 
_refine.solvent_model_details                    MASK 
_refine.pdbx_solvent_vdw_probe_radii             1.2000 
_refine.pdbx_solvent_ion_probe_radii             0.8000 
_refine.pdbx_solvent_shrinkage_radii             0.8000 
_refine.ls_number_parameters                     ? 
_refine.ls_number_restraints                     ? 
_refine.pdbx_starting_model                      7av9 
_refine.pdbx_method_to_determine_struct          'FOURIER SYNTHESIS' 
_refine.pdbx_stereochemistry_target_values       'MAXIMUM LIKELIHOOD' 
_refine.pdbx_stereochem_target_val_spec_case     ? 
_refine.overall_FOM_work_R_set                   ? 
_refine.B_iso_max                                275.150 
_refine.B_iso_min                                6.620 
_refine.pdbx_overall_phase_error                 ? 
_refine.occupancy_max                            ? 
_refine.occupancy_min                            ? 
_refine.pdbx_diffrn_id                           1 
_refine.pdbx_TLS_residual_ADP_flag               ? 
_refine.pdbx_ls_sigma_I                          ? 
_refine.pdbx_data_cutoff_high_rms_absF           ? 
_refine.ls_R_factor_R_free_error_details         ? 
# 
_refine_hist.cycle_id                         final 
_refine_hist.pdbx_refine_id                   'X-RAY DIFFRACTION' 
_refine_hist.d_res_high                       1.2200 
_refine_hist.d_res_low                        55.8900 
_refine_hist.pdbx_number_atoms_ligand         19 
_refine_hist.number_atoms_solvent             214 
_refine_hist.number_atoms_total               1236 
_refine_hist.pdbx_number_residues_total       121 
_refine_hist.pdbx_B_iso_mean_ligand           11.26 
_refine_hist.pdbx_B_iso_mean_solvent          26.82 
_refine_hist.pdbx_number_atoms_protein        1003 
_refine_hist.pdbx_number_atoms_nucleic_acid   0 
# 
loop_
_refine_ls_restr.pdbx_refine_id 
_refine_ls_restr.type 
_refine_ls_restr.number 
_refine_ls_restr.dev_ideal 
_refine_ls_restr.dev_ideal_target 
_refine_ls_restr.weight 
_refine_ls_restr.pdbx_restraint_function 
'X-RAY DIFFRACTION' r_bond_refined_d       3120 0.011  0.015  ? ? 
'X-RAY DIFFRACTION' r_bond_other_d         2072 0.001  0.014  ? ? 
'X-RAY DIFFRACTION' r_angle_refined_deg    3098 1.583  1.673  ? ? 
'X-RAY DIFFRACTION' r_angle_other_deg      4833 1.424  1.587  ? ? 
'X-RAY DIFFRACTION' r_dihedral_angle_1_deg 288  5.950  5.000  ? ? 
'X-RAY DIFFRACTION' r_dihedral_angle_2_deg 140  23.626 20.000 ? ? 
'X-RAY DIFFRACTION' r_dihedral_angle_3_deg 395  13.726 15.000 ? ? 
'X-RAY DIFFRACTION' r_dihedral_angle_4_deg 24   12.736 15.000 ? ? 
'X-RAY DIFFRACTION' r_chiral_restr         281  0.082  0.200  ? ? 
'X-RAY DIFFRACTION' r_gen_planes_refined   2690 0.008  0.020  ? ? 
'X-RAY DIFFRACTION' r_gen_planes_other     560  0.002  0.020  ? ? 
'X-RAY DIFFRACTION' r_mcbond_it            1482 1.597  1.605  ? ? 
'X-RAY DIFFRACTION' r_mcbond_other         1395 1.646  1.503  ? ? 
'X-RAY DIFFRACTION' r_mcangle_it           1370 3.400  2.137  ? ? 
# 
_refine_ls_shell.d_res_high                       1.2210 
_refine_ls_shell.d_res_low                        1.2530 
_refine_ls_shell.pdbx_total_number_of_bins_used   20 
_refine_ls_shell.percent_reflns_obs               4.2400 
_refine_ls_shell.number_reflns_R_work             114 
_refine_ls_shell.R_factor_all                     ? 
_refine_ls_shell.R_factor_R_work                  0.2320 
_refine_ls_shell.R_factor_R_free                  0.3210 
_refine_ls_shell.percent_reflns_R_free            ? 
_refine_ls_shell.number_reflns_R_free             3 
_refine_ls_shell.R_factor_R_free_error            ? 
_refine_ls_shell.number_reflns_all                117 
_refine_ls_shell.number_reflns_obs                ? 
_refine_ls_shell.pdbx_refine_id                   'X-RAY DIFFRACTION' 
# 
_struct.entry_id                  7FUX 
_struct.title                     'PanDDA analysis group deposition -- PHIP in complex with Z183480798' 
_struct.pdbx_model_details        ? 
_struct.pdbx_CASP_flag            ? 
_struct.pdbx_model_type_details   ? 
# 
_struct_keywords.entry_id        7FUX 
_struct_keywords.text            
'False negatives, ligand features, rescreening, catalogue, fragment follow-ups, automated chemistry, SIGNALING PROTEIN' 
_struct_keywords.pdbx_keywords   'SIGNALING PROTEIN' 
# 
loop_
_struct_asym.id 
_struct_asym.pdbx_blank_PDB_chainid_flag 
_struct_asym.pdbx_modified 
_struct_asym.entity_id 
_struct_asym.details 
A N N 1 ? 
B N N 2 ? 
C N N 3 ? 
# 
_struct_ref.id                         1 
_struct_ref.db_name                    UNP 
_struct_ref.db_code                    PHIP_HUMAN 
_struct_ref.pdbx_db_accession          Q8WWQ0 
_struct_ref.pdbx_db_isoform            ? 
_struct_ref.entity_id                  1 
_struct_ref.pdbx_seq_one_letter_code   
;SYDIQAWKKQCEELLNLIFQCEDSEPFRQPVDLLEYPDYRDIIDTPMDFATVRETLEAGNYESPMELCKDVRLIFSNSKA
YTPSKRSRIYSMSLRLSAFFEEHISSVLSDYKSALRFHKRNTITKR
;
_struct_ref.pdbx_align_begin           1315 
# 
_struct_ref_seq.align_id                      1 
_struct_ref_seq.ref_id                        1 
_struct_ref_seq.pdbx_PDB_id_code              7FUX 
_struct_ref_seq.pdbx_strand_id                A 
_struct_ref_seq.seq_align_beg                 24 
_struct_ref_seq.pdbx_seq_align_beg_ins_code   ? 
_struct_ref_seq.seq_align_end                 149 
_struct_ref_seq.pdbx_seq_align_end_ins_code   ? 
_struct_ref_seq.pdbx_db_accession             Q8WWQ0 
_struct_ref_seq.db_align_beg                  1315 
_struct_ref_seq.pdbx_db_align_beg_ins_code    ? 
_struct_ref_seq.db_align_end                  1440 
_struct_ref_seq.pdbx_db_align_end_ins_code    ? 
_struct_ref_seq.pdbx_auth_seq_align_beg       1315 
_struct_ref_seq.pdbx_auth_seq_align_end       1440 
# 
loop_
_struct_ref_seq_dif.align_id 
_struct_ref_seq_dif.pdbx_pdb_id_code 
_struct_ref_seq_dif.mon_id 
_struct_ref_seq_dif.pdbx_pdb_strand_id 
_struct_ref_seq_dif.seq_num 
_struct_ref_seq_dif.pdbx_pdb_ins_code 
_struct_ref_seq_dif.pdbx_seq_db_name 
_struct_ref_seq_dif.pdbx_seq_db_accession_code 
_struct_ref_seq_dif.db_mon_id 
_struct_ref_seq_dif.pdbx_seq_db_seq_num 
_struct_ref_seq_dif.details 
_struct_ref_seq_dif.pdbx_auth_seq_num 
_struct_ref_seq_dif.pdbx_ordinal 
1 7FUX MET A 1  ? UNP Q8WWQ0 ? ? 'initiating methionine' 1292 1  
1 7FUX HIS A 2  ? UNP Q8WWQ0 ? ? 'expression tag'        1293 2  
1 7FUX HIS A 3  ? UNP Q8WWQ0 ? ? 'expression tag'        1294 3  
1 7FUX HIS A 4  ? UNP Q8WWQ0 ? ? 'expression tag'        1295 4  
1 7FUX HIS A 5  ? UNP Q8WWQ0 ? ? 'expression tag'        1296 5  
1 7FUX HIS A 6  ? UNP Q8WWQ0 ? ? 'expression tag'        1297 6  
1 7FUX HIS A 7  ? UNP Q8WWQ0 ? ? 'expression tag'        1298 7  
1 7FUX SER A 8  ? UNP Q8WWQ0 ? ? 'expression tag'        1299 8  
1 7FUX SER A 9  ? UNP Q8WWQ0 ? ? 'expression tag'        1300 9  
1 7FUX GLY A 10 ? UNP Q8WWQ0 ? ? 'expression tag'        1301 10 
1 7FUX VAL A 11 ? UNP Q8WWQ0 ? ? 'expression tag'        1302 11 
1 7FUX ASP A 12 ? UNP Q8WWQ0 ? ? 'expression tag'        1303 12 
1 7FUX LEU A 13 ? UNP Q8WWQ0 ? ? 'expression tag'        1304 13 
1 7FUX GLY A 14 ? UNP Q8WWQ0 ? ? 'expression tag'        1305 14 
1 7FUX THR A 15 ? UNP Q8WWQ0 ? ? 'expression tag'        1306 15 
1 7FUX GLU A 16 ? UNP Q8WWQ0 ? ? 'expression tag'        1307 16 
1 7FUX ASN A 17 ? UNP Q8WWQ0 ? ? 'expression tag'        1308 17 
1 7FUX LEU A 18 ? UNP Q8WWQ0 ? ? 'expression tag'        1309 18 
1 7FUX TYR A 19 ? UNP Q8WWQ0 ? ? 'expression tag'        1310 19 
1 7FUX PHE A 20 ? UNP Q8WWQ0 ? ? 'expression tag'        1311 20 
1 7FUX GLN A 21 ? UNP Q8WWQ0 ? ? 'expression tag'        1312 21 
1 7FUX SER A 22 ? UNP Q8WWQ0 ? ? 'expression tag'        1313 22 
1 7FUX MET A 23 ? UNP Q8WWQ0 ? ? 'expression tag'        1314 23 
# 
_pdbx_struct_assembly.id                   1 
_pdbx_struct_assembly.details              author_and_software_defined_assembly 
_pdbx_struct_assembly.method_details       PISA 
_pdbx_struct_assembly.oligomeric_details   monomeric 
_pdbx_struct_assembly.oligomeric_count     1 
# 
_pdbx_struct_assembly_gen.assembly_id       1 
_pdbx_struct_assembly_gen.oper_expression   1 
_pdbx_struct_assembly_gen.asym_id_list      A,B,C 
# 
_pdbx_struct_oper_list.id                   1 
_pdbx_struct_oper_list.type                 'identity operation' 
_pdbx_struct_oper_list.name                 1_555 
_pdbx_struct_oper_list.symmetry_operation   x,y,z 
_pdbx_struct_oper_list.matrix[1][1]         1.0000000000 
_pdbx_struct_oper_list.matrix[1][2]         0.0000000000 
_pdbx_struct_oper_list.matrix[1][3]         0.0000000000 
_pdbx_struct_oper_list.vector[1]            0.0000000000 
_pdbx_struct_oper_list.matrix[2][1]         0.0000000000 
_pdbx_struct_oper_list.matrix[2][2]         1.0000000000 
_pdbx_struct_oper_list.matrix[2][3]         0.0000000000 
_pdbx_struct_oper_list.vector[2]            0.0000000000 
_pdbx_struct_oper_list.matrix[3][1]         0.0000000000 
_pdbx_struct_oper_list.matrix[3][2]         0.0000000000 
_pdbx_struct_oper_list.matrix[3][3]         1.0000000000 
_pdbx_struct_oper_list.vector[3]            0.0000000000 
# 
loop_
_struct_conf.conf_type_id 
_struct_conf.id 
_struct_conf.pdbx_PDB_helix_id 
_struct_conf.beg_label_comp_id 
_struct_conf.beg_label_asym_id 
_struct_conf.beg_label_seq_id 
_struct_conf.pdbx_beg_PDB_ins_code 
_struct_conf.end_label_comp_id 
_struct_conf.end_label_asym_id 
_struct_conf.end_label_seq_id 
_struct_conf.pdbx_end_PDB_ins_code 
_struct_conf.beg_auth_comp_id 
_struct_conf.beg_auth_asym_id 
_struct_conf.beg_auth_seq_id 
_struct_conf.end_auth_comp_id 
_struct_conf.end_auth_asym_id 
_struct_conf.end_auth_seq_id 
_struct_conf.pdbx_PDB_helix_class 
_struct_conf.details 
_struct_conf.pdbx_PDB_helix_length 
HELX_P HELX_P1 AA1 ALA A 29  ? CYS A 44  ? ALA A 1320 CYS A 1335 1 ? 16 
HELX_P HELX_P2 AA2 GLU A 45  ? ARG A 51  ? GLU A 1336 ARG A 1342 5 ? 7  
HELX_P HELX_P3 AA3 ASP A 61  ? ILE A 66  ? ASP A 1352 ILE A 1357 1 ? 6  
HELX_P HELX_P4 AA4 ASP A 71  ? ALA A 81  ? ASP A 1362 ALA A 1372 1 ? 11 
HELX_P HELX_P5 AA5 SER A 86  ? THR A 105 ? SER A 1377 THR A 1396 1 ? 20 
HELX_P HELX_P6 AA6 SER A 110 ? LYS A 142 ? SER A 1401 LYS A 1433 1 ? 33 
# 
_struct_conf_type.id          HELX_P 
_struct_conf_type.criteria    ? 
_struct_conf_type.reference   ? 
# 
loop_
_pdbx_validate_close_contact.id 
_pdbx_validate_close_contact.PDB_model_num 
_pdbx_validate_close_contact.auth_atom_id_1 
_pdbx_validate_close_contact.auth_asym_id_1 
_pdbx_validate_close_contact.auth_comp_id_1 
_pdbx_validate_close_contact.auth_seq_id_1 
_pdbx_validate_close_contact.PDB_ins_code_1 
_pdbx_validate_close_contact.label_alt_id_1 
_pdbx_validate_close_contact.auth_atom_id_2 
_pdbx_validate_close_contact.auth_asym_id_2 
_pdbx_validate_close_contact.auth_comp_id_2 
_pdbx_validate_close_contact.auth_seq_id_2 
_pdbx_validate_close_contact.PDB_ins_code_2 
_pdbx_validate_close_contact.label_alt_id_2 
_pdbx_validate_close_contact.dist 
1 1 O   A HOH 2208 ? ? O A HOH 2213 ? ? 1.09 
2 1 OD1 A ASP 1355 ? ? O A HOH 2001 ? ? 2.17 
3 1 O   A HOH 2162 ? ? O A HOH 2197 ? ? 2.18 
4 1 O   A HOH 2062 ? ? O A HOH 2071 ? ? 2.18 
# 
_pdbx_validate_symm_contact.id                1 
_pdbx_validate_symm_contact.PDB_model_num     1 
_pdbx_validate_symm_contact.auth_atom_id_1    O 
_pdbx_validate_symm_contact.auth_asym_id_1    A 
_pdbx_validate_symm_contact.auth_comp_id_1    HOH 
_pdbx_validate_symm_contact.auth_seq_id_1     2016 
_pdbx_validate_symm_contact.PDB_ins_code_1    ? 
_pdbx_validate_symm_contact.label_alt_id_1    ? 
_pdbx_validate_symm_contact.site_symmetry_1   1_555 
_pdbx_validate_symm_contact.auth_atom_id_2    O 
_pdbx_validate_symm_contact.auth_asym_id_2    A 
_pdbx_validate_symm_contact.auth_comp_id_2    HOH 
_pdbx_validate_symm_contact.auth_seq_id_2     2050 
_pdbx_validate_symm_contact.PDB_ins_code_2    ? 
_pdbx_validate_symm_contact.label_alt_id_2    ? 
_pdbx_validate_symm_contact.site_symmetry_2   4_445 
_pdbx_validate_symm_contact.dist              2.17 
# 
loop_
_pdbx_struct_special_symmetry.id 
_pdbx_struct_special_symmetry.PDB_model_num 
_pdbx_struct_special_symmetry.auth_asym_id 
_pdbx_struct_special_symmetry.auth_comp_id 
_pdbx_struct_special_symmetry.auth_seq_id 
_pdbx_struct_special_symmetry.PDB_ins_code 
_pdbx_struct_special_symmetry.label_asym_id 
_pdbx_struct_special_symmetry.label_comp_id 
_pdbx_struct_special_symmetry.label_seq_id 
1 1 A HOH 2144 ? C HOH . 
2 1 A HOH 2205 ? C HOH . 
# 
_phasing.method   MR 
# 
_pdbx_entry_details.entry_id                 7FUX 
_pdbx_entry_details.compound_details         ? 
_pdbx_entry_details.source_details           ? 
_pdbx_entry_details.nonpolymer_details       ? 
_pdbx_entry_details.sequence_details         ? 
_pdbx_entry_details.has_ligand_of_interest   Y 
# 
loop_
_pdbx_unobs_or_zero_occ_residues.id 
_pdbx_unobs_or_zero_occ_residues.PDB_model_num 
_pdbx_unobs_or_zero_occ_residues.polymer_flag 
_pdbx_unobs_or_zero_occ_residues.occupancy_flag 
_pdbx_unobs_or_zero_occ_residues.auth_asym_id 
_pdbx_unobs_or_zero_occ_residues.auth_comp_id 
_pdbx_unobs_or_zero_occ_residues.auth_seq_id 
_pdbx_unobs_or_zero_occ_residues.PDB_ins_code 
_pdbx_unobs_or_zero_occ_residues.label_asym_id 
_pdbx_unobs_or_zero_occ_residues.label_comp_id 
_pdbx_unobs_or_zero_occ_residues.label_seq_id 
1  1 Y 1 A MET 1292 ? A MET 1   
2  1 Y 1 A HIS 1293 ? A HIS 2   
3  1 Y 1 A HIS 1294 ? A HIS 3   
4  1 Y 1 A HIS 1295 ? A HIS 4   
5  1 Y 1 A HIS 1296 ? A HIS 5   
6  1 Y 1 A HIS 1297 ? A HIS 6   
7  1 Y 1 A HIS 1298 ? A HIS 7   
8  1 Y 1 A SER 1299 ? A SER 8   
9  1 Y 1 A SER 1300 ? A SER 9   
10 1 Y 1 A GLY 1301 ? A GLY 10  
11 1 Y 1 A VAL 1302 ? A VAL 11  
12 1 Y 1 A ASP 1303 ? A ASP 12  
13 1 Y 1 A LEU 1304 ? A LEU 13  
14 1 Y 1 A GLY 1305 ? A GLY 14  
15 1 Y 1 A THR 1306 ? A THR 15  
16 1 Y 1 A GLU 1307 ? A GLU 16  
17 1 Y 1 A ASN 1308 ? A ASN 17  
18 1 Y 1 A LEU 1309 ? A LEU 18  
19 1 Y 1 A TYR 1310 ? A TYR 19  
20 1 Y 1 A PHE 1311 ? A PHE 20  
21 1 Y 1 A GLN 1312 ? A GLN 21  
22 1 Y 1 A SER 1313 ? A SER 22  
23 1 Y 1 A MET 1314 ? A MET 23  
24 1 Y 1 A THR 1436 ? A THR 145 
25 1 Y 1 A ILE 1437 ? A ILE 146 
26 1 Y 1 A THR 1438 ? A THR 147 
27 1 Y 1 A LYS 1439 ? A LYS 148 
28 1 Y 1 A ARG 1440 ? A ARG 149 
# 
loop_
_chem_comp_atom.comp_id 
_chem_comp_atom.atom_id 
_chem_comp_atom.type_symbol 
_chem_comp_atom.pdbx_aromatic_flag 
_chem_comp_atom.pdbx_stereo_config 
_chem_comp_atom.pdbx_ordinal 
ALA N    N N N 1   
ALA CA   C N S 2   
ALA C    C N N 3   
ALA O    O N N 4   
ALA CB   C N N 5   
ALA OXT  O N N 6   
ALA H    H N N 7   
ALA H2   H N N 8   
ALA HA   H N N 9   
ALA HB1  H N N 10  
ALA HB2  H N N 11  
ALA HB3  H N N 12  
ALA HXT  H N N 13  
ARG N    N N N 14  
ARG CA   C N S 15  
ARG C    C N N 16  
ARG O    O N N 17  
ARG CB   C N N 18  
ARG CG   C N N 19  
ARG CD   C N N 20  
ARG NE   N N N 21  
ARG CZ   C N N 22  
ARG NH1  N N N 23  
ARG NH2  N N N 24  
ARG OXT  O N N 25  
ARG H    H N N 26  
ARG H2   H N N 27  
ARG HA   H N N 28  
ARG HB2  H N N 29  
ARG HB3  H N N 30  
ARG HG2  H N N 31  
ARG HG3  H N N 32  
ARG HD2  H N N 33  
ARG HD3  H N N 34  
ARG HE   H N N 35  
ARG HH11 H N N 36  
ARG HH12 H N N 37  
ARG HH21 H N N 38  
ARG HH22 H N N 39  
ARG HXT  H N N 40  
ASN N    N N N 41  
ASN CA   C N S 42  
ASN C    C N N 43  
ASN O    O N N 44  
ASN CB   C N N 45  
ASN CG   C N N 46  
ASN OD1  O N N 47  
ASN ND2  N N N 48  
ASN OXT  O N N 49  
ASN H    H N N 50  
ASN H2   H N N 51  
ASN HA   H N N 52  
ASN HB2  H N N 53  
ASN HB3  H N N 54  
ASN HD21 H N N 55  
ASN HD22 H N N 56  
ASN HXT  H N N 57  
ASP N    N N N 58  
ASP CA   C N S 59  
ASP C    C N N 60  
ASP O    O N N 61  
ASP CB   C N N 62  
ASP CG   C N N 63  
ASP OD1  O N N 64  
ASP OD2  O N N 65  
ASP OXT  O N N 66  
ASP H    H N N 67  
ASP H2   H N N 68  
ASP HA   H N N 69  
ASP HB2  H N N 70  
ASP HB3  H N N 71  
ASP HD2  H N N 72  
ASP HXT  H N N 73  
CYS N    N N N 74  
CYS CA   C N R 75  
CYS C    C N N 76  
CYS O    O N N 77  
CYS CB   C N N 78  
CYS SG   S N N 79  
CYS OXT  O N N 80  
CYS H    H N N 81  
CYS H2   H N N 82  
CYS HA   H N N 83  
CYS HB2  H N N 84  
CYS HB3  H N N 85  
CYS HG   H N N 86  
CYS HXT  H N N 87  
GLN N    N N N 88  
GLN CA   C N S 89  
GLN C    C N N 90  
GLN O    O N N 91  
GLN CB   C N N 92  
GLN CG   C N N 93  
GLN CD   C N N 94  
GLN OE1  O N N 95  
GLN NE2  N N N 96  
GLN OXT  O N N 97  
GLN H    H N N 98  
GLN H2   H N N 99  
GLN HA   H N N 100 
GLN HB2  H N N 101 
GLN HB3  H N N 102 
GLN HG2  H N N 103 
GLN HG3  H N N 104 
GLN HE21 H N N 105 
GLN HE22 H N N 106 
GLN HXT  H N N 107 
GLU N    N N N 108 
GLU CA   C N S 109 
GLU C    C N N 110 
GLU O    O N N 111 
GLU CB   C N N 112 
GLU CG   C N N 113 
GLU CD   C N N 114 
GLU OE1  O N N 115 
GLU OE2  O N N 116 
GLU OXT  O N N 117 
GLU H    H N N 118 
GLU H2   H N N 119 
GLU HA   H N N 120 
GLU HB2  H N N 121 
GLU HB3  H N N 122 
GLU HG2  H N N 123 
GLU HG3  H N N 124 
GLU HE2  H N N 125 
GLU HXT  H N N 126 
GLY N    N N N 127 
GLY CA   C N N 128 
GLY C    C N N 129 
GLY O    O N N 130 
GLY OXT  O N N 131 
GLY H    H N N 132 
GLY H2   H N N 133 
GLY HA2  H N N 134 
GLY HA3  H N N 135 
GLY HXT  H N N 136 
HIS N    N N N 137 
HIS CA   C N S 138 
HIS C    C N N 139 
HIS O    O N N 140 
HIS CB   C N N 141 
HIS CG   C Y N 142 
HIS ND1  N Y N 143 
HIS CD2  C Y N 144 
HIS CE1  C Y N 145 
HIS NE2  N Y N 146 
HIS OXT  O N N 147 
HIS H    H N N 148 
HIS H2   H N N 149 
HIS HA   H N N 150 
HIS HB2  H N N 151 
HIS HB3  H N N 152 
HIS HD1  H N N 153 
HIS HD2  H N N 154 
HIS HE1  H N N 155 
HIS HE2  H N N 156 
HIS HXT  H N N 157 
HOH O    O N N 158 
HOH H1   H N N 159 
HOH H2   H N N 160 
ILE N    N N N 161 
ILE CA   C N S 162 
ILE C    C N N 163 
ILE O    O N N 164 
ILE CB   C N S 165 
ILE CG1  C N N 166 
ILE CG2  C N N 167 
ILE CD1  C N N 168 
ILE OXT  O N N 169 
ILE H    H N N 170 
ILE H2   H N N 171 
ILE HA   H N N 172 
ILE HB   H N N 173 
ILE HG12 H N N 174 
ILE HG13 H N N 175 
ILE HG21 H N N 176 
ILE HG22 H N N 177 
ILE HG23 H N N 178 
ILE HD11 H N N 179 
ILE HD12 H N N 180 
ILE HD13 H N N 181 
ILE HXT  H N N 182 
LEU N    N N N 183 
LEU CA   C N S 184 
LEU C    C N N 185 
LEU O    O N N 186 
LEU CB   C N N 187 
LEU CG   C N N 188 
LEU CD1  C N N 189 
LEU CD2  C N N 190 
LEU OXT  O N N 191 
LEU H    H N N 192 
LEU H2   H N N 193 
LEU HA   H N N 194 
LEU HB2  H N N 195 
LEU HB3  H N N 196 
LEU HG   H N N 197 
LEU HD11 H N N 198 
LEU HD12 H N N 199 
LEU HD13 H N N 200 
LEU HD21 H N N 201 
LEU HD22 H N N 202 
LEU HD23 H N N 203 
LEU HXT  H N N 204 
LYS N    N N N 205 
LYS CA   C N S 206 
LYS C    C N N 207 
LYS O    O N N 208 
LYS CB   C N N 209 
LYS CG   C N N 210 
LYS CD   C N N 211 
LYS CE   C N N 212 
LYS NZ   N N N 213 
LYS OXT  O N N 214 
LYS H    H N N 215 
LYS H2   H N N 216 
LYS HA   H N N 217 
LYS HB2  H N N 218 
LYS HB3  H N N 219 
LYS HG2  H N N 220 
LYS HG3  H N N 221 
LYS HD2  H N N 222 
LYS HD3  H N N 223 
LYS HE2  H N N 224 
LYS HE3  H N N 225 
LYS HZ1  H N N 226 
LYS HZ2  H N N 227 
LYS HZ3  H N N 228 
LYS HXT  H N N 229 
MET N    N N N 230 
MET CA   C N S 231 
MET C    C N N 232 
MET O    O N N 233 
MET CB   C N N 234 
MET CG   C N N 235 
MET SD   S N N 236 
MET CE   C N N 237 
MET OXT  O N N 238 
MET H    H N N 239 
MET H2   H N N 240 
MET HA   H N N 241 
MET HB2  H N N 242 
MET HB3  H N N 243 
MET HG2  H N N 244 
MET HG3  H N N 245 
MET HE1  H N N 246 
MET HE2  H N N 247 
MET HE3  H N N 248 
MET HXT  H N N 249 
PHE N    N N N 250 
PHE CA   C N S 251 
PHE C    C N N 252 
PHE O    O N N 253 
PHE CB   C N N 254 
PHE CG   C Y N 255 
PHE CD1  C Y N 256 
PHE CD2  C Y N 257 
PHE CE1  C Y N 258 
PHE CE2  C Y N 259 
PHE CZ   C Y N 260 
PHE OXT  O N N 261 
PHE H    H N N 262 
PHE H2   H N N 263 
PHE HA   H N N 264 
PHE HB2  H N N 265 
PHE HB3  H N N 266 
PHE HD1  H N N 267 
PHE HD2  H N N 268 
PHE HE1  H N N 269 
PHE HE2  H N N 270 
PHE HZ   H N N 271 
PHE HXT  H N N 272 
PRO N    N N N 273 
PRO CA   C N S 274 
PRO C    C N N 275 
PRO O    O N N 276 
PRO CB   C N N 277 
PRO CG   C N N 278 
PRO CD   C N N 279 
PRO OXT  O N N 280 
PRO H    H N N 281 
PRO HA   H N N 282 
PRO HB2  H N N 283 
PRO HB3  H N N 284 
PRO HG2  H N N 285 
PRO HG3  H N N 286 
PRO HD2  H N N 287 
PRO HD3  H N N 288 
PRO HXT  H N N 289 
SER N    N N N 290 
SER CA   C N S 291 
SER C    C N N 292 
SER O    O N N 293 
SER CB   C N N 294 
SER OG   O N N 295 
SER OXT  O N N 296 
SER H    H N N 297 
SER H2   H N N 298 
SER HA   H N N 299 
SER HB2  H N N 300 
SER HB3  H N N 301 
SER HG   H N N 302 
SER HXT  H N N 303 
THR N    N N N 304 
THR CA   C N S 305 
THR C    C N N 306 
THR O    O N N 307 
THR CB   C N R 308 
THR OG1  O N N 309 
THR CG2  C N N 310 
THR OXT  O N N 311 
THR H    H N N 312 
THR H2   H N N 313 
THR HA   H N N 314 
THR HB   H N N 315 
THR HG1  H N N 316 
THR HG21 H N N 317 
THR HG22 H N N 318 
THR HG23 H N N 319 
THR HXT  H N N 320 
TRP N    N N N 321 
TRP CA   C N S 322 
TRP C    C N N 323 
TRP O    O N N 324 
TRP CB   C N N 325 
TRP CG   C Y N 326 
TRP CD1  C Y N 327 
TRP CD2  C Y N 328 
TRP NE1  N Y N 329 
TRP CE2  C Y N 330 
TRP CE3  C Y N 331 
TRP CZ2  C Y N 332 
TRP CZ3  C Y N 333 
TRP CH2  C Y N 334 
TRP OXT  O N N 335 
TRP H    H N N 336 
TRP H2   H N N 337 
TRP HA   H N N 338 
TRP HB2  H N N 339 
TRP HB3  H N N 340 
TRP HD1  H N N 341 
TRP HE1  H N N 342 
TRP HE3  H N N 343 
TRP HZ2  H N N 344 
TRP HZ3  H N N 345 
TRP HH2  H N N 346 
TRP HXT  H N N 347 
TYR N    N N N 348 
TYR CA   C N S 349 
TYR C    C N N 350 
TYR O    O N N 351 
TYR CB   C N N 352 
TYR CG   C Y N 353 
TYR CD1  C Y N 354 
TYR CD2  C Y N 355 
TYR CE1  C Y N 356 
TYR CE2  C Y N 357 
TYR CZ   C Y N 358 
TYR OH   O N N 359 
TYR OXT  O N N 360 
TYR H    H N N 361 
TYR H2   H N N 362 
TYR HA   H N N 363 
TYR HB2  H N N 364 
TYR HB3  H N N 365 
TYR HD1  H N N 366 
TYR HD2  H N N 367 
TYR HE1  H N N 368 
TYR HE2  H N N 369 
TYR HH   H N N 370 
TYR HXT  H N N 371 
VAL N    N N N 372 
VAL CA   C N S 373 
VAL C    C N N 374 
VAL O    O N N 375 
VAL CB   C N N 376 
VAL CG1  C N N 377 
VAL CG2  C N N 378 
VAL OXT  O N N 379 
VAL H    H N N 380 
VAL H2   H N N 381 
VAL HA   H N N 382 
VAL HB   H N N 383 
VAL HG11 H N N 384 
VAL HG12 H N N 385 
VAL HG13 H N N 386 
VAL HG21 H N N 387 
VAL HG22 H N N 388 
VAL HG23 H N N 389 
VAL HXT  H N N 390 
ZJR N1   N N N 391 
ZJR N3   N N N 392 
ZJR C4   C N N 393 
ZJR C5   C N N 394 
ZJR C6   C N N 395 
ZJR C7   C N N 396 
ZJR C8   C N N 397 
ZJR C10  C Y N 398 
ZJR C13  C Y N 399 
ZJR C1   C N N 400 
ZJR C11  C Y N 401 
ZJR C12  C Y N 402 
ZJR C2   C N N 403 
ZJR C3   C N N 404 
ZJR C9   C N N 405 
ZJR N2   N N N 406 
ZJR O1   O N N 407 
ZJR O2   O N N 408 
ZJR O3   O Y N 409 
ZJR H1   H N N 410 
ZJR H4   H N N 411 
ZJR H5   H N N 412 
ZJR H6   H N N 413 
ZJR H8   H N N 414 
ZJR H7   H N N 415 
ZJR H9   H N N 416 
ZJR H10  H N N 417 
ZJR H12  H N N 418 
ZJR H11  H N N 419 
ZJR H15  H N N 420 
ZJR H13  H N N 421 
ZJR H14  H N N 422 
ZJR H2   H N N 423 
ZJR H3   H N N 424 
# 
loop_
_chem_comp_bond.comp_id 
_chem_comp_bond.atom_id_1 
_chem_comp_bond.atom_id_2 
_chem_comp_bond.value_order 
_chem_comp_bond.pdbx_aromatic_flag 
_chem_comp_bond.pdbx_stereo_config 
_chem_comp_bond.pdbx_ordinal 
ALA N   CA   sing N N 1   
ALA N   H    sing N N 2   
ALA N   H2   sing N N 3   
ALA CA  C    sing N N 4   
ALA CA  CB   sing N N 5   
ALA CA  HA   sing N N 6   
ALA C   O    doub N N 7   
ALA C   OXT  sing N N 8   
ALA CB  HB1  sing N N 9   
ALA CB  HB2  sing N N 10  
ALA CB  HB3  sing N N 11  
ALA OXT HXT  sing N N 12  
ARG N   CA   sing N N 13  
ARG N   H    sing N N 14  
ARG N   H2   sing N N 15  
ARG CA  C    sing N N 16  
ARG CA  CB   sing N N 17  
ARG CA  HA   sing N N 18  
ARG C   O    doub N N 19  
ARG C   OXT  sing N N 20  
ARG CB  CG   sing N N 21  
ARG CB  HB2  sing N N 22  
ARG CB  HB3  sing N N 23  
ARG CG  CD   sing N N 24  
ARG CG  HG2  sing N N 25  
ARG CG  HG3  sing N N 26  
ARG CD  NE   sing N N 27  
ARG CD  HD2  sing N N 28  
ARG CD  HD3  sing N N 29  
ARG NE  CZ   sing N N 30  
ARG NE  HE   sing N N 31  
ARG CZ  NH1  sing N N 32  
ARG CZ  NH2  doub N N 33  
ARG NH1 HH11 sing N N 34  
ARG NH1 HH12 sing N N 35  
ARG NH2 HH21 sing N N 36  
ARG NH2 HH22 sing N N 37  
ARG OXT HXT  sing N N 38  
ASN N   CA   sing N N 39  
ASN N   H    sing N N 40  
ASN N   H2   sing N N 41  
ASN CA  C    sing N N 42  
ASN CA  CB   sing N N 43  
ASN CA  HA   sing N N 44  
ASN C   O    doub N N 45  
ASN C   OXT  sing N N 46  
ASN CB  CG   sing N N 47  
ASN CB  HB2  sing N N 48  
ASN CB  HB3  sing N N 49  
ASN CG  OD1  doub N N 50  
ASN CG  ND2  sing N N 51  
ASN ND2 HD21 sing N N 52  
ASN ND2 HD22 sing N N 53  
ASN OXT HXT  sing N N 54  
ASP N   CA   sing N N 55  
ASP N   H    sing N N 56  
ASP N   H2   sing N N 57  
ASP CA  C    sing N N 58  
ASP CA  CB   sing N N 59  
ASP CA  HA   sing N N 60  
ASP C   O    doub N N 61  
ASP C   OXT  sing N N 62  
ASP CB  CG   sing N N 63  
ASP CB  HB2  sing N N 64  
ASP CB  HB3  sing N N 65  
ASP CG  OD1  doub N N 66  
ASP CG  OD2  sing N N 67  
ASP OD2 HD2  sing N N 68  
ASP OXT HXT  sing N N 69  
CYS N   CA   sing N N 70  
CYS N   H    sing N N 71  
CYS N   H2   sing N N 72  
CYS CA  C    sing N N 73  
CYS CA  CB   sing N N 74  
CYS CA  HA   sing N N 75  
CYS C   O    doub N N 76  
CYS C   OXT  sing N N 77  
CYS CB  SG   sing N N 78  
CYS CB  HB2  sing N N 79  
CYS CB  HB3  sing N N 80  
CYS SG  HG   sing N N 81  
CYS OXT HXT  sing N N 82  
GLN N   CA   sing N N 83  
GLN N   H    sing N N 84  
GLN N   H2   sing N N 85  
GLN CA  C    sing N N 86  
GLN CA  CB   sing N N 87  
GLN CA  HA   sing N N 88  
GLN C   O    doub N N 89  
GLN C   OXT  sing N N 90  
GLN CB  CG   sing N N 91  
GLN CB  HB2  sing N N 92  
GLN CB  HB3  sing N N 93  
GLN CG  CD   sing N N 94  
GLN CG  HG2  sing N N 95  
GLN CG  HG3  sing N N 96  
GLN CD  OE1  doub N N 97  
GLN CD  NE2  sing N N 98  
GLN NE2 HE21 sing N N 99  
GLN NE2 HE22 sing N N 100 
GLN OXT HXT  sing N N 101 
GLU N   CA   sing N N 102 
GLU N   H    sing N N 103 
GLU N   H2   sing N N 104 
GLU CA  C    sing N N 105 
GLU CA  CB   sing N N 106 
GLU CA  HA   sing N N 107 
GLU C   O    doub N N 108 
GLU C   OXT  sing N N 109 
GLU CB  CG   sing N N 110 
GLU CB  HB2  sing N N 111 
GLU CB  HB3  sing N N 112 
GLU CG  CD   sing N N 113 
GLU CG  HG2  sing N N 114 
GLU CG  HG3  sing N N 115 
GLU CD  OE1  doub N N 116 
GLU CD  OE2  sing N N 117 
GLU OE2 HE2  sing N N 118 
GLU OXT HXT  sing N N 119 
GLY N   CA   sing N N 120 
GLY N   H    sing N N 121 
GLY N   H2   sing N N 122 
GLY CA  C    sing N N 123 
GLY CA  HA2  sing N N 124 
GLY CA  HA3  sing N N 125 
GLY C   O    doub N N 126 
GLY C   OXT  sing N N 127 
GLY OXT HXT  sing N N 128 
HIS N   CA   sing N N 129 
HIS N   H    sing N N 130 
HIS N   H2   sing N N 131 
HIS CA  C    sing N N 132 
HIS CA  CB   sing N N 133 
HIS CA  HA   sing N N 134 
HIS C   O    doub N N 135 
HIS C   OXT  sing N N 136 
HIS CB  CG   sing N N 137 
HIS CB  HB2  sing N N 138 
HIS CB  HB3  sing N N 139 
HIS CG  ND1  sing Y N 140 
HIS CG  CD2  doub Y N 141 
HIS ND1 CE1  doub Y N 142 
HIS ND1 HD1  sing N N 143 
HIS CD2 NE2  sing Y N 144 
HIS CD2 HD2  sing N N 145 
HIS CE1 NE2  sing Y N 146 
HIS CE1 HE1  sing N N 147 
HIS NE2 HE2  sing N N 148 
HIS OXT HXT  sing N N 149 
HOH O   H1   sing N N 150 
HOH O   H2   sing N N 151 
ILE N   CA   sing N N 152 
ILE N   H    sing N N 153 
ILE N   H2   sing N N 154 
ILE CA  C    sing N N 155 
ILE CA  CB   sing N N 156 
ILE CA  HA   sing N N 157 
ILE C   O    doub N N 158 
ILE C   OXT  sing N N 159 
ILE CB  CG1  sing N N 160 
ILE CB  CG2  sing N N 161 
ILE CB  HB   sing N N 162 
ILE CG1 CD1  sing N N 163 
ILE CG1 HG12 sing N N 164 
ILE CG1 HG13 sing N N 165 
ILE CG2 HG21 sing N N 166 
ILE CG2 HG22 sing N N 167 
ILE CG2 HG23 sing N N 168 
ILE CD1 HD11 sing N N 169 
ILE CD1 HD12 sing N N 170 
ILE CD1 HD13 sing N N 171 
ILE OXT HXT  sing N N 172 
LEU N   CA   sing N N 173 
LEU N   H    sing N N 174 
LEU N   H2   sing N N 175 
LEU CA  C    sing N N 176 
LEU CA  CB   sing N N 177 
LEU CA  HA   sing N N 178 
LEU C   O    doub N N 179 
LEU C   OXT  sing N N 180 
LEU CB  CG   sing N N 181 
LEU CB  HB2  sing N N 182 
LEU CB  HB3  sing N N 183 
LEU CG  CD1  sing N N 184 
LEU CG  CD2  sing N N 185 
LEU CG  HG   sing N N 186 
LEU CD1 HD11 sing N N 187 
LEU CD1 HD12 sing N N 188 
LEU CD1 HD13 sing N N 189 
LEU CD2 HD21 sing N N 190 
LEU CD2 HD22 sing N N 191 
LEU CD2 HD23 sing N N 192 
LEU OXT HXT  sing N N 193 
LYS N   CA   sing N N 194 
LYS N   H    sing N N 195 
LYS N   H2   sing N N 196 
LYS CA  C    sing N N 197 
LYS CA  CB   sing N N 198 
LYS CA  HA   sing N N 199 
LYS C   O    doub N N 200 
LYS C   OXT  sing N N 201 
LYS CB  CG   sing N N 202 
LYS CB  HB2  sing N N 203 
LYS CB  HB3  sing N N 204 
LYS CG  CD   sing N N 205 
LYS CG  HG2  sing N N 206 
LYS CG  HG3  sing N N 207 
LYS CD  CE   sing N N 208 
LYS CD  HD2  sing N N 209 
LYS CD  HD3  sing N N 210 
LYS CE  NZ   sing N N 211 
LYS CE  HE2  sing N N 212 
LYS CE  HE3  sing N N 213 
LYS NZ  HZ1  sing N N 214 
LYS NZ  HZ2  sing N N 215 
LYS NZ  HZ3  sing N N 216 
LYS OXT HXT  sing N N 217 
MET N   CA   sing N N 218 
MET N   H    sing N N 219 
MET N   H2   sing N N 220 
MET CA  C    sing N N 221 
MET CA  CB   sing N N 222 
MET CA  HA   sing N N 223 
MET C   O    doub N N 224 
MET C   OXT  sing N N 225 
MET CB  CG   sing N N 226 
MET CB  HB2  sing N N 227 
MET CB  HB3  sing N N 228 
MET CG  SD   sing N N 229 
MET CG  HG2  sing N N 230 
MET CG  HG3  sing N N 231 
MET SD  CE   sing N N 232 
MET CE  HE1  sing N N 233 
MET CE  HE2  sing N N 234 
MET CE  HE3  sing N N 235 
MET OXT HXT  sing N N 236 
PHE N   CA   sing N N 237 
PHE N   H    sing N N 238 
PHE N   H2   sing N N 239 
PHE CA  C    sing N N 240 
PHE CA  CB   sing N N 241 
PHE CA  HA   sing N N 242 
PHE C   O    doub N N 243 
PHE C   OXT  sing N N 244 
PHE CB  CG   sing N N 245 
PHE CB  HB2  sing N N 246 
PHE CB  HB3  sing N N 247 
PHE CG  CD1  doub Y N 248 
PHE CG  CD2  sing Y N 249 
PHE CD1 CE1  sing Y N 250 
PHE CD1 HD1  sing N N 251 
PHE CD2 CE2  doub Y N 252 
PHE CD2 HD2  sing N N 253 
PHE CE1 CZ   doub Y N 254 
PHE CE1 HE1  sing N N 255 
PHE CE2 CZ   sing Y N 256 
PHE CE2 HE2  sing N N 257 
PHE CZ  HZ   sing N N 258 
PHE OXT HXT  sing N N 259 
PRO N   CA   sing N N 260 
PRO N   CD   sing N N 261 
PRO N   H    sing N N 262 
PRO CA  C    sing N N 263 
PRO CA  CB   sing N N 264 
PRO CA  HA   sing N N 265 
PRO C   O    doub N N 266 
PRO C   OXT  sing N N 267 
PRO CB  CG   sing N N 268 
PRO CB  HB2  sing N N 269 
PRO CB  HB3  sing N N 270 
PRO CG  CD   sing N N 271 
PRO CG  HG2  sing N N 272 
PRO CG  HG3  sing N N 273 
PRO CD  HD2  sing N N 274 
PRO CD  HD3  sing N N 275 
PRO OXT HXT  sing N N 276 
SER N   CA   sing N N 277 
SER N   H    sing N N 278 
SER N   H2   sing N N 279 
SER CA  C    sing N N 280 
SER CA  CB   sing N N 281 
SER CA  HA   sing N N 282 
SER C   O    doub N N 283 
SER C   OXT  sing N N 284 
SER CB  OG   sing N N 285 
SER CB  HB2  sing N N 286 
SER CB  HB3  sing N N 287 
SER OG  HG   sing N N 288 
SER OXT HXT  sing N N 289 
THR N   CA   sing N N 290 
THR N   H    sing N N 291 
THR N   H2   sing N N 292 
THR CA  C    sing N N 293 
THR CA  CB   sing N N 294 
THR CA  HA   sing N N 295 
THR C   O    doub N N 296 
THR C   OXT  sing N N 297 
THR CB  OG1  sing N N 298 
THR CB  CG2  sing N N 299 
THR CB  HB   sing N N 300 
THR OG1 HG1  sing N N 301 
THR CG2 HG21 sing N N 302 
THR CG2 HG22 sing N N 303 
THR CG2 HG23 sing N N 304 
THR OXT HXT  sing N N 305 
TRP N   CA   sing N N 306 
TRP N   H    sing N N 307 
TRP N   H2   sing N N 308 
TRP CA  C    sing N N 309 
TRP CA  CB   sing N N 310 
TRP CA  HA   sing N N 311 
TRP C   O    doub N N 312 
TRP C   OXT  sing N N 313 
TRP CB  CG   sing N N 314 
TRP CB  HB2  sing N N 315 
TRP CB  HB3  sing N N 316 
TRP CG  CD1  doub Y N 317 
TRP CG  CD2  sing Y N 318 
TRP CD1 NE1  sing Y N 319 
TRP CD1 HD1  sing N N 320 
TRP CD2 CE2  doub Y N 321 
TRP CD2 CE3  sing Y N 322 
TRP NE1 CE2  sing Y N 323 
TRP NE1 HE1  sing N N 324 
TRP CE2 CZ2  sing Y N 325 
TRP CE3 CZ3  doub Y N 326 
TRP CE3 HE3  sing N N 327 
TRP CZ2 CH2  doub Y N 328 
TRP CZ2 HZ2  sing N N 329 
TRP CZ3 CH2  sing Y N 330 
TRP CZ3 HZ3  sing N N 331 
TRP CH2 HH2  sing N N 332 
TRP OXT HXT  sing N N 333 
TYR N   CA   sing N N 334 
TYR N   H    sing N N 335 
TYR N   H2   sing N N 336 
TYR CA  C    sing N N 337 
TYR CA  CB   sing N N 338 
TYR CA  HA   sing N N 339 
TYR C   O    doub N N 340 
TYR C   OXT  sing N N 341 
TYR CB  CG   sing N N 342 
TYR CB  HB2  sing N N 343 
TYR CB  HB3  sing N N 344 
TYR CG  CD1  doub Y N 345 
TYR CG  CD2  sing Y N 346 
TYR CD1 CE1  sing Y N 347 
TYR CD1 HD1  sing N N 348 
TYR CD2 CE2  doub Y N 349 
TYR CD2 HD2  sing N N 350 
TYR CE1 CZ   doub Y N 351 
TYR CE1 HE1  sing N N 352 
TYR CE2 CZ   sing Y N 353 
TYR CE2 HE2  sing N N 354 
TYR CZ  OH   sing N N 355 
TYR OH  HH   sing N N 356 
TYR OXT HXT  sing N N 357 
VAL N   CA   sing N N 358 
VAL N   H    sing N N 359 
VAL N   H2   sing N N 360 
VAL CA  C    sing N N 361 
VAL CA  CB   sing N N 362 
VAL CA  HA   sing N N 363 
VAL C   O    doub N N 364 
VAL C   OXT  sing N N 365 
VAL CB  CG1  sing N N 366 
VAL CB  CG2  sing N N 367 
VAL CB  HB   sing N N 368 
VAL CG1 HG11 sing N N 369 
VAL CG1 HG12 sing N N 370 
VAL CG1 HG13 sing N N 371 
VAL CG2 HG21 sing N N 372 
VAL CG2 HG22 sing N N 373 
VAL CG2 HG23 sing N N 374 
VAL OXT HXT  sing N N 375 
ZJR O1  C1   doub N N 376 
ZJR C1  N1   sing N N 377 
ZJR N1  C2   sing N N 378 
ZJR C2  C3   sing N N 379 
ZJR C3  C4   trip N N 380 
ZJR C1  N2   sing N N 381 
ZJR N2  C5   sing N N 382 
ZJR C5  C6   sing N N 383 
ZJR C6  N3   sing N N 384 
ZJR N3  C7   sing N N 385 
ZJR C7  C8   sing N N 386 
ZJR N3  C9   sing N N 387 
ZJR C9  O2   doub N N 388 
ZJR C9  C10  sing N N 389 
ZJR C10 C11  doub Y N 390 
ZJR C11 C12  sing Y N 391 
ZJR C12 C13  doub Y N 392 
ZJR C13 O3   sing Y N 393 
ZJR N2  C8   sing N N 394 
ZJR C10 O3   sing Y N 395 
ZJR N1  H1   sing N N 396 
ZJR C4  H4   sing N N 397 
ZJR C5  H5   sing N N 398 
ZJR C5  H6   sing N N 399 
ZJR C6  H8   sing N N 400 
ZJR C6  H7   sing N N 401 
ZJR C7  H9   sing N N 402 
ZJR C7  H10  sing N N 403 
ZJR C8  H12  sing N N 404 
ZJR C8  H11  sing N N 405 
ZJR C13 H15  sing N N 406 
ZJR C11 H13  sing N N 407 
ZJR C12 H14  sing N N 408 
ZJR C2  H2   sing N N 409 
ZJR C2  H3   sing N N 410 
# 
_pdbx_audit_support.ordinal                1 
_pdbx_audit_support.funding_organization   'Wellcome Trust' 
_pdbx_audit_support.grant_number           None 
_pdbx_audit_support.country                'United Kingdom' 
# 
_pdbx_deposit_group.group_id            G_1002265 
_pdbx_deposit_group.group_description   
;XDomainX of XOrganismX PHIP screened against predicted false negatives and catalogue compounds by X-ray Crystallography at the XChem facility of Diamond Light Source beamline I04-1
;
_pdbx_deposit_group.group_title         'PanDDA analysis group deposition' 
_pdbx_deposit_group.group_type          'changed state' 
# 
_pdbx_entity_instance_feature.ordinal        1 
_pdbx_entity_instance_feature.comp_id        ZJR 
_pdbx_entity_instance_feature.asym_id        ? 
_pdbx_entity_instance_feature.seq_num        ? 
_pdbx_entity_instance_feature.auth_comp_id   ZJR 
_pdbx_entity_instance_feature.auth_asym_id   ? 
_pdbx_entity_instance_feature.auth_seq_num   ? 
_pdbx_entity_instance_feature.feature_type   'SUBJECT OF INVESTIGATION' 
_pdbx_entity_instance_feature.details        ? 
# 
_atom_sites.entry_id                    7FUX 
_atom_sites.fract_transf_matrix[1][1]   0.01182185 
_atom_sites.fract_transf_matrix[1][2]   -0.00202079 
_atom_sites.fract_transf_matrix[1][3]   0.00306926 
_atom_sites.fract_transf_matrix[2][1]   0.00998731 
_atom_sites.fract_transf_matrix[2][2]   0.02919424 
_atom_sites.fract_transf_matrix[2][3]   -0.01924671 
_atom_sites.fract_transf_matrix[3][1]   0.00098825 
_atom_sites.fract_transf_matrix[3][2]   0.00959719 
_atom_sites.fract_transf_matrix[3][3]   0.01507025 
_atom_sites.fract_transf_vector[1]      -0.146068 
_atom_sites.fract_transf_vector[2]      0.450695 
_atom_sites.fract_transf_vector[3]      0.215690 
# 
loop_
_atom_type.symbol 
C 
N 
O 
S 
# 
loop_
_atom_site.group_PDB 
_atom_site.id 
_atom_site.type_symbol 
_atom_site.label_atom_id 
_atom_site.label_alt_id 
_atom_site.label_comp_id 
_atom_site.label_asym_id 
_atom_site.label_entity_id 
_atom_site.label_seq_id 
_atom_site.pdbx_PDB_ins_code 
_atom_site.Cartn_x 
_atom_site.Cartn_y 
_atom_site.Cartn_z 
_atom_site.occupancy 
_atom_site.B_iso_or_equiv 
_atom_site.pdbx_formal_charge 
_atom_site.auth_seq_id 
_atom_site.auth_comp_id 
_atom_site.auth_asym_id 
_atom_site.auth_atom_id 
_atom_site.pdbx_PDB_model_num 
ATOM   1    N N   . SER A 1 24  ? 4.090   -12.428 -20.668 1.00 21.07  ? 1315 SER A N   1 
ATOM   2    C CA  . SER A 1 24  ? 3.055   -12.212 -19.611 1.00 19.82  ? 1315 SER A CA  1 
ATOM   3    C C   . SER A 1 24  ? 3.393   -13.076 -18.392 1.00 17.55  ? 1315 SER A C   1 
ATOM   4    O O   . SER A 1 24  ? 2.734   -12.927 -17.336 1.00 16.67  ? 1315 SER A O   1 
ATOM   5    C CB  . SER A 1 24  ? 1.676   -12.513 -20.147 1.00 21.22  ? 1315 SER A CB  1 
ATOM   6    O OG  . SER A 1 24  ? 1.550   -13.898 -20.456 1.00 21.38  ? 1315 SER A OG  1 
ATOM   7    N N   . TYR A 1 25  ? 4.412   -13.933 -18.523 1.00 15.35  ? 1316 TYR A N   1 
ATOM   8    C CA  . TYR A 1 25  ? 4.864   -14.881 -17.471 1.00 12.49  ? 1316 TYR A CA  1 
ATOM   9    C C   . TYR A 1 25  ? 6.162   -14.345 -16.847 1.00 11.91  ? 1316 TYR A C   1 
ATOM   10   O O   . TYR A 1 25  ? 6.935   -15.138 -16.281 1.00 11.19  ? 1316 TYR A O   1 
ATOM   11   C CB  . TYR A 1 25  ? 4.995   -16.293 -18.052 1.00 12.32  ? 1316 TYR A CB  1 
ATOM   12   C CG  . TYR A 1 25  ? 3.744   -16.879 -18.671 1.00 11.82  ? 1316 TYR A CG  1 
ATOM   13   C CD1 . TYR A 1 25  ? 2.549   -16.948 -17.974 1.00 11.69  ? 1316 TYR A CD1 1 
ATOM   14   C CD2 . TYR A 1 25  ? 3.787   -17.441 -19.934 1.00 12.16  ? 1316 TYR A CD2 1 
ATOM   15   C CE1 . TYR A 1 25  ? 1.409   -17.484 -18.556 1.00 11.67  ? 1316 TYR A CE1 1 
ATOM   16   C CE2 . TYR A 1 25  ? 2.661   -18.001 -20.516 1.00 11.89  ? 1316 TYR A CE2 1 
ATOM   17   C CZ  . TYR A 1 25  ? 1.472   -18.037 -19.819 1.00 12.15  ? 1316 TYR A CZ  1 
ATOM   18   O OH  . TYR A 1 25  ? 0.349   -18.588 -20.390 1.00 13.00  ? 1316 TYR A OH  1 
ATOM   19   N N   . ASP A 1 26  ? 6.356   -13.021 -16.872 1.00 11.29  ? 1317 ASP A N   1 
ATOM   20   C CA  . ASP A 1 26  ? 7.547   -12.372 -16.225 1.00 10.22  ? 1317 ASP A CA  1 
ATOM   21   C C   . ASP A 1 26  ? 7.351   -12.349 -14.710 1.00 9.46   ? 1317 ASP A C   1 
ATOM   22   O O   . ASP A 1 26  ? 6.524   -11.555 -14.214 1.00 10.22  ? 1317 ASP A O   1 
ATOM   23   C CB  . ASP A 1 26  ? 7.796   -10.984 -16.817 1.00 10.31  ? 1317 ASP A CB  1 
ATOM   24   C CG  . ASP A 1 26  ? 9.011   -10.249 -16.308 1.00 9.56   ? 1317 ASP A CG  1 
ATOM   25   O OD1 . ASP A 1 26  ? 9.538   -10.624 -15.250 1.00 11.08  ? 1317 ASP A OD1 1 
ATOM   26   O OD2 . ASP A 1 26  ? 9.456   -9.326  -17.022 1.00 14.17  ? 1317 ASP A OD2 1 
ATOM   27   N N   A ILE A 1 27  ? 8.134   -13.164 -13.993 0.25 8.47   ? 1318 ILE A N   1 
ATOM   28   N N   B ILE A 1 27  ? 8.126   -13.122 -13.957 0.25 9.78   ? 1318 ILE A N   1 
ATOM   29   C CA  A ILE A 1 27  ? 8.114   -13.326 -12.509 0.25 8.20   ? 1318 ILE A CA  1 
ATOM   30   C CA  B ILE A 1 27  ? 7.929   -13.215 -12.485 0.25 10.50  ? 1318 ILE A CA  1 
ATOM   31   C C   A ILE A 1 27  ? 8.510   -12.009 -11.825 0.25 8.38   ? 1318 ILE A C   1 
ATOM   32   C C   B ILE A 1 27  ? 8.595   -12.039 -11.768 0.25 9.69   ? 1318 ILE A C   1 
ATOM   33   O O   A ILE A 1 27  ? 7.998   -11.742 -10.717 0.25 8.28   ? 1318 ILE A O   1 
ATOM   34   O O   B ILE A 1 27  ? 8.382   -11.926 -10.556 0.25 9.86   ? 1318 ILE A O   1 
ATOM   35   C CB  A ILE A 1 27  ? 9.031   -14.499 -12.089 0.25 7.57   ? 1318 ILE A CB  1 
ATOM   36   C CB  B ILE A 1 27  ? 8.419   -14.568 -11.960 0.25 11.59  ? 1318 ILE A CB  1 
ATOM   37   C CG1 A ILE A 1 27  ? 8.534   -15.829 -12.672 0.25 7.24   ? 1318 ILE A CG1 1 
ATOM   38   C CG1 B ILE A 1 27  ? 9.920   -14.739 -12.155 0.25 13.05  ? 1318 ILE A CG1 1 
ATOM   39   C CG2 A ILE A 1 27  ? 9.196   -14.555 -10.573 0.25 7.55   ? 1318 ILE A CG2 1 
ATOM   40   C CG2 B ILE A 1 27  ? 7.644   -15.694 -12.624 0.25 12.34  ? 1318 ILE A CG2 1 
ATOM   41   C CD1 A ILE A 1 27  ? 9.481   -17.017 -12.571 0.25 7.20   ? 1318 ILE A CD1 1 
ATOM   42   C CD1 B ILE A 1 27  ? 10.371  -16.144 -11.935 0.25 13.65  ? 1318 ILE A CD1 1 
ATOM   43   N N   . GLN A 1 28  ? 9.331   -11.178 -12.478 1.00 8.45   ? 1319 GLN A N   1 
ATOM   44   C CA  . GLN A 1 28  ? 9.905   -9.932  -11.868 1.00 9.08   ? 1319 GLN A CA  1 
ATOM   45   C C   . GLN A 1 28  ? 9.112   -8.667  -12.216 1.00 8.93   ? 1319 GLN A C   1 
ATOM   46   O O   . GLN A 1 28  ? 9.378   -7.602  -11.571 1.00 8.48   ? 1319 GLN A O   1 
ATOM   47   C CB  . GLN A 1 28  ? 11.375  -9.724  -12.282 1.00 9.98   ? 1319 GLN A CB  1 
ATOM   48   C CG  . GLN A 1 28  ? 12.353  -10.659 -11.539 1.00 10.03  ? 1319 GLN A CG  1 
ATOM   49   C CD  . GLN A 1 28  ? 12.654  -11.940 -12.303 1.00 9.19   ? 1319 GLN A CD  1 
ATOM   50   O OE1 . GLN A 1 28  ? 12.948  -11.949 -13.488 1.00 9.90   ? 1319 GLN A OE1 1 
ATOM   51   N NE2 . GLN A 1 28  ? 12.598  -13.046 -11.612 1.00 10.47  ? 1319 GLN A NE2 1 
ATOM   52   N N   . ALA A 1 29  ? 8.055   -8.747  -13.067 1.00 8.87   ? 1320 ALA A N   1 
ATOM   53   C CA  . ALA A 1 29  ? 7.407   -7.534  -13.621 1.00 9.24   ? 1320 ALA A CA  1 
ATOM   54   C C   . ALA A 1 29  ? 6.680   -6.734  -12.509 1.00 8.23   ? 1320 ALA A C   1 
ATOM   55   O O   . ALA A 1 29  ? 6.518   -5.503  -12.668 1.00 8.79   ? 1320 ALA A O   1 
ATOM   56   C CB  . ALA A 1 29  ? 6.450   -7.879  -14.739 1.00 9.99   ? 1320 ALA A CB  1 
ATOM   57   N N   . TRP A 1 30  ? 6.233   -7.397  -11.445 1.00 8.00   ? 1321 TRP A N   1 
ATOM   58   C CA  . TRP A 1 30  ? 5.460   -6.735  -10.373 1.00 7.92   ? 1321 TRP A CA  1 
ATOM   59   C C   . TRP A 1 30  ? 6.234   -5.543  -9.829  1.00 8.33   ? 1321 TRP A C   1 
ATOM   60   O O   . TRP A 1 30  ? 5.575   -4.585  -9.330  1.00 8.01   ? 1321 TRP A O   1 
ATOM   61   C CB  . TRP A 1 30  ? 5.103   -7.744  -9.280  1.00 8.60   ? 1321 TRP A CB  1 
ATOM   62   C CG  . TRP A 1 30  ? 6.309   -8.274  -8.554  1.00 8.45   ? 1321 TRP A CG  1 
ATOM   63   C CD1 . TRP A 1 30  ? 7.076   -9.329  -8.925  1.00 8.54   ? 1321 TRP A CD1 1 
ATOM   64   C CD2 . TRP A 1 30  ? 6.932   -7.723  -7.375  1.00 8.46   ? 1321 TRP A CD2 1 
ATOM   65   N NE1 . TRP A 1 30  ? 8.137   -9.501  -8.061  1.00 9.36   ? 1321 TRP A NE1 1 
ATOM   66   C CE2 . TRP A 1 30  ? 8.057   -8.531  -7.108  1.00 8.69   ? 1321 TRP A CE2 1 
ATOM   67   C CE3 . TRP A 1 30  ? 6.602   -6.717  -6.456  1.00 8.77   ? 1321 TRP A CE3 1 
ATOM   68   C CZ2 . TRP A 1 30  ? 8.882   -8.338  -6.010  1.00 9.91   ? 1321 TRP A CZ2 1 
ATOM   69   C CZ3 . TRP A 1 30  ? 7.443   -6.506  -5.388  1.00 9.00   ? 1321 TRP A CZ3 1 
ATOM   70   C CH2 . TRP A 1 30  ? 8.581   -7.288  -5.188  1.00 10.08  ? 1321 TRP A CH2 1 
ATOM   71   N N   . LYS A 1 31  ? 7.558   -5.581  -9.804  1.00 8.51   ? 1322 LYS A N   1 
ATOM   72   C CA  . LYS A 1 31  ? 8.308   -4.578  -9.039  1.00 8.49   ? 1322 LYS A CA  1 
ATOM   73   C C   . LYS A 1 31  ? 8.174   -3.198  -9.690  1.00 8.89   ? 1322 LYS A C   1 
ATOM   74   O O   . LYS A 1 31  ? 7.762   -2.238  -9.027  1.00 8.86   ? 1322 LYS A O   1 
ATOM   75   C CB  . LYS A 1 31  ? 9.746   -5.033  -8.786  1.00 8.84   ? 1322 LYS A CB  1 
ATOM   76   C CG  . LYS A 1 31  ? 10.595  -4.006  -8.055  1.00 9.50   ? 1322 LYS A CG  1 
ATOM   77   C CD  . LYS A 1 31  ? 11.960  -4.522  -7.686  1.00 9.62   ? 1322 LYS A CD  1 
ATOM   78   C CE  . LYS A 1 31  ? 12.809  -3.574  -6.871  1.00 10.48  ? 1322 LYS A CE  1 
ATOM   79   N NZ  . LYS A 1 31  ? 14.099  -4.217  -6.549  1.00 11.24  ? 1322 LYS A NZ  1 
ATOM   80   N N   . LYS A 1 32  ? 8.441   -3.083  -10.973 1.00 9.65   ? 1323 LYS A N   1 
ATOM   81   C CA  . LYS A 1 32  ? 8.232   -1.812  -11.697 1.00 10.92  ? 1323 LYS A CA  1 
ATOM   82   C C   . LYS A 1 32  ? 6.745   -1.416  -11.730 1.00 9.28   ? 1323 LYS A C   1 
ATOM   83   O O   . LYS A 1 32  ? 6.428   -0.233  -11.636 1.00 9.32   ? 1323 LYS A O   1 
ATOM   84   C CB  . LYS A 1 32  ? 8.755   -1.912  -13.128 1.00 14.10  ? 1323 LYS A CB  1 
ATOM   85   C CG  . LYS A 1 32  ? 8.699   -0.576  -13.838 1.00 20.59  ? 1323 LYS A CG  1 
ATOM   86   C CD  . LYS A 1 32  ? 9.731   -0.297  -14.944 1.00 29.66  ? 1323 LYS A CD  1 
ATOM   87   C CE  . LYS A 1 32  ? 9.724   1.190   -15.312 1.00 37.57  ? 1323 LYS A CE  1 
ATOM   88   N NZ  . LYS A 1 32  ? 10.735  1.558   -16.337 1.00 43.70  ? 1323 LYS A NZ  1 
ATOM   89   N N   . GLN A 1 33  ? 5.843   -2.393  -11.806 1.00 9.31   ? 1324 GLN A N   1 
ATOM   90   C CA  . GLN A 1 33  ? 4.389   -2.092  -11.788 1.00 9.13   ? 1324 GLN A CA  1 
ATOM   91   C C   . GLN A 1 33  ? 4.031   -1.425  -10.455 1.00 8.91   ? 1324 GLN A C   1 
ATOM   92   O O   . GLN A 1 33  ? 3.268   -0.438  -10.405 1.00 9.20   ? 1324 GLN A O   1 
ATOM   93   C CB  . GLN A 1 33  ? 3.563   -3.365  -11.993 1.00 9.76   ? 1324 GLN A CB  1 
ATOM   94   C CG  . GLN A 1 33  ? 3.638   -3.885  -13.436 1.00 10.24  ? 1324 GLN A CG  1 
ATOM   95   C CD  . GLN A 1 33  ? 3.180   -5.294  -13.610 1.00 11.40  ? 1324 GLN A CD  1 
ATOM   96   O OE1 . GLN A 1 33  ? 2.771   -5.968  -12.678 1.00 13.24  ? 1324 GLN A OE1 1 
ATOM   97   N NE2 . GLN A 1 33  ? 3.329   -5.796  -14.844 1.00 13.35  ? 1324 GLN A NE2 1 
ATOM   98   N N   . CYS A 1 34  ? 4.593   -1.940  -9.365  1.00 8.20   ? 1325 CYS A N   1 
ATOM   99   C CA  . CYS A 1 34  ? 4.359   -1.324  -8.034  1.00 7.77   ? 1325 CYS A CA  1 
ATOM   100  C C   . CYS A 1 34  ? 5.063   0.034   -7.893  1.00 8.29   ? 1325 CYS A C   1 
ATOM   101  O O   . CYS A 1 34  ? 4.485   0.985   -7.289  1.00 8.33   ? 1325 CYS A O   1 
ATOM   102  C CB  . CYS A 1 34  ? 4.810   -2.261  -6.928  1.00 7.90   ? 1325 CYS A CB  1 
ATOM   103  S SG  . CYS A 1 34  ? 3.746   -3.716  -6.666  1.00 9.16   ? 1325 CYS A SG  1 
ATOM   104  N N   . GLU A 1 35  ? 6.243   0.231   -8.461  1.00 8.84   ? 1326 GLU A N   1 
ATOM   105  C CA  . GLU A 1 35  ? 6.897   1.571   -8.486  1.00 10.20  ? 1326 GLU A CA  1 
ATOM   106  C C   . GLU A 1 35  ? 5.991   2.573   -9.216  1.00 10.08  ? 1326 GLU A C   1 
ATOM   107  O O   . GLU A 1 35  ? 5.771   3.683   -8.673  1.00 11.11  ? 1326 GLU A O   1 
ATOM   108  C CB  . GLU A 1 35  ? 8.245   1.451   -9.206  1.00 12.27  ? 1326 GLU A CB  1 
ATOM   109  C CG  . GLU A 1 35  ? 9.320   0.724   -8.441  1.00 15.19  ? 1326 GLU A CG  1 
ATOM   110  C CD  . GLU A 1 35  ? 10.581  0.447   -9.281  1.00 18.73  ? 1326 GLU A CD  1 
ATOM   111  O OE1 . GLU A 1 35  ? 10.663  0.879   -10.470 1.00 22.11  ? 1326 GLU A OE1 1 
ATOM   112  O OE2 . GLU A 1 35  ? 11.501  -0.199  -8.732  1.00 20.40  ? 1326 GLU A OE2 1 
ATOM   113  N N   . GLU A 1 36  ? 5.390   2.205   -10.334 1.00 10.77  ? 1327 GLU A N   1 
ATOM   114  C CA  . GLU A 1 36  ? 4.542   3.146   -11.080 1.00 11.86  ? 1327 GLU A CA  1 
ATOM   115  C C   . GLU A 1 36  ? 3.276   3.421   -10.286 1.00 10.80  ? 1327 GLU A C   1 
ATOM   116  O O   . GLU A 1 36  ? 2.820   4.587   -10.265 1.00 11.79  ? 1327 GLU A O   1 
ATOM   117  C CB  . GLU A 1 36  ? 4.312   2.572   -12.480 1.00 14.92  ? 1327 GLU A CB  1 
ATOM   118  C CG  . GLU A 1 36  ? 5.613   2.551   -13.267 1.00 21.99  ? 1327 GLU A CG  1 
ATOM   119  C CD  . GLU A 1 36  ? 5.565   1.869   -14.624 1.00 31.12  ? 1327 GLU A CD  1 
ATOM   120  O OE1 . GLU A 1 36  ? 4.463   1.356   -15.016 1.00 38.11  ? 1327 GLU A OE1 1 
ATOM   121  O OE2 . GLU A 1 36  ? 6.636   1.820   -15.267 1.00 39.26  ? 1327 GLU A OE2 1 
ATOM   122  N N   . LEU A 1 37  ? 2.678   2.402   -9.657  1.00 10.02  ? 1328 LEU A N   1 
ATOM   123  C CA  . LEU A 1 37  ? 1.442   2.652   -8.875  1.00 9.51   ? 1328 LEU A CA  1 
ATOM   124  C C   . LEU A 1 37  ? 1.744   3.563   -7.679  1.00 8.95   ? 1328 LEU A C   1 
ATOM   125  O O   . LEU A 1 37  ? 0.959   4.486   -7.354  1.00 9.10   ? 1328 LEU A O   1 
ATOM   126  C CB  . LEU A 1 37  ? 0.826   1.323   -8.451  1.00 9.61   ? 1328 LEU A CB  1 
ATOM   127  C CG  . LEU A 1 37  ? -0.381  1.403   -7.516  1.00 10.42  ? 1328 LEU A CG  1 
ATOM   128  C CD1 . LEU A 1 37  ? -1.481  2.296   -8.098  1.00 11.58  ? 1328 LEU A CD1 1 
ATOM   129  C CD2 . LEU A 1 37  ? -0.898  0.006   -7.249  1.00 11.13  ? 1328 LEU A CD2 1 
ATOM   130  N N   . LEU A 1 38  ? 2.882   3.380   -7.006  1.00 9.56   ? 1329 LEU A N   1 
ATOM   131  C CA  . LEU A 1 38  ? 3.286   4.302   -5.922  1.00 9.71   ? 1329 LEU A CA  1 
ATOM   132  C C   . LEU A 1 38  ? 3.500   5.719   -6.451  1.00 10.36  ? 1329 LEU A C   1 
ATOM   133  O O   . LEU A 1 38  ? 3.074   6.673   -5.785  1.00 11.47  ? 1329 LEU A O   1 
ATOM   134  C CB  . LEU A 1 38  ? 4.564   3.793   -5.234  1.00 10.88  ? 1329 LEU A CB  1 
ATOM   135  C CG  . LEU A 1 38  ? 4.389   2.546   -4.355  1.00 11.08  ? 1329 LEU A CG  1 
ATOM   136  C CD1 . LEU A 1 38  ? 5.751   1.956   -3.981  1.00 12.06  ? 1329 LEU A CD1 1 
ATOM   137  C CD2 . LEU A 1 38  ? 3.573   2.847   -3.093  1.00 12.39  ? 1329 LEU A CD2 1 
ATOM   138  N N   . ASN A 1 39  ? 4.054   5.891   -7.622  1.00 12.31  ? 1330 ASN A N   1 
ATOM   139  C CA  . ASN A 1 39  ? 4.170   7.243   -8.227  1.00 14.24  ? 1330 ASN A CA  1 
ATOM   140  C C   . ASN A 1 39  ? 2.766   7.862   -8.377  1.00 12.56  ? 1330 ASN A C   1 
ATOM   141  O O   . ASN A 1 39  ? 2.570   9.077   -8.006  1.00 14.99  ? 1330 ASN A O   1 
ATOM   142  C CB  . ASN A 1 39  ? 4.936   7.199   -9.556  1.00 15.89  ? 1330 ASN A CB  1 
ATOM   143  C CG  . ASN A 1 39  ? 6.428   6.976   -9.391  1.00 18.81  ? 1330 ASN A CG  1 
ATOM   144  O OD1 . ASN A 1 39  ? 7.011   7.192   -8.325  1.00 24.70  ? 1330 ASN A OD1 1 
ATOM   145  N ND2 . ASN A 1 39  ? 7.080   6.552   -10.465 1.00 20.36  ? 1330 ASN A ND2 1 
ATOM   146  N N   . LEU A 1 40  ? 1.804   7.128   -8.905  1.00 11.11  ? 1331 LEU A N   1 
ATOM   147  C CA  . LEU A 1 40  ? 0.409   7.606   -9.072  1.00 11.97  ? 1331 LEU A CA  1 
ATOM   148  C C   . LEU A 1 40  ? -0.144  7.991   -7.695  1.00 11.56  ? 1331 LEU A C   1 
ATOM   149  O O   . LEU A 1 40  ? -0.812  9.068   -7.565  1.00 13.29  ? 1331 LEU A O   1 
ATOM   150  C CB  . LEU A 1 40  ? -0.478  6.558   -9.736  1.00 12.39  ? 1331 LEU A CB  1 
ATOM   151  C CG  . LEU A 1 40  ? -0.218  6.267   -11.218 1.00 13.31  ? 1331 LEU A CG  1 
ATOM   152  C CD1 . LEU A 1 40  ? -1.150  5.169   -11.688 1.00 16.82  ? 1331 LEU A CD1 1 
ATOM   153  C CD2 . LEU A 1 40  ? -0.371  7.511   -12.107 1.00 16.17  ? 1331 LEU A CD2 1 
ATOM   154  N N   . ILE A 1 41  ? 0.098   7.172   -6.650  1.00 10.31  ? 1332 ILE A N   1 
ATOM   155  C CA  . ILE A 1 41  ? -0.448  7.450   -5.300  1.00 10.54  ? 1332 ILE A CA  1 
ATOM   156  C C   . ILE A 1 41  ? 0.167   8.758   -4.780  1.00 11.43  ? 1332 ILE A C   1 
ATOM   157  O O   . ILE A 1 41  ? -0.574  9.605   -4.207  1.00 10.78  ? 1332 ILE A O   1 
ATOM   158  C CB  . ILE A 1 41  ? -0.205  6.227   -4.379  1.00 9.92   ? 1332 ILE A CB  1 
ATOM   159  C CG1 . ILE A 1 41  ? -1.146  5.096   -4.807  1.00 11.01  ? 1332 ILE A CG1 1 
ATOM   160  C CG2 . ILE A 1 41  ? -0.349  6.618   -2.909  1.00 10.10  ? 1332 ILE A CG2 1 
ATOM   161  C CD1 . ILE A 1 41  ? -0.907  3.803   -4.129  1.00 12.15  ? 1332 ILE A CD1 1 
ATOM   162  N N   . PHE A 1 42  ? 1.454   8.987   -4.994  1.00 12.20  ? 1333 PHE A N   1 
ATOM   163  C CA  . PHE A 1 42  ? 2.141   10.245  -4.582  1.00 14.33  ? 1333 PHE A CA  1 
ATOM   164  C C   . PHE A 1 42  ? 1.632   11.442  -5.408  1.00 16.19  ? 1333 PHE A C   1 
ATOM   165  O O   . PHE A 1 42  ? 1.752   12.571  -4.881  1.00 22.98  ? 1333 PHE A O   1 
ATOM   166  C CB  . PHE A 1 42  ? 3.663   10.062  -4.610  1.00 14.50  ? 1333 PHE A CB  1 
ATOM   167  C CG  . PHE A 1 42  ? 4.270   9.490   -3.354  1.00 13.50  ? 1333 PHE A CG  1 
ATOM   168  C CD1 . PHE A 1 42  ? 4.712   10.310  -2.322  1.00 14.92  ? 1333 PHE A CD1 1 
ATOM   169  C CD2 . PHE A 1 42  ? 4.442   8.122   -3.211  1.00 15.87  ? 1333 PHE A CD2 1 
ATOM   170  C CE1 . PHE A 1 42  ? 5.318   9.774   -1.196  1.00 17.28  ? 1333 PHE A CE1 1 
ATOM   171  C CE2 . PHE A 1 42  ? 5.083   7.598   -2.093  1.00 15.35  ? 1333 PHE A CE2 1 
ATOM   172  C CZ  . PHE A 1 42  ? 5.457   8.419   -1.065  1.00 16.30  ? 1333 PHE A CZ  1 
ATOM   173  N N   . GLN A 1 43  ? 0.963   11.283  -6.550  1.00 15.91  ? 1334 GLN A N   1 
ATOM   174  C CA  . GLN A 1 43  ? 0.346   12.439  -7.286  1.00 16.66  ? 1334 GLN A CA  1 
ATOM   175  C C   . GLN A 1 43  ? -1.082  12.749  -6.801  1.00 18.33  ? 1334 GLN A C   1 
ATOM   176  O O   . GLN A 1 43  ? -1.631  13.823  -7.113  1.00 19.68  ? 1334 GLN A O   1 
ATOM   177  C CB  . GLN A 1 43  ? 0.324   12.122  -8.781  1.00 18.42  ? 1334 GLN A CB  1 
ATOM   178  C CG  . GLN A 1 43  ? 1.708   12.033  -9.398  1.00 19.29  ? 1334 GLN A CG  1 
ATOM   179  N N   A CYS A 1 44  ? -1.687  11.818  -6.064  0.30 16.01  ? 1335 CYS A N   1 
ATOM   180  N N   B CYS A 1 44  ? -1.705  11.818  -6.072  0.30 16.85  ? 1335 CYS A N   1 
ATOM   181  C CA  A CYS A 1 44  ? -3.051  11.954  -5.495  0.30 14.47  ? 1335 CYS A CA  1 
ATOM   182  C CA  B CYS A 1 44  ? -3.089  11.950  -5.542  0.30 15.71  ? 1335 CYS A CA  1 
ATOM   183  C C   A CYS A 1 44  ? -2.994  12.896  -4.285  0.30 14.24  ? 1335 CYS A C   1 
ATOM   184  C C   B CYS A 1 44  ? -3.060  12.846  -4.290  0.30 14.98  ? 1335 CYS A C   1 
ATOM   185  O O   A CYS A 1 44  ? -2.198  12.652  -3.355  0.30 12.76  ? 1335 CYS A O   1 
ATOM   186  O O   B CYS A 1 44  ? -2.352  12.509  -3.333  0.30 13.50  ? 1335 CYS A O   1 
ATOM   187  C CB  A CYS A 1 44  ? -3.625  10.599  -5.089  0.30 14.18  ? 1335 CYS A CB  1 
ATOM   188  C CB  B CYS A 1 44  ? -3.694  10.586  -5.208  0.30 16.28  ? 1335 CYS A CB  1 
ATOM   189  S SG  A CYS A 1 44  ? -3.987  9.555   -6.520  0.30 15.01  ? 1335 CYS A SG  1 
ATOM   190  S SG  B CYS A 1 44  ? -5.497  10.620  -5.005  0.30 19.52  ? 1335 CYS A SG  1 
ATOM   191  N N   . GLU A 1 45  ? -3.826  13.945  -4.274  1.00 14.54  ? 1336 GLU A N   1 
ATOM   192  C CA  . GLU A 1 45  ? -3.940  14.800  -3.061  1.00 13.93  ? 1336 GLU A CA  1 
ATOM   193  C C   . GLU A 1 45  ? -4.385  13.969  -1.839  1.00 12.41  ? 1336 GLU A C   1 
ATOM   194  O O   . GLU A 1 45  ? -3.936  14.237  -0.715  1.00 12.47  ? 1336 GLU A O   1 
ATOM   195  C CB  . GLU A 1 45  ? -4.943  15.926  -3.317  1.00 13.83  ? 1336 GLU A CB  1 
ATOM   196  C CG  . GLU A 1 45  ? -4.378  16.963  -4.271  1.00 17.04  ? 1336 GLU A CG  1 
ATOM   197  C CD  . GLU A 1 45  ? -5.298  18.101  -4.641  1.00 19.43  ? 1336 GLU A CD  1 
ATOM   198  O OE1 . GLU A 1 45  ? -6.442  18.176  -4.097  1.00 20.34  ? 1336 GLU A OE1 1 
ATOM   199  O OE2 . GLU A 1 45  ? -4.828  18.955  -5.468  1.00 18.73  ? 1336 GLU A OE2 1 
ATOM   200  N N   . ASP A 1 46  ? -5.199  12.957  -2.072  1.00 11.04  ? 1337 ASP A N   1 
ATOM   201  C CA  . ASP A 1 46  ? -5.692  12.094  -0.970  1.00 10.68  ? 1337 ASP A CA  1 
ATOM   202  C C   . ASP A 1 46  ? -4.560  11.345  -0.251  1.00 10.37  ? 1337 ASP A C   1 
ATOM   203  O O   . ASP A 1 46  ? -4.822  10.821  0.851   1.00 10.22  ? 1337 ASP A O   1 
ATOM   204  C CB  . ASP A 1 46  ? -6.715  11.097  -1.476  1.00 10.43  ? 1337 ASP A CB  1 
ATOM   205  C CG  . ASP A 1 46  ? -8.082  11.689  -1.800  1.00 11.85  ? 1337 ASP A CG  1 
ATOM   206  O OD1 . ASP A 1 46  ? -8.369  12.789  -1.224  1.00 14.18  ? 1337 ASP A OD1 1 
ATOM   207  O OD2 . ASP A 1 46  ? -8.876  11.036  -2.497  1.00 12.65  ? 1337 ASP A OD2 1 
ATOM   208  N N   . SER A 1 47  ? -3.382  11.195  -0.838  1.00 9.48   ? 1338 SER A N   1 
ATOM   209  C CA  . SER A 1 47  ? -2.268  10.509  -0.134  1.00 9.65   ? 1338 SER A CA  1 
ATOM   210  C C   . SER A 1 47  ? -1.492  11.365  0.860   1.00 9.84   ? 1338 SER A C   1 
ATOM   211  O O   . SER A 1 47  ? -0.696  10.826  1.608   1.00 9.82   ? 1338 SER A O   1 
ATOM   212  C CB  . SER A 1 47  ? -1.302  9.852   -1.071  1.00 8.90   ? 1338 SER A CB  1 
ATOM   213  O OG  . SER A 1 47  ? -0.466  10.798  -1.784  1.00 9.40   ? 1338 SER A OG  1 
ATOM   214  N N   . GLU A 1 48  ? -1.645  12.693  0.857   1.00 10.02  ? 1339 GLU A N   1 
ATOM   215  C CA  . GLU A 1 48  ? -0.664  13.541  1.595   1.00 10.37  ? 1339 GLU A CA  1 
ATOM   216  C C   . GLU A 1 48  ? -0.536  13.120  3.067   1.00 9.11   ? 1339 GLU A C   1 
ATOM   217  O O   . GLU A 1 48  ? 0.593   13.040  3.566   1.00 9.38   ? 1339 GLU A O   1 
ATOM   218  C CB  . GLU A 1 48  ? -0.963  15.033  1.422   1.00 11.97  ? 1339 GLU A CB  1 
ATOM   219  C CG  . GLU A 1 48  ? 0.112   15.950  2.014   1.00 14.07  ? 1339 GLU A CG  1 
ATOM   220  C CD  . GLU A 1 48  ? 0.153   16.031  3.533   1.00 16.81  ? 1339 GLU A CD  1 
ATOM   221  O OE1 . GLU A 1 48  ? -0.907  15.820  4.157   1.00 18.98  ? 1339 GLU A OE1 1 
ATOM   222  O OE2 . GLU A 1 48  ? 1.256   16.317  4.099   1.00 19.70  ? 1339 GLU A OE2 1 
ATOM   223  N N   . PRO A 1 49  ? -1.621  12.794  3.829   1.00 8.42   ? 1340 PRO A N   1 
ATOM   224  C CA  . PRO A 1 49  ? -1.490  12.411  5.244   1.00 8.08   ? 1340 PRO A CA  1 
ATOM   225  C C   . PRO A 1 49  ? -0.734  11.092  5.488   1.00 7.86   ? 1340 PRO A C   1 
ATOM   226  O O   . PRO A 1 49  ? -0.287  10.845  6.622   1.00 7.40   ? 1340 PRO A O   1 
ATOM   227  C CB  . PRO A 1 49  ? -2.956  12.306  5.728   1.00 8.46   ? 1340 PRO A CB  1 
ATOM   228  C CG  . PRO A 1 49  ? -3.742  13.107  4.704   1.00 8.64   ? 1340 PRO A CG  1 
ATOM   229  C CD  . PRO A 1 49  ? -3.032  12.815  3.405   1.00 8.37   ? 1340 PRO A CD  1 
ATOM   230  N N   . PHE A 1 50  ? -0.548  10.306  4.423   1.00 7.83   ? 1341 PHE A N   1 
ATOM   231  C CA  . PHE A 1 50  ? -0.028  8.920   4.473   1.00 7.86   ? 1341 PHE A CA  1 
ATOM   232  C C   . PHE A 1 50  ? 1.360   8.830   3.834   1.00 8.43   ? 1341 PHE A C   1 
ATOM   233  O O   . PHE A 1 50  ? 1.821   7.715   3.595   1.00 8.97   ? 1341 PHE A O   1 
ATOM   234  C CB  . PHE A 1 50  ? -1.049  7.997   3.807   1.00 7.21   ? 1341 PHE A CB  1 
ATOM   235  C CG  . PHE A 1 50  ? -2.453  8.200   4.335   1.00 7.23   ? 1341 PHE A CG  1 
ATOM   236  C CD1 . PHE A 1 50  ? -2.744  7.877   5.647   1.00 7.61   ? 1341 PHE A CD1 1 
ATOM   237  C CD2 . PHE A 1 50  ? -3.463  8.738   3.545   1.00 7.42   ? 1341 PHE A CD2 1 
ATOM   238  C CE1 . PHE A 1 50  ? -4.006  8.096   6.171   1.00 7.51   ? 1341 PHE A CE1 1 
ATOM   239  C CE2 . PHE A 1 50  ? -4.729  8.955   4.070   1.00 7.41   ? 1341 PHE A CE2 1 
ATOM   240  C CZ  . PHE A 1 50  ? -4.995  8.633   5.381   1.00 7.65   ? 1341 PHE A CZ  1 
ATOM   241  N N   . ARG A 1 51  ? 2.064   9.952   3.661   1.00 9.42   ? 1342 ARG A N   1 
ATOM   242  C CA  . ARG A 1 51  ? 3.383   9.963   2.972   1.00 10.33  ? 1342 ARG A CA  1 
ATOM   243  C C   . ARG A 1 51  ? 4.522   9.970   3.985   1.00 11.41  ? 1342 ARG A C   1 
ATOM   244  O O   . ARG A 1 51  ? 5.680   9.835   3.531   1.00 13.74  ? 1342 ARG A O   1 
ATOM   245  C CB  . ARG A 1 51  ? 3.540   11.196  2.080   1.00 10.72  ? 1342 ARG A CB  1 
ATOM   246  C CG  . ARG A 1 51  ? 2.664   11.179  0.838   1.00 10.86  ? 1342 ARG A CG  1 
ATOM   247  C CD  . ARG A 1 51  ? 2.783   12.477  0.062   1.00 11.21  ? 1342 ARG A CD  1 
ATOM   248  N NE  . ARG A 1 51  ? 1.679   12.618  -0.867  1.00 11.10  ? 1342 ARG A NE  1 
ATOM   249  C CZ  . ARG A 1 51  ? 1.305   13.769  -1.428  1.00 12.23  ? 1342 ARG A CZ  1 
ATOM   250  N NH1 . ARG A 1 51  ? 1.991   14.881  -1.214  1.00 13.19  ? 1342 ARG A NH1 1 
ATOM   251  N NH2 . ARG A 1 51  ? 0.265   13.793  -2.241  1.00 11.68  ? 1342 ARG A NH2 1 
ATOM   252  N N   . GLN A 1 52  ? 4.243   10.200  5.271   1.00 12.26  ? 1343 GLN A N   1 
ATOM   253  C CA  . GLN A 1 52  ? 5.277   10.378  6.320   1.00 14.01  ? 1343 GLN A CA  1 
ATOM   254  C C   . GLN A 1 52  ? 4.676   10.026  7.679   1.00 13.33  ? 1343 GLN A C   1 
ATOM   255  O O   . GLN A 1 52  ? 3.456   9.912   7.810   1.00 12.89  ? 1343 GLN A O   1 
ATOM   256  C CB  . GLN A 1 52  ? 5.848   11.805  6.285   1.00 15.84  ? 1343 GLN A CB  1 
ATOM   257  C CG  . GLN A 1 52  ? 4.807   12.893  6.494   1.00 18.88  ? 1343 GLN A CG  1 
ATOM   258  C CD  . GLN A 1 52  ? 5.378   14.290  6.515   1.00 21.77  ? 1343 GLN A CD  1 
ATOM   259  O OE1 . GLN A 1 52  ? 4.894   15.188  5.828   1.00 24.91  ? 1343 GLN A OE1 1 
ATOM   260  N NE2 . GLN A 1 52  ? 6.406   14.491  7.324   1.00 23.94  ? 1343 GLN A NE2 1 
ATOM   261  N N   . PRO A 1 53  ? 5.522   9.802   8.713   1.00 13.98  ? 1344 PRO A N   1 
ATOM   262  C CA  . PRO A 1 53  ? 5.050   9.452   10.056  1.00 14.50  ? 1344 PRO A CA  1 
ATOM   263  C C   . PRO A 1 53  ? 4.214   10.533  10.759  1.00 14.73  ? 1344 PRO A C   1 
ATOM   264  O O   . PRO A 1 53  ? 4.311   11.710  10.421  1.00 14.60  ? 1344 PRO A O   1 
ATOM   265  C CB  . PRO A 1 53  ? 6.336   9.239   10.861  1.00 14.55  ? 1344 PRO A CB  1 
ATOM   266  C CG  . PRO A 1 53  ? 7.369   8.908   9.803   1.00 14.21  ? 1344 PRO A CG  1 
ATOM   267  C CD  . PRO A 1 53  ? 6.988   9.775   8.619   1.00 13.99  ? 1344 PRO A CD  1 
ATOM   268  N N   . VAL A 1 54  ? 3.431   10.090  11.747  1.00 14.59  ? 1345 VAL A N   1 
ATOM   269  C CA  . VAL A 1 54  ? 2.580   10.948  12.619  1.00 14.98  ? 1345 VAL A CA  1 
ATOM   270  C C   . VAL A 1 54  ? 3.471   11.638  13.662  1.00 15.60  ? 1345 VAL A C   1 
ATOM   271  O O   . VAL A 1 54  ? 4.212   10.927  14.371  1.00 17.03  ? 1345 VAL A O   1 
ATOM   272  C CB  . VAL A 1 54  ? 1.463   10.112  13.271  1.00 13.74  ? 1345 VAL A CB  1 
ATOM   273  C CG1 . VAL A 1 54  ? 0.560   10.968  14.147  1.00 13.63  ? 1345 VAL A CG1 1 
ATOM   274  C CG2 . VAL A 1 54  ? 0.645   9.361   12.224  1.00 14.05  ? 1345 VAL A CG2 1 
ATOM   275  N N   . ASP A 1 55  ? 3.371   12.968  13.766  1.00 16.31  ? 1346 ASP A N   1 
ATOM   276  C CA  . ASP A 1 55  ? 4.070   13.796  14.785  1.00 17.04  ? 1346 ASP A CA  1 
ATOM   277  C C   . ASP A 1 55  ? 3.316   13.633  16.106  1.00 17.38  ? 1346 ASP A C   1 
ATOM   278  O O   . ASP A 1 55  ? 2.111   13.973  16.125  1.00 16.45  ? 1346 ASP A O   1 
ATOM   279  C CB  . ASP A 1 55  ? 4.103   15.270  14.369  1.00 18.06  ? 1346 ASP A CB  1 
ATOM   280  C CG  . ASP A 1 55  ? 4.894   16.169  15.306  1.00 20.54  ? 1346 ASP A CG  1 
ATOM   281  O OD1 . ASP A 1 55  ? 5.181   15.726  16.423  1.00 21.18  ? 1346 ASP A OD1 1 
ATOM   282  O OD2 . ASP A 1 55  ? 5.242   17.299  14.893  1.00 24.76  ? 1346 ASP A OD2 1 
ATOM   283  N N   . LEU A 1 56  ? 3.974   13.145  17.166  1.00 18.61  ? 1347 LEU A N   1 
ATOM   284  C CA  . LEU A 1 56  ? 3.290   12.832  18.451  1.00 18.59  ? 1347 LEU A CA  1 
ATOM   285  C C   . LEU A 1 56  ? 2.960   14.129  19.203  1.00 18.35  ? 1347 LEU A C   1 
ATOM   286  O O   . LEU A 1 56  ? 2.081   14.085  20.069  1.00 18.31  ? 1347 LEU A O   1 
ATOM   287  C CB  . LEU A 1 56  ? 4.132   11.849  19.283  1.00 18.87  ? 1347 LEU A CB  1 
ATOM   288  C CG  . LEU A 1 56  ? 4.056   10.383  18.839  1.00 20.24  ? 1347 LEU A CG  1 
ATOM   289  C CD1 . LEU A 1 56  ? 4.861   9.487   19.772  1.00 21.32  ? 1347 LEU A CD1 1 
ATOM   290  C CD2 . LEU A 1 56  ? 2.615   9.891   18.754  1.00 21.00  ? 1347 LEU A CD2 1 
ATOM   291  N N   . LEU A 1 57  ? 3.576   15.265  18.864  1.00 18.53  ? 1348 LEU A N   1 
ATOM   292  C CA  . LEU A 1 57  ? 3.179   16.568  19.464  1.00 19.11  ? 1348 LEU A CA  1 
ATOM   293  C C   . LEU A 1 57  ? 1.791   16.962  18.947  1.00 18.28  ? 1348 LEU A C   1 
ATOM   294  O O   . LEU A 1 57  ? 1.025   17.557  19.723  1.00 19.68  ? 1348 LEU A O   1 
ATOM   295  C CB  . LEU A 1 57  ? 4.215   17.650  19.142  1.00 20.23  ? 1348 LEU A CB  1 
ATOM   296  C CG  . LEU A 1 57  ? 5.555   17.508  19.855  1.00 21.78  ? 1348 LEU A CG  1 
ATOM   297  C CD1 . LEU A 1 57  ? 6.454   18.685  19.526  1.00 22.77  ? 1348 LEU A CD1 1 
ATOM   298  C CD2 . LEU A 1 57  ? 5.374   17.384  21.363  1.00 22.83  ? 1348 LEU A CD2 1 
ATOM   299  N N   . GLU A 1 58  ? 1.466   16.607  17.700  1.00 16.80  ? 1349 GLU A N   1 
ATOM   300  C CA  . GLU A 1 58  ? 0.150   16.913  17.070  1.00 16.36  ? 1349 GLU A CA  1 
ATOM   301  C C   . GLU A 1 58  ? -0.914  15.879  17.482  1.00 14.82  ? 1349 GLU A C   1 
ATOM   302  O O   . GLU A 1 58  ? -2.094  16.276  17.641  1.00 15.78  ? 1349 GLU A O   1 
ATOM   303  C CB  . GLU A 1 58  ? 0.303   16.927  15.552  1.00 16.36  ? 1349 GLU A CB  1 
ATOM   304  C CG  . GLU A 1 58  ? 1.165   18.065  15.030  1.00 18.08  ? 1349 GLU A CG  1 
ATOM   305  C CD  . GLU A 1 58  ? 1.383   18.067  13.521  1.00 20.39  ? 1349 GLU A CD  1 
ATOM   306  O OE1 . GLU A 1 58  ? 0.936   17.103  12.839  1.00 22.58  ? 1349 GLU A OE1 1 
ATOM   307  O OE2 . GLU A 1 58  ? 2.005   19.031  13.014  1.00 22.65  ? 1349 GLU A OE2 1 
ATOM   308  N N   . TYR A 1 59  ? -0.523  14.605  17.616  1.00 13.94  ? 1350 TYR A N   1 
ATOM   309  C CA  . TYR A 1 59  ? -1.409  13.447  17.924  1.00 12.83  ? 1350 TYR A CA  1 
ATOM   310  C C   . TYR A 1 59  ? -0.802  12.657  19.080  1.00 12.31  ? 1350 TYR A C   1 
ATOM   311  O O   . TYR A 1 59  ? -0.193  11.605  18.891  1.00 11.79  ? 1350 TYR A O   1 
ATOM   312  C CB  . TYR A 1 59  ? -1.616  12.597  16.664  1.00 12.72  ? 1350 TYR A CB  1 
ATOM   313  C CG  . TYR A 1 59  ? -2.309  13.310  15.530  1.00 12.43  ? 1350 TYR A CG  1 
ATOM   314  C CD1 . TYR A 1 59  ? -3.691  13.348  15.445  1.00 12.49  ? 1350 TYR A CD1 1 
ATOM   315  C CD2 . TYR A 1 59  ? -1.582  13.964  14.543  1.00 12.48  ? 1350 TYR A CD2 1 
ATOM   316  C CE1 . TYR A 1 59  ? -4.336  13.997  14.404  1.00 12.86  ? 1350 TYR A CE1 1 
ATOM   317  C CE2 . TYR A 1 59  ? -2.208  14.639  13.506  1.00 12.18  ? 1350 TYR A CE2 1 
ATOM   318  C CZ  . TYR A 1 59  ? -3.590  14.638  13.430  1.00 12.48  ? 1350 TYR A CZ  1 
ATOM   319  O OH  . TYR A 1 59  ? -4.218  15.262  12.390  1.00 12.43  ? 1350 TYR A OH  1 
ATOM   320  N N   . PRO A 1 60  ? -0.919  13.147  20.336  1.00 12.40  ? 1351 PRO A N   1 
ATOM   321  C CA  . PRO A 1 60  ? -0.145  12.572  21.436  1.00 12.19  ? 1351 PRO A CA  1 
ATOM   322  C C   . PRO A 1 60  ? -0.506  11.125  21.803  1.00 11.60  ? 1351 PRO A C   1 
ATOM   323  O O   . PRO A 1 60  ? 0.322   10.443  22.389  1.00 11.50  ? 1351 PRO A O   1 
ATOM   324  C CB  . PRO A 1 60  ? -0.431  13.488  22.637  1.00 12.81  ? 1351 PRO A CB  1 
ATOM   325  C CG  . PRO A 1 60  ? -1.103  14.717  22.084  1.00 13.31  ? 1351 PRO A CG  1 
ATOM   326  C CD  . PRO A 1 60  ? -1.700  14.328  20.744  1.00 13.03  ? 1351 PRO A CD  1 
ATOM   327  N N   . ASP A 1 61  ? -1.702  10.668  21.417  1.00 10.63  ? 1352 ASP A N   1 
ATOM   328  C CA  . ASP A 1 61  ? -2.197  9.308   21.759  1.00 10.88  ? 1352 ASP A CA  1 
ATOM   329  C C   . ASP A 1 61  ? -1.966  8.336   20.591  1.00 10.41  ? 1352 ASP A C   1 
ATOM   330  O O   . ASP A 1 61  ? -2.399  7.163   20.698  1.00 10.09  ? 1352 ASP A O   1 
ATOM   331  C CB  . ASP A 1 61  ? -3.682  9.343   22.131  1.00 11.39  ? 1352 ASP A CB  1 
ATOM   332  C CG  . ASP A 1 61  ? -4.565  9.823   20.993  1.00 12.31  ? 1352 ASP A CG  1 
ATOM   333  O OD1 . ASP A 1 61  ? -4.059  10.620  20.170  1.00 14.51  ? 1352 ASP A OD1 1 
ATOM   334  O OD2 . ASP A 1 61  ? -5.765  9.430   20.953  1.00 15.51  ? 1352 ASP A OD2 1 
ATOM   335  N N   . TYR A 1 62  ? -1.288  8.748   19.519  1.00 10.08  ? 1353 TYR A N   1 
ATOM   336  C CA  . TYR A 1 62  ? -1.306  7.930   18.272  1.00 10.07  ? 1353 TYR A CA  1 
ATOM   337  C C   . TYR A 1 62  ? -0.743  6.532   18.564  1.00 10.28  ? 1353 TYR A C   1 
ATOM   338  O O   . TYR A 1 62  ? -1.362  5.508   18.159  1.00 10.09  ? 1353 TYR A O   1 
ATOM   339  C CB  . TYR A 1 62  ? -0.564  8.601   17.117  1.00 9.74   ? 1353 TYR A CB  1 
ATOM   340  C CG  . TYR A 1 62  ? -0.694  7.849   15.809  1.00 9.40   ? 1353 TYR A CG  1 
ATOM   341  C CD1 . TYR A 1 62  ? -1.887  7.877   15.102  1.00 9.52   ? 1353 TYR A CD1 1 
ATOM   342  C CD2 . TYR A 1 62  ? 0.331   7.066   15.302  1.00 9.90   ? 1353 TYR A CD2 1 
ATOM   343  C CE1 . TYR A 1 62  ? -2.054  7.168   13.923  1.00 9.22   ? 1353 TYR A CE1 1 
ATOM   344  C CE2 . TYR A 1 62  ? 0.188   6.359   14.110  1.00 9.12   ? 1353 TYR A CE2 1 
ATOM   345  C CZ  . TYR A 1 62  ? -1.015  6.401   13.427  1.00 9.20   ? 1353 TYR A CZ  1 
ATOM   346  O OH  . TYR A 1 62  ? -1.183  5.686   12.269  1.00 9.26   ? 1353 TYR A OH  1 
ATOM   347  N N   . ARG A 1 63  ? 0.395   6.445   19.252  1.00 11.11  ? 1354 ARG A N   1 
ATOM   348  C CA  . ARG A 1 63  ? 1.073   5.142   19.494  1.00 11.45  ? 1354 ARG A CA  1 
ATOM   349  C C   . ARG A 1 63  ? 0.436   4.376   20.664  1.00 11.50  ? 1354 ARG A C   1 
ATOM   350  O O   . ARG A 1 63  ? 0.794   3.203   20.829  1.00 11.93  ? 1354 ARG A O   1 
ATOM   351  C CB  . ARG A 1 63  ? 2.578   5.348   19.672  1.00 12.31  ? 1354 ARG A CB  1 
ATOM   352  C CG  . ARG A 1 63  ? 3.286   5.843   18.411  1.00 13.25  ? 1354 ARG A CG  1 
ATOM   353  C CD  . ARG A 1 63  ? 3.130   4.944   17.183  1.00 14.26  ? 1354 ARG A CD  1 
ATOM   354  N NE  . ARG A 1 63  ? 3.573   3.568   17.409  1.00 14.69  ? 1354 ARG A NE  1 
ATOM   355  C CZ  . ARG A 1 63  ? 4.844   3.168   17.411  1.00 15.56  ? 1354 ARG A CZ  1 
ATOM   356  N NH1 . ARG A 1 63  ? 5.823   4.041   17.220  1.00 16.07  ? 1354 ARG A NH1 1 
ATOM   357  N NH2 . ARG A 1 63  ? 5.136   1.895   17.623  1.00 16.79  ? 1354 ARG A NH2 1 
ATOM   358  N N   . ASP A 1 64  ? -0.505  4.974   21.404  1.00 12.19  ? 1355 ASP A N   1 
ATOM   359  C CA  . ASP A 1 64  ? -1.345  4.223   22.378  1.00 13.36  ? 1355 ASP A CA  1 
ATOM   360  C C   . ASP A 1 64  ? -2.249  3.257   21.592  1.00 13.65  ? 1355 ASP A C   1 
ATOM   361  O O   . ASP A 1 64  ? -2.474  2.130   22.062  1.00 15.12  ? 1355 ASP A O   1 
ATOM   362  C CB  . ASP A 1 64  ? -2.195  5.145   23.262  1.00 14.07  ? 1355 ASP A CB  1 
ATOM   363  C CG  . ASP A 1 64  ? -1.437  6.232   24.018  1.00 14.75  ? 1355 ASP A CG  1 
ATOM   364  O OD1 . ASP A 1 64  ? -0.197  6.112   24.154  1.00 15.29  ? 1355 ASP A OD1 1 
ATOM   365  O OD2 . ASP A 1 64  ? -2.101  7.215   24.460  1.00 16.12  ? 1355 ASP A OD2 1 
ATOM   366  N N   . ILE A 1 65  ? -2.722  3.692   20.413  1.00 13.22  ? 1356 ILE A N   1 
ATOM   367  C CA  . ILE A 1 65  ? -3.765  2.991   19.601  1.00 12.93  ? 1356 ILE A CA  1 
ATOM   368  C C   . ILE A 1 65  ? -3.096  2.122   18.529  1.00 12.84  ? 1356 ILE A C   1 
ATOM   369  O O   . ILE A 1 65  ? -3.560  0.982   18.317  1.00 14.43  ? 1356 ILE A O   1 
ATOM   370  C CB  . ILE A 1 65  ? -4.737  4.023   19.000  1.00 13.18  ? 1356 ILE A CB  1 
ATOM   371  C CG1 . ILE A 1 65  ? -5.250  4.981   20.082  1.00 13.14  ? 1356 ILE A CG1 1 
ATOM   372  C CG2 . ILE A 1 65  ? -5.878  3.344   18.249  1.00 13.11  ? 1356 ILE A CG2 1 
ATOM   373  C CD1 . ILE A 1 65  ? -6.240  5.991   19.610  1.00 14.05  ? 1356 ILE A CD1 1 
ATOM   374  N N   . ILE A 1 66  ? -2.036  2.623   17.899  1.00 12.82  ? 1357 ILE A N   1 
ATOM   375  C CA  . ILE A 1 66  ? -1.422  2.024   16.678  1.00 12.61  ? 1357 ILE A CA  1 
ATOM   376  C C   . ILE A 1 66  ? -0.114  1.338   17.078  1.00 13.45  ? 1357 ILE A C   1 
ATOM   377  O O   . ILE A 1 66  ? 0.878   2.069   17.335  1.00 14.69  ? 1357 ILE A O   1 
ATOM   378  C CB  . ILE A 1 66  ? -1.230  3.120   15.608  1.00 11.42  ? 1357 ILE A CB  1 
ATOM   379  C CG1 . ILE A 1 66  ? -2.569  3.751   15.200  1.00 11.38  ? 1357 ILE A CG1 1 
ATOM   380  C CG2 . ILE A 1 66  ? -0.450  2.590   14.411  1.00 11.41  ? 1357 ILE A CG2 1 
ATOM   381  C CD1 . ILE A 1 66  ? -3.643  2.763   14.792  1.00 11.31  ? 1357 ILE A CD1 1 
ATOM   382  N N   . ASP A 1 67  ? -0.100  0.002   17.048  1.00 15.69  ? 1358 ASP A N   1 
ATOM   383  C CA  . ASP A 1 67  ? 1.102   -0.798  17.411  1.00 17.64  ? 1358 ASP A CA  1 
ATOM   384  C C   . ASP A 1 67  ? 2.176   -0.741  16.317  1.00 15.49  ? 1358 ASP A C   1 
ATOM   385  O O   . ASP A 1 67  ? 3.372   -0.800  16.635  1.00 18.65  ? 1358 ASP A O   1 
ATOM   386  C CB  . ASP A 1 67  ? 0.770   -2.294  17.461  1.00 22.36  ? 1358 ASP A CB  1 
ATOM   387  C CG  . ASP A 1 67  ? -0.028  -2.840  18.626  1.00 31.15  ? 1358 ASP A CG  1 
ATOM   388  O OD1 . ASP A 1 67  ? -0.386  -2.067  19.534  1.00 35.66  ? 1358 ASP A OD1 1 
ATOM   389  O OD2 . ASP A 1 67  ? -0.309  -4.055  18.586  1.00 42.44  ? 1358 ASP A OD2 1 
ATOM   390  N N   . THR A 1 68  ? 1.772   -0.722  15.024  1.00 14.49  ? 1359 THR A N   1 
ATOM   391  C CA  . THR A 1 68  ? 2.714   -0.850  13.892  1.00 13.31  ? 1359 THR A CA  1 
ATOM   392  C C   . THR A 1 68  ? 2.437   0.258   12.867  1.00 11.27  ? 1359 THR A C   1 
ATOM   393  O O   . THR A 1 68  ? 1.613   0.067   11.947  1.00 13.22  ? 1359 THR A O   1 
ATOM   394  C CB  . THR A 1 68  ? 2.602   -2.212  13.195  1.00 15.68  ? 1359 THR A CB  1 
ATOM   395  O OG1 . THR A 1 68  ? 2.707   -3.225  14.211  1.00 21.01  ? 1359 THR A OG1 1 
ATOM   396  C CG2 . THR A 1 68  ? 3.686   -2.458  12.166  1.00 17.87  ? 1359 THR A CG2 1 
ATOM   397  N N   . PRO A 1 69  ? 3.087   1.424   12.988  1.00 11.38  ? 1360 PRO A N   1 
ATOM   398  C CA  . PRO A 1 69  ? 2.909   2.526   12.035  1.00 11.86  ? 1360 PRO A CA  1 
ATOM   399  C C   . PRO A 1 69  ? 3.363   2.071   10.650  1.00 10.29  ? 1360 PRO A C   1 
ATOM   400  O O   . PRO A 1 69  ? 4.257   1.217   10.502  1.00 11.78  ? 1360 PRO A O   1 
ATOM   401  C CB  . PRO A 1 69  ? 3.775   3.673   12.543  1.00 13.52  ? 1360 PRO A CB  1 
ATOM   402  C CG  . PRO A 1 69  ? 4.058   3.308   13.988  1.00 15.79  ? 1360 PRO A CG  1 
ATOM   403  C CD  . PRO A 1 69  ? 4.015   1.794   14.085  1.00 13.33  ? 1360 PRO A CD  1 
ATOM   404  N N   . MET A 1 70  ? 2.740   2.657   9.628   1.00 9.38   ? 1361 MET A N   1 
ATOM   405  C CA  . MET A 1 70  ? 3.143   2.398   8.218   1.00 8.87   ? 1361 MET A CA  1 
ATOM   406  C C   . MET A 1 70  ? 2.734   3.618   7.382   1.00 8.73   ? 1361 MET A C   1 
ATOM   407  O O   . MET A 1 70  ? 1.755   4.267   7.673   1.00 8.73   ? 1361 MET A O   1 
ATOM   408  C CB  . MET A 1 70  ? 2.502   1.120   7.676   1.00 8.95   ? 1361 MET A CB  1 
ATOM   409  C CG  . MET A 1 70  ? 3.036   0.683   6.335   1.00 9.18   ? 1361 MET A CG  1 
ATOM   410  S SD  . MET A 1 70  ? 4.819   0.486   6.142   1.00 9.84   ? 1361 MET A SD  1 
ATOM   411  C CE  . MET A 1 70  ? 5.215   -0.723  7.389   1.00 10.24  ? 1361 MET A CE  1 
ATOM   412  N N   . ASP A 1 71  ? 3.567   3.972   6.399   1.00 8.80   ? 1362 ASP A N   1 
ATOM   413  C CA  . ASP A 1 71  ? 3.303   5.094   5.453   1.00 9.20   ? 1362 ASP A CA  1 
ATOM   414  C C   . ASP A 1 71  ? 3.869   4.743   4.073   1.00 8.39   ? 1362 ASP A C   1 
ATOM   415  O O   . ASP A 1 71  ? 4.646   3.767   3.960   1.00 8.45   ? 1362 ASP A O   1 
ATOM   416  C CB  . ASP A 1 71  ? 3.831   6.420   6.013   1.00 10.54  ? 1362 ASP A CB  1 
ATOM   417  C CG  . ASP A 1 71  ? 5.343   6.531   6.120   1.00 12.39  ? 1362 ASP A CG  1 
ATOM   418  O OD1 . ASP A 1 71  ? 5.822   6.986   7.177   1.00 12.62  ? 1362 ASP A OD1 1 
ATOM   419  O OD2 . ASP A 1 71  ? 6.036   6.176   5.153   1.00 12.95  ? 1362 ASP A OD2 1 
ATOM   420  N N   . PHE A 1 72  ? 3.493   5.512   3.041   1.00 7.91   ? 1363 PHE A N   1 
ATOM   421  C CA  . PHE A 1 72  ? 3.878   5.213   1.645   1.00 8.07   ? 1363 PHE A CA  1 
ATOM   422  C C   . PHE A 1 72  ? 5.377   5.452   1.392   1.00 8.94   ? 1363 PHE A C   1 
ATOM   423  O O   . PHE A 1 72  ? 5.922   4.780   0.492   1.00 8.89   ? 1363 PHE A O   1 
ATOM   424  C CB  . PHE A 1 72  ? 3.005   5.977   0.662   1.00 7.96   ? 1363 PHE A CB  1 
ATOM   425  C CG  . PHE A 1 72  ? 1.637   5.398   0.518   1.00 7.59   ? 1363 PHE A CG  1 
ATOM   426  C CD1 . PHE A 1 72  ? 1.450   4.205   -0.151  1.00 7.63   ? 1363 PHE A CD1 1 
ATOM   427  C CD2 . PHE A 1 72  ? 0.541   6.024   1.055   1.00 8.08   ? 1363 PHE A CD2 1 
ATOM   428  C CE1 . PHE A 1 72  ? 0.197   3.646   -0.302  1.00 8.54   ? 1363 PHE A CE1 1 
ATOM   429  C CE2 . PHE A 1 72  ? -0.712  5.480   0.889   1.00 7.97   ? 1363 PHE A CE2 1 
ATOM   430  C CZ  . PHE A 1 72  ? -0.863  4.258   0.294   1.00 7.66   ? 1363 PHE A CZ  1 
ATOM   431  N N   . ALA A 1 73  ? 6.039   6.343   2.132   1.00 8.39   ? 1364 ALA A N   1 
ATOM   432  C CA  . ALA A 1 73  ? 7.501   6.485   1.977   1.00 9.24   ? 1364 ALA A CA  1 
ATOM   433  C C   . ALA A 1 73  ? 8.238   5.229   2.476   1.00 8.97   ? 1364 ALA A C   1 
ATOM   434  O O   . ALA A 1 73  ? 9.159   4.725   1.754   1.00 9.31   ? 1364 ALA A O   1 
ATOM   435  C CB  . ALA A 1 73  ? 8.014   7.698   2.732   1.00 10.14  ? 1364 ALA A CB  1 
ATOM   436  N N   . THR A 1 74  ? 7.786   4.635   3.570   1.00 8.84   ? 1365 THR A N   1 
ATOM   437  C CA  . THR A 1 74  ? 8.348   3.366   4.094   1.00 9.03   ? 1365 THR A CA  1 
ATOM   438  C C   . THR A 1 74  ? 8.117   2.248   3.065   1.00 7.95   ? 1365 THR A C   1 
ATOM   439  O O   . THR A 1 74  ? 9.062   1.458   2.743   1.00 8.56   ? 1365 THR A O   1 
ATOM   440  C CB  . THR A 1 74  ? 7.775   2.995   5.443   1.00 11.04  ? 1365 THR A CB  1 
ATOM   441  O OG1 . THR A 1 74  ? 8.149   4.074   6.313   1.00 12.44  ? 1365 THR A OG1 1 
ATOM   442  C CG2 . THR A 1 74  ? 8.254   1.653   5.948   1.00 11.61  ? 1365 THR A CG2 1 
ATOM   443  N N   . VAL A 1 75  ? 6.920   2.176   2.476   1.00 8.23   ? 1366 VAL A N   1 
ATOM   444  C CA  . VAL A 1 75  ? 6.643   1.129   1.449   1.00 8.30   ? 1366 VAL A CA  1 
ATOM   445  C C   . VAL A 1 75  ? 7.596   1.306   0.255   1.00 8.06   ? 1366 VAL A C   1 
ATOM   446  O O   . VAL A 1 75  ? 8.221   0.319   -0.233  1.00 8.22   ? 1366 VAL A O   1 
ATOM   447  C CB  . VAL A 1 75  ? 5.150   1.104   1.024   1.00 8.12   ? 1366 VAL A CB  1 
ATOM   448  C CG1 . VAL A 1 75  ? 4.959   0.132   -0.121  1.00 8.83   ? 1366 VAL A CG1 1 
ATOM   449  C CG2 . VAL A 1 75  ? 4.227   0.747   2.161   1.00 8.64   ? 1366 VAL A CG2 1 
ATOM   450  N N   . ARG A 1 76  ? 7.729   2.529   -0.279  1.00 8.15   ? 1367 ARG A N   1 
ATOM   451  C CA  . ARG A 1 76  ? 8.632   2.808   -1.417  1.00 9.57   ? 1367 ARG A CA  1 
ATOM   452  C C   . ARG A 1 76  ? 10.086  2.451   -1.093  1.00 8.73   ? 1367 ARG A C   1 
ATOM   453  O O   . ARG A 1 76  ? 10.761  1.834   -1.921  1.00 9.29   ? 1367 ARG A O   1 
ATOM   454  C CB  . ARG A 1 76  ? 8.496   4.265   -1.832  1.00 11.20  ? 1367 ARG A CB  1 
ATOM   455  C CG  . ARG A 1 76  ? 9.341   4.686   -3.019  1.00 14.53  ? 1367 ARG A CG  1 
ATOM   456  C CD  . ARG A 1 76  ? 9.031   6.167   -3.231  1.00 19.02  ? 1367 ARG A CD  1 
ATOM   457  N NE  . ARG A 1 76  ? 8.094   6.473   -4.280  1.00 19.48  ? 1367 ARG A NE  1 
ATOM   458  C CZ  . ARG A 1 76  ? 7.616   7.697   -4.535  1.00 20.45  ? 1367 ARG A CZ  1 
ATOM   459  N NH1 . ARG A 1 76  ? 7.862   8.720   -3.717  1.00 18.71  ? 1367 ARG A NH1 1 
ATOM   460  N NH2 . ARG A 1 76  ? 6.900   7.859   -5.632  1.00 23.09  ? 1367 ARG A NH2 1 
ATOM   461  N N   . GLU A 1 77  ? 10.578  2.817   0.081   1.00 9.07   ? 1368 GLU A N   1 
ATOM   462  C CA  . GLU A 1 77  ? 11.972  2.539   0.504   1.00 10.96  ? 1368 GLU A CA  1 
ATOM   463  C C   . GLU A 1 77  ? 12.180  1.036   0.650   1.00 9.50   ? 1368 GLU A C   1 
ATOM   464  O O   . GLU A 1 77  ? 13.249  0.536   0.263   1.00 10.16  ? 1368 GLU A O   1 
ATOM   465  C CB  . GLU A 1 77  ? 12.245  3.259   1.806   1.00 14.18  ? 1368 GLU A CB  1 
ATOM   466  C CG  . GLU A 1 77  ? 12.420  4.756   1.648   1.00 18.38  ? 1368 GLU A CG  1 
ATOM   467  C CD  . GLU A 1 77  ? 12.287  5.575   2.929   1.00 27.49  ? 1368 GLU A CD  1 
ATOM   468  O OE1 . GLU A 1 77  ? 12.540  4.993   4.039   1.00 33.45  ? 1368 GLU A OE1 1 
ATOM   469  O OE2 . GLU A 1 77  ? 12.004  6.827   2.809   1.00 34.78  ? 1368 GLU A OE2 1 
ATOM   470  N N   . THR A 1 78  ? 11.220  0.295   1.199   1.00 9.45   ? 1369 THR A N   1 
ATOM   471  C CA  . THR A 1 78  ? 11.321  -1.174  1.359   1.00 8.51   ? 1369 THR A CA  1 
ATOM   472  C C   . THR A 1 78  ? 11.410  -1.842  -0.028  1.00 8.38   ? 1369 THR A C   1 
ATOM   473  O O   . THR A 1 78  ? 12.266  -2.763  -0.292  1.00 8.63   ? 1369 THR A O   1 
ATOM   474  C CB  . THR A 1 78  ? 10.127  -1.713  2.168   1.00 9.10   ? 1369 THR A CB  1 
ATOM   475  O OG1 . THR A 1 78  ? 10.094  -1.082  3.450   1.00 10.39  ? 1369 THR A OG1 1 
ATOM   476  C CG2 . THR A 1 78  ? 10.207  -3.196  2.379   1.00 9.32   ? 1369 THR A CG2 1 
ATOM   477  N N   . LEU A 1 79  ? 10.560  -1.392  -0.964  1.00 7.61   ? 1370 LEU A N   1 
ATOM   478  C CA  . LEU A 1 79  ? 10.583  -1.878  -2.364  1.00 8.87   ? 1370 LEU A CA  1 
ATOM   479  C C   . LEU A 1 79  ? 11.953  -1.616  -3.022  1.00 9.25   ? 1370 LEU A C   1 
ATOM   480  O O   . LEU A 1 79  ? 12.593  -2.557  -3.627  1.00 8.68   ? 1370 LEU A O   1 
ATOM   481  C CB  . LEU A 1 79  ? 9.428   -1.245  -3.152  1.00 8.32   ? 1370 LEU A CB  1 
ATOM   482  C CG  . LEU A 1 79  ? 9.225   -1.760  -4.588  1.00 8.19   ? 1370 LEU A CG  1 
ATOM   483  C CD1 . LEU A 1 79  ? 8.763   -3.227  -4.588  1.00 8.37   ? 1370 LEU A CD1 1 
ATOM   484  C CD2 . LEU A 1 79  ? 8.165   -0.900  -5.299  1.00 9.13   ? 1370 LEU A CD2 1 
ATOM   485  N N   . GLU A 1 80  ? 12.432  -0.373  -2.966  1.00 10.03  ? 1371 GLU A N   1 
ATOM   486  C CA  . GLU A 1 80  ? 13.702  0.026   -3.641  1.00 11.02  ? 1371 GLU A CA  1 
ATOM   487  C C   . GLU A 1 80  ? 14.913  -0.647  -2.969  1.00 10.77  ? 1371 GLU A C   1 
ATOM   488  O O   . GLU A 1 80  ? 15.890  -0.936  -3.681  1.00 11.23  ? 1371 GLU A O   1 
ATOM   489  C CB  . GLU A 1 80  ? 13.835  1.546   -3.666  1.00 11.79  ? 1371 GLU A CB  1 
ATOM   490  C CG  . GLU A 1 80  ? 15.124  2.036   -4.304  1.00 13.38  ? 1371 GLU A CG  1 
ATOM   491  C CD  . GLU A 1 80  ? 15.407  1.542   -5.715  1.00 14.65  ? 1371 GLU A CD  1 
ATOM   492  O OE1 . GLU A 1 80  ? 16.572  1.696   -6.144  1.00 16.03  ? 1371 GLU A OE1 1 
ATOM   493  O OE2 . GLU A 1 80  ? 14.485  0.975   -6.380  1.00 16.33  ? 1371 GLU A OE2 1 
ATOM   494  N N   . ALA A 1 81  ? 14.843  -0.964  -1.680  1.00 10.68  ? 1372 ALA A N   1 
ATOM   495  C CA  . ALA A 1 81  ? 15.926  -1.715  -0.977  1.00 10.99  ? 1372 ALA A CA  1 
ATOM   496  C C   . ALA A 1 81  ? 16.012  -3.182  -1.449  1.00 11.61  ? 1372 ALA A C   1 
ATOM   497  O O   . ALA A 1 81  ? 16.938  -3.886  -1.058  1.00 11.67  ? 1372 ALA A O   1 
ATOM   498  C CB  . ALA A 1 81  ? 15.715  -1.661  0.496   1.00 12.37  ? 1372 ALA A CB  1 
ATOM   499  N N   . GLY A 1 82  ? 15.010  -3.704  -2.194  1.00 10.30  ? 1373 GLY A N   1 
ATOM   500  C CA  . GLY A 1 82  ? 14.941  -5.141  -2.475  1.00 9.39   ? 1373 GLY A CA  1 
ATOM   501  C C   . GLY A 1 82  ? 14.535  -5.927  -1.263  1.00 9.30   ? 1373 GLY A C   1 
ATOM   502  O O   . GLY A 1 82  ? 15.010  -7.033  -1.056  1.00 10.20  ? 1373 GLY A O   1 
ATOM   503  N N   . ASN A 1 83  ? 13.615  -5.405  -0.415  1.00 8.76   ? 1374 ASN A N   1 
ATOM   504  C CA  . ASN A 1 83  ? 13.225  -6.096  0.833   1.00 9.09   ? 1374 ASN A CA  1 
ATOM   505  C C   . ASN A 1 83  ? 11.740  -6.563  0.787   1.00 9.15   ? 1374 ASN A C   1 
ATOM   506  O O   . ASN A 1 83  ? 11.209  -7.009  1.787   1.00 9.88   ? 1374 ASN A O   1 
ATOM   507  C CB  . ASN A 1 83  ? 13.502  -5.208  2.040   1.00 9.82   ? 1374 ASN A CB  1 
ATOM   508  C CG  . ASN A 1 83  ? 14.966  -5.013  2.366   1.00 11.87  ? 1374 ASN A CG  1 
ATOM   509  O OD1 . ASN A 1 83  ? 15.260  -4.232  3.275   1.00 15.56  ? 1374 ASN A OD1 1 
ATOM   510  N ND2 . ASN A 1 83  ? 15.874  -5.752  1.759   1.00 11.33  ? 1374 ASN A ND2 1 
ATOM   511  N N   . TYR A 1 84  ? 11.107  -6.491  -0.391  1.00 8.88   ? 1375 TYR A N   1 
ATOM   512  C CA  . TYR A 1 84  ? 9.877   -7.272  -0.671  1.00 9.14   ? 1375 TYR A CA  1 
ATOM   513  C C   . TYR A 1 84  ? 10.245  -8.440  -1.606  1.00 9.43   ? 1375 TYR A C   1 
ATOM   514  O O   . TYR A 1 84  ? 10.898  -8.204  -2.615  1.00 10.11  ? 1375 TYR A O   1 
ATOM   515  C CB  . TYR A 1 84  ? 8.760   -6.423  -1.307  1.00 8.61   ? 1375 TYR A CB  1 
ATOM   516  C CG  . TYR A 1 84  ? 8.124   -5.409  -0.380  1.00 7.75   ? 1375 TYR A CG  1 
ATOM   517  C CD1 . TYR A 1 84  ? 7.581   -5.752  0.850   1.00 7.63   ? 1375 TYR A CD1 1 
ATOM   518  C CD2 . TYR A 1 84  ? 8.047   -4.066  -0.745  1.00 7.60   ? 1375 TYR A CD2 1 
ATOM   519  C CE1 . TYR A 1 84  ? 6.984   -4.793  1.667   1.00 7.37   ? 1375 TYR A CE1 1 
ATOM   520  C CE2 . TYR A 1 84  ? 7.424   -3.115  0.052   1.00 7.51   ? 1375 TYR A CE2 1 
ATOM   521  C CZ  . TYR A 1 84  ? 6.920   -3.465  1.279   1.00 7.67   ? 1375 TYR A CZ  1 
ATOM   522  O OH  . TYR A 1 84  ? 6.357   -2.486  2.055   1.00 8.65   ? 1375 TYR A OH  1 
ATOM   523  N N   . GLU A 1 85  ? 9.725   -9.635  -1.279  1.00 10.21  ? 1376 GLU A N   1 
ATOM   524  C CA  . GLU A 1 85  ? 9.901   -10.825 -2.153  1.00 11.87  ? 1376 GLU A CA  1 
ATOM   525  C C   . GLU A 1 85  ? 8.748   -10.929 -3.164  1.00 11.60  ? 1376 GLU A C   1 
ATOM   526  O O   . GLU A 1 85  ? 8.933   -11.591 -4.222  1.00 15.03  ? 1376 GLU A O   1 
ATOM   527  C CB  . GLU A 1 85  ? 9.971   -12.115 -1.344  1.00 14.87  ? 1376 GLU A CB  1 
ATOM   528  C CG  . GLU A 1 85  ? 10.294  -13.287 -2.247  1.00 19.97  ? 1376 GLU A CG  1 
ATOM   529  C CD  . GLU A 1 85  ? 10.663  -14.537 -1.486  1.00 25.44  ? 1376 GLU A CD  1 
ATOM   530  O OE1 . GLU A 1 85  ? 10.320  -14.612 -0.280  1.00 33.33  ? 1376 GLU A OE1 1 
ATOM   531  O OE2 . GLU A 1 85  ? 11.373  -15.402 -2.115  1.00 31.13  ? 1376 GLU A OE2 1 
ATOM   532  N N   . SER A 1 86  ? 7.578   -10.344 -2.907  1.00 10.03  ? 1377 SER A N   1 
ATOM   533  C CA  . SER A 1 86  ? 6.380   -10.542 -3.758  1.00 9.94   ? 1377 SER A CA  1 
ATOM   534  C C   . SER A 1 86  ? 5.500   -9.319  -3.609  1.00 9.05   ? 1377 SER A C   1 
ATOM   535  O O   . SER A 1 86  ? 5.582   -8.572  -2.617  1.00 9.37   ? 1377 SER A O   1 
ATOM   536  C CB  . SER A 1 86  ? 5.612   -11.759 -3.338  1.00 10.35  ? 1377 SER A CB  1 
ATOM   537  O OG  . SER A 1 86  ? 4.990   -11.554 -2.089  1.00 11.53  ? 1377 SER A OG  1 
ATOM   538  N N   . PRO A 1 87  ? 4.575   -9.108  -4.569  1.00 8.38   ? 1378 PRO A N   1 
ATOM   539  C CA  . PRO A 1 87  ? 3.632   -8.003  -4.435  1.00 8.63   ? 1378 PRO A CA  1 
ATOM   540  C C   . PRO A 1 87  ? 2.629   -8.260  -3.306  1.00 7.90   ? 1378 PRO A C   1 
ATOM   541  O O   . PRO A 1 87  ? 2.070   -7.289  -2.811  1.00 8.00   ? 1378 PRO A O   1 
ATOM   542  C CB  . PRO A 1 87  ? 2.923   -7.948  -5.811  1.00 8.71   ? 1378 PRO A CB  1 
ATOM   543  C CG  . PRO A 1 87  ? 3.097   -9.373  -6.387  1.00 8.55   ? 1378 PRO A CG  1 
ATOM   544  C CD  . PRO A 1 87  ? 4.453   -9.814  -5.871  1.00 8.87   ? 1378 PRO A CD  1 
ATOM   545  N N   . MET A 1 88  ? 2.425   -9.503  -2.870  1.00 7.89   ? 1379 MET A N   1 
ATOM   546  C CA  . MET A 1 88  ? 1.529   -9.766  -1.729  1.00 8.00   ? 1379 MET A CA  1 
ATOM   547  C C   . MET A 1 88  ? 2.073   -9.088  -0.475  1.00 7.62   ? 1379 MET A C   1 
ATOM   548  O O   . MET A 1 88  ? 1.336   -8.582  0.354   1.00 7.53   ? 1379 MET A O   1 
ATOM   549  C CB  . MET A 1 88  ? 1.345   -11.278 -1.535  1.00 9.50   ? 1379 MET A CB  1 
ATOM   550  C CG  . MET A 1 88  ? 0.647   -11.937 -2.713  1.00 9.80   ? 1379 MET A CG  1 
ATOM   551  S SD  . MET A 1 88  ? 1.662   -12.458 -4.090  1.00 11.46  ? 1379 MET A SD  1 
ATOM   552  C CE  . MET A 1 88  ? 2.374   -13.950 -3.406  1.00 12.26  ? 1379 MET A CE  1 
ATOM   553  N N   . GLU A 1 89  ? 3.398   -9.139  -0.266  1.00 8.10   ? 1380 GLU A N   1 
ATOM   554  C CA  . GLU A 1 89  ? 4.010   -8.522  0.920   1.00 8.68   ? 1380 GLU A CA  1 
ATOM   555  C C   . GLU A 1 89  ? 3.821   -6.991  0.869   1.00 7.65   ? 1380 GLU A C   1 
ATOM   556  O O   . GLU A 1 89  ? 3.490   -6.345  1.911   1.00 8.03   ? 1380 GLU A O   1 
ATOM   557  C CB  . GLU A 1 89  ? 5.512   -8.849  0.978   1.00 9.91   ? 1380 GLU A CB  1 
ATOM   558  C CG  . GLU A 1 89  ? 5.824   -10.284 1.275   1.00 10.60  ? 1380 GLU A CG  1 
ATOM   559  C CD  . GLU A 1 89  ? 7.322   -10.555 1.322   1.00 12.43  ? 1380 GLU A CD  1 
ATOM   560  O OE1 . GLU A 1 89  ? 8.102   -9.687  0.957   1.00 12.92  ? 1380 GLU A OE1 1 
ATOM   561  O OE2 . GLU A 1 89  ? 7.699   -11.715 1.692   1.00 17.05  ? 1380 GLU A OE2 1 
ATOM   562  N N   . LEU A 1 90  ? 4.037   -6.360  -0.289  1.00 6.89   ? 1381 LEU A N   1 
ATOM   563  C CA  . LEU A 1 90  ? 3.798   -4.907  -0.415  1.00 7.67   ? 1381 LEU A CA  1 
ATOM   564  C C   . LEU A 1 90  ? 2.319   -4.594  -0.114  1.00 7.75   ? 1381 LEU A C   1 
ATOM   565  O O   . LEU A 1 90  ? 2.009   -3.588  0.568   1.00 7.40   ? 1381 LEU A O   1 
ATOM   566  C CB  . LEU A 1 90  ? 4.147   -4.468  -1.851  1.00 8.11   ? 1381 LEU A CB  1 
ATOM   567  C CG  . LEU A 1 90  ? 3.949   -2.972  -2.157  1.00 8.19   ? 1381 LEU A CG  1 
ATOM   568  C CD1 . LEU A 1 90  ? 5.079   -2.413  -3.003  1.00 8.20   ? 1381 LEU A CD1 1 
ATOM   569  C CD2 . LEU A 1 90  ? 2.591   -2.725  -2.815  1.00 8.11   ? 1381 LEU A CD2 1 
ATOM   570  N N   A CYS A 1 91  ? 1.399   -5.399  -0.665  0.35 8.28   ? 1382 CYS A N   1 
ATOM   571  N N   B CYS A 1 91  ? 1.393   -5.396  -0.643  0.15 7.61   ? 1382 CYS A N   1 
ATOM   572  C CA  A CYS A 1 91  ? -0.060  -5.212  -0.487  0.35 8.96   ? 1382 CYS A CA  1 
ATOM   573  C CA  B CYS A 1 91  ? -0.057  -5.207  -0.393  0.15 7.69   ? 1382 CYS A CA  1 
ATOM   574  C C   A CYS A 1 91  ? -0.394  -5.283  1.023   0.35 8.32   ? 1382 CYS A C   1 
ATOM   575  C C   B CYS A 1 91  ? -0.349  -5.217  1.097   0.15 7.82   ? 1382 CYS A C   1 
ATOM   576  O O   A CYS A 1 91  ? -1.233  -4.491  1.480   0.35 8.49   ? 1382 CYS A O   1 
ATOM   577  O O   B CYS A 1 91  ? -1.144  -4.380  1.561   0.15 7.92   ? 1382 CYS A O   1 
ATOM   578  C CB  A CYS A 1 91  ? -0.808  -6.212  -1.372  0.35 9.79   ? 1382 CYS A CB  1 
ATOM   579  C CB  B CYS A 1 91  ? -0.885  -6.326  -0.982  0.15 7.52   ? 1382 CYS A CB  1 
ATOM   580  S SG  A CYS A 1 91  ? -2.598  -5.934  -1.509  0.35 12.08  ? 1382 CYS A SG  1 
ATOM   581  S SG  B CYS A 1 91  ? -1.150  -6.031  -2.735  0.15 7.20   ? 1382 CYS A SG  1 
ATOM   582  N N   . LYS A 1 92  ? 0.221   -6.188  1.805   1.00 8.13   ? 1383 LYS A N   1 
ATOM   583  C CA  . LYS A 1 92  ? -0.053  -6.280  3.243   1.00 9.30   ? 1383 LYS A CA  1 
ATOM   584  C C   . LYS A 1 92  ? 0.345   -4.954  3.924   1.00 8.43   ? 1383 LYS A C   1 
ATOM   585  O O   . LYS A 1 92  ? -0.418  -4.442  4.759   1.00 8.78   ? 1383 LYS A O   1 
ATOM   586  C CB  . LYS A 1 92  ? 0.699   -7.497  3.786   1.00 11.05  ? 1383 LYS A CB  1 
ATOM   587  C CG  . LYS A 1 92  ? 0.479   -7.739  5.251   1.00 13.89  ? 1383 LYS A CG  1 
ATOM   588  C CD  . LYS A 1 92  ? 1.087   -9.033  5.728   1.00 17.84  ? 1383 LYS A CD  1 
ATOM   589  C CE  . LYS A 1 92  ? 1.273   -9.027  7.233   1.00 25.23  ? 1383 LYS A CE  1 
ATOM   590  N NZ  . LYS A 1 92  ? 1.872   -10.289 7.759   1.00 29.43  ? 1383 LYS A NZ  1 
ATOM   591  N N   . ASP A 1 93  ? 1.492   -4.369  3.612   1.00 8.27   ? 1384 ASP A N   1 
ATOM   592  C CA  . ASP A 1 93  ? 1.933   -3.091  4.224   1.00 8.67   ? 1384 ASP A CA  1 
ATOM   593  C C   . ASP A 1 93  ? 1.020   -1.922  3.782   1.00 7.12   ? 1384 ASP A C   1 
ATOM   594  O O   . ASP A 1 93  ? 0.630   -1.089  4.601   1.00 7.30   ? 1384 ASP A O   1 
ATOM   595  C CB  . ASP A 1 93  ? 3.396   -2.782  3.912   1.00 8.67   ? 1384 ASP A CB  1 
ATOM   596  C CG  . ASP A 1 93  ? 4.413   -3.573  4.722   1.00 11.81  ? 1384 ASP A CG  1 
ATOM   597  O OD1 . ASP A 1 93  ? 3.984   -4.252  5.693   1.00 14.60  ? 1384 ASP A OD1 1 
ATOM   598  O OD2 . ASP A 1 93  ? 5.626   -3.474  4.417   1.00 11.40  ? 1384 ASP A OD2 1 
ATOM   599  N N   . VAL A 1 94  ? 0.581   -1.879  2.522   1.00 6.88   ? 1385 VAL A N   1 
ATOM   600  C CA  . VAL A 1 94  ? -0.306  -0.772  2.097   1.00 6.91   ? 1385 VAL A CA  1 
ATOM   601  C C   . VAL A 1 94  ? -1.641  -0.904  2.833   1.00 6.76   ? 1385 VAL A C   1 
ATOM   602  O O   . VAL A 1 94  ? -2.201  0.087   3.321   1.00 6.91   ? 1385 VAL A O   1 
ATOM   603  C CB  . VAL A 1 94  ? -0.474  -0.774  0.570   1.00 7.27   ? 1385 VAL A CB  1 
ATOM   604  C CG1 . VAL A 1 94  ? -1.594  0.168   0.158   1.00 7.09   ? 1385 VAL A CG1 1 
ATOM   605  C CG2 . VAL A 1 94  ? 0.815   -0.355  -0.137  1.00 7.65   ? 1385 VAL A CG2 1 
ATOM   606  N N   . ARG A 1 95  ? -2.148  -2.149  2.936   1.00 6.62   ? 1386 ARG A N   1 
ATOM   607  C CA  . ARG A 1 95  ? -3.424  -2.351  3.636   1.00 6.90   ? 1386 ARG A CA  1 
ATOM   608  C C   . ARG A 1 95  ? -3.313  -1.973  5.117   1.00 6.84   ? 1386 ARG A C   1 
ATOM   609  O O   . ARG A 1 95  ? -4.296  -1.475  5.709   1.00 7.79   ? 1386 ARG A O   1 
ATOM   610  C CB  . ARG A 1 95  ? -3.935  -3.777  3.416   1.00 7.79   ? 1386 ARG A CB  1 
ATOM   611  C CG  . ARG A 1 95  ? -4.441  -3.971  1.994   1.00 9.44   ? 1386 ARG A CG  1 
ATOM   612  C CD  . ARG A 1 95  ? -4.682  -5.442  1.681   1.00 10.61  ? 1386 ARG A CD  1 
ATOM   613  N NE  . ARG A 1 95  ? -5.240  -5.616  0.346   1.00 12.08  ? 1386 ARG A NE  1 
ATOM   614  C CZ  . ARG A 1 95  ? -5.406  -6.788  -0.263  1.00 16.62  ? 1386 ARG A CZ  1 
ATOM   615  N NH1 . ARG A 1 95  ? -4.987  -7.913  0.311   1.00 17.29  ? 1386 ARG A NH1 1 
ATOM   616  N NH2 . ARG A 1 95  ? -6.015  -6.834  -1.432  1.00 19.14  ? 1386 ARG A NH2 1 
ATOM   617  N N   . LEU A 1 96  ? -2.138  -2.091  5.713   1.00 7.00   ? 1387 LEU A N   1 
ATOM   618  C CA  . LEU A 1 96  ? -1.882  -1.660  7.107   1.00 7.64   ? 1387 LEU A CA  1 
ATOM   619  C C   . LEU A 1 96  ? -1.985  -0.124  7.224   1.00 7.31   ? 1387 LEU A C   1 
ATOM   620  O O   . LEU A 1 96  ? -2.493  0.401   8.235   1.00 7.16   ? 1387 LEU A O   1 
ATOM   621  C CB  . LEU A 1 96  ? -0.508  -2.147  7.587   1.00 8.38   ? 1387 LEU A CB  1 
ATOM   622  C CG  . LEU A 1 96  ? -0.065  -1.746  8.977   1.00 9.08   ? 1387 LEU A CG  1 
ATOM   623  C CD1 . LEU A 1 96  ? -0.986  -2.301  10.019  1.00 9.52   ? 1387 LEU A CD1 1 
ATOM   624  C CD2 . LEU A 1 96  ? 1.357   -2.245  9.218   1.00 9.60   ? 1387 LEU A CD2 1 
ATOM   625  N N   . ILE A 1 97  ? -1.524  0.637   6.223   1.00 7.07   ? 1388 ILE A N   1 
ATOM   626  C CA  . ILE A 1 97  ? -1.745  2.106   6.252   1.00 7.58   ? 1388 ILE A CA  1 
ATOM   627  C C   . ILE A 1 97  ? -3.241  2.367   6.448   1.00 6.99   ? 1388 ILE A C   1 
ATOM   628  O O   . ILE A 1 97  ? -3.640  3.252   7.242   1.00 7.04   ? 1388 ILE A O   1 
ATOM   629  C CB  . ILE A 1 97  ? -1.220  2.759   4.948   1.00 7.79   ? 1388 ILE A CB  1 
ATOM   630  C CG1 . ILE A 1 97  ? 0.286   2.539   4.780   1.00 7.59   ? 1388 ILE A CG1 1 
ATOM   631  C CG2 . ILE A 1 97  ? -1.587  4.238   4.894   1.00 8.42   ? 1388 ILE A CG2 1 
ATOM   632  C CD1 . ILE A 1 97  ? 0.891   2.983   3.441   1.00 7.85   ? 1388 ILE A CD1 1 
ATOM   633  N N   . PHE A 1 98  ? -4.084  1.689   5.687   1.00 6.75   ? 1389 PHE A N   1 
ATOM   634  C CA  . PHE A 1 98  ? -5.543  1.961   5.689   1.00 7.82   ? 1389 PHE A CA  1 
ATOM   635  C C   . PHE A 1 98  ? -6.200  1.427   6.969   1.00 7.41   ? 1389 PHE A C   1 
ATOM   636  O O   . PHE A 1 98  ? -7.033  2.130   7.561   1.00 7.26   ? 1389 PHE A O   1 
ATOM   637  C CB  . PHE A 1 98  ? -6.203  1.412   4.414   1.00 8.17   ? 1389 PHE A CB  1 
ATOM   638  C CG  . PHE A 1 98  ? -5.638  2.015   3.149   1.00 8.73   ? 1389 PHE A CG  1 
ATOM   639  C CD1 . PHE A 1 98  ? -5.455  3.390   3.030   1.00 9.96   ? 1389 PHE A CD1 1 
ATOM   640  C CD2 . PHE A 1 98  ? -5.255  1.201   2.086   1.00 9.60   ? 1389 PHE A CD2 1 
ATOM   641  C CE1 . PHE A 1 98  ? -4.950  3.954   1.852   1.00 11.28  ? 1389 PHE A CE1 1 
ATOM   642  C CE2 . PHE A 1 98  ? -4.756  1.790   0.914   1.00 9.63   ? 1389 PHE A CE2 1 
ATOM   643  C CZ  . PHE A 1 98  ? -4.612  3.147   0.829   1.00 10.61  ? 1389 PHE A CZ  1 
ATOM   644  N N   . SER A 1 99  ? -5.799  0.252   7.464   1.00 7.85   ? 1390 SER A N   1 
ATOM   645  C CA  . SER A 1 99  ? -6.412  -0.241  8.722   1.00 7.91   ? 1390 SER A CA  1 
ATOM   646  C C   . SER A 1 99  ? -5.972  0.636   9.894   1.00 7.66   ? 1390 SER A C   1 
ATOM   647  O O   . SER A 1 99  ? -6.797  0.863   10.838  1.00 7.95   ? 1390 SER A O   1 
ATOM   648  C CB  . SER A 1 99  ? -6.102  -1.699  8.942   1.00 8.34   ? 1390 SER A CB  1 
ATOM   649  O OG  . SER A 1 99  ? -4.738  -1.981  9.056   1.00 9.38   ? 1390 SER A OG  1 
ATOM   650  N N   . ASN A 1 100 ? -4.745  1.160   9.900   1.00 7.68   ? 1391 ASN A N   1 
ATOM   651  C CA  . ASN A 1 100 ? -4.319  2.110   10.966  1.00 8.36   ? 1391 ASN A CA  1 
ATOM   652  C C   . ASN A 1 100 ? -5.229  3.342   10.944  1.00 8.14   ? 1391 ASN A C   1 
ATOM   653  O O   . ASN A 1 100 ? -5.657  3.847   12.006  1.00 9.14   ? 1391 ASN A O   1 
ATOM   654  C CB  . ASN A 1 100 ? -2.853  2.503   10.863  1.00 8.56   ? 1391 ASN A CB  1 
ATOM   655  C CG  . ASN A 1 100 ? -1.884  1.399   11.252  1.00 8.55   ? 1391 ASN A CG  1 
ATOM   656  O OD1 . ASN A 1 100 ? -2.267  0.399   11.885  1.00 8.90   ? 1391 ASN A OD1 1 
ATOM   657  N ND2 . ASN A 1 100 ? -0.626  1.614   10.961  1.00 9.58   ? 1391 ASN A ND2 1 
ATOM   658  N N   . SER A 1 101 ? -5.518  3.904   9.766   1.00 7.70   ? 1392 SER A N   1 
ATOM   659  C CA  . SER A 1 101 ? -6.381  5.096   9.689   1.00 8.27   ? 1392 SER A CA  1 
ATOM   660  C C   . SER A 1 101 ? -7.767  4.784   10.244  1.00 7.94   ? 1392 SER A C   1 
ATOM   661  O O   . SER A 1 101 ? -8.339  5.587   11.016  1.00 8.34   ? 1392 SER A O   1 
ATOM   662  C CB  . SER A 1 101 ? -6.424  5.636   8.277   1.00 7.77   ? 1392 SER A CB  1 
ATOM   663  O OG  . SER A 1 101 ? -7.113  6.881   8.241   1.00 8.91   ? 1392 SER A OG  1 
ATOM   664  N N   . LYS A 1 102 ? -8.340  3.640   9.922   1.00 7.91   ? 1393 LYS A N   1 
ATOM   665  C CA  . LYS A 1 102 ? -9.678  3.240   10.423  1.00 8.96   ? 1393 LYS A CA  1 
ATOM   666  C C   . LYS A 1 102 ? -9.646  3.006   11.947  1.00 9.21   ? 1393 LYS A C   1 
ATOM   667  O O   . LYS A 1 102 ? -10.635 3.385   12.630  1.00 9.38   ? 1393 LYS A O   1 
ATOM   668  C CB  . LYS A 1 102 ? -10.082 1.949   9.717   1.00 9.25   ? 1393 LYS A CB  1 
ATOM   669  C CG  . LYS A 1 102 ? -11.528 1.510   9.979   1.00 10.78  ? 1393 LYS A CG  1 
ATOM   670  C CD  . LYS A 1 102 ? -11.961 0.401   9.120   1.00 12.27  ? 1393 LYS A CD  1 
ATOM   671  C CE  . LYS A 1 102 ? -13.444 0.111   9.257   1.00 13.35  ? 1393 LYS A CE  1 
ATOM   672  N NZ  . LYS A 1 102 ? -13.881 -0.927  8.298   1.00 15.91  ? 1393 LYS A NZ  1 
ATOM   673  N N   . ALA A 1 103 ? -8.558  2.483   12.490  1.00 8.85   ? 1394 ALA A N   1 
ATOM   674  C CA  . ALA A 1 103 ? -8.454  2.261   13.932  1.00 9.72   ? 1394 ALA A CA  1 
ATOM   675  C C   . ALA A 1 103 ? -8.253  3.588   14.660  1.00 10.12  ? 1394 ALA A C   1 
ATOM   676  O O   . ALA A 1 103 ? -8.802  3.744   15.799  1.00 11.27  ? 1394 ALA A O   1 
ATOM   677  C CB  . ALA A 1 103 ? -7.299  1.331   14.212  1.00 9.72   ? 1394 ALA A CB  1 
ATOM   678  N N   . TYR A 1 104 ? -7.522  4.542   14.093  1.00 9.26   ? 1395 TYR A N   1 
ATOM   679  C CA  . TYR A 1 104 ? -7.204  5.815   14.804  1.00 9.77   ? 1395 TYR A CA  1 
ATOM   680  C C   . TYR A 1 104 ? -8.343  6.835   14.691  1.00 9.54   ? 1395 TYR A C   1 
ATOM   681  O O   . TYR A 1 104 ? -8.490  7.755   15.558  1.00 9.45   ? 1395 TYR A O   1 
ATOM   682  C CB  . TYR A 1 104 ? -5.907  6.450   14.313  1.00 10.40  ? 1395 TYR A CB  1 
ATOM   683  C CG  . TYR A 1 104 ? -5.505  7.594   15.207  1.00 10.95  ? 1395 TYR A CG  1 
ATOM   684  C CD1 . TYR A 1 104 ? -5.129  7.404   16.528  1.00 11.27  ? 1395 TYR A CD1 1 
ATOM   685  C CD2 . TYR A 1 104 ? -5.545  8.889   14.715  1.00 12.25  ? 1395 TYR A CD2 1 
ATOM   686  C CE1 . TYR A 1 104 ? -4.834  8.478   17.369  1.00 11.85  ? 1395 TYR A CE1 1 
ATOM   687  C CE2 . TYR A 1 104 ? -5.268  9.962   15.551  1.00 13.84  ? 1395 TYR A CE2 1 
ATOM   688  C CZ  . TYR A 1 104 ? -4.859  9.751   16.845  1.00 12.96  ? 1395 TYR A CZ  1 
ATOM   689  O OH  . TYR A 1 104 ? -4.639  10.843  17.656  1.00 15.06  ? 1395 TYR A OH  1 
ATOM   690  N N   . THR A 1 105 ? -9.208  6.755   13.694  1.00 9.69   ? 1396 THR A N   1 
ATOM   691  C CA  . THR A 1 105 ? -10.152 7.849   13.432  1.00 9.92   ? 1396 THR A CA  1 
ATOM   692  C C   . THR A 1 105 ? -11.201 7.930   14.559  1.00 11.15  ? 1396 THR A C   1 
ATOM   693  O O   . THR A 1 105 ? -11.722 6.887   15.026  1.00 11.36  ? 1396 THR A O   1 
ATOM   694  C CB  . THR A 1 105 ? -10.837 7.715   12.064  1.00 9.18   ? 1396 THR A CB  1 
ATOM   695  O OG1 . THR A 1 105 ? -11.532 8.928   11.818  1.00 9.42   ? 1396 THR A OG1 1 
ATOM   696  C CG2 . THR A 1 105 ? -11.818 6.570   11.983  1.00 9.83   ? 1396 THR A CG2 1 
ATOM   697  N N   . PRO A 1 106 ? -11.534 9.143   15.065  1.00 11.64  ? 1397 PRO A N   1 
ATOM   698  C CA  . PRO A 1 106 ? -12.590 9.270   16.073  1.00 11.97  ? 1397 PRO A CA  1 
ATOM   699  C C   . PRO A 1 106 ? -14.015 9.227   15.491  1.00 12.03  ? 1397 PRO A C   1 
ATOM   700  O O   . PRO A 1 106 ? -14.972 9.265   16.282  1.00 11.76  ? 1397 PRO A O   1 
ATOM   701  C CB  . PRO A 1 106 ? -12.278 10.625  16.726  1.00 12.48  ? 1397 PRO A CB  1 
ATOM   702  C CG  . PRO A 1 106 ? -11.577 11.437  15.651  1.00 12.17  ? 1397 PRO A CG  1 
ATOM   703  C CD  . PRO A 1 106 ? -10.865 10.425  14.773  1.00 11.96  ? 1397 PRO A CD  1 
ATOM   704  N N   . SER A 1 107 ? -14.157 9.218   14.154  1.00 11.50  ? 1398 SER A N   1 
ATOM   705  C CA  . SER A 1 107 ? -15.455 9.208   13.464  1.00 12.01  ? 1398 SER A CA  1 
ATOM   706  C C   . SER A 1 107 ? -15.256 8.682   12.042  1.00 12.55  ? 1398 SER A C   1 
ATOM   707  O O   . SER A 1 107 ? -14.210 8.927   11.400  1.00 11.22  ? 1398 SER A O   1 
ATOM   708  C CB  . SER A 1 107 ? -15.969 10.628  13.402  1.00 13.66  ? 1398 SER A CB  1 
ATOM   709  O OG  . SER A 1 107 ? -16.985 10.730  12.450  1.00 17.54  ? 1398 SER A OG  1 
ATOM   710  N N   . LYS A 1 108 ? -16.277 8.017   11.509  1.00 13.32  ? 1399 LYS A N   1 
ATOM   711  C CA  . LYS A 1 108 ? -16.175 7.387   10.174  1.00 14.87  ? 1399 LYS A CA  1 
ATOM   712  C C   . LYS A 1 108 ? -16.480 8.438   9.100   1.00 14.98  ? 1399 LYS A C   1 
ATOM   713  O O   . LYS A 1 108 ? -16.418 8.071   7.913   1.00 15.25  ? 1399 LYS A O   1 
ATOM   714  C CB  . LYS A 1 108 ? -17.005 6.099   10.144  1.00 16.00  ? 1399 LYS A CB  1 
ATOM   715  C CG  . LYS A 1 108 ? -16.288 4.930   10.815  1.00 16.95  ? 1399 LYS A CG  1 
ATOM   716  C CD  . LYS A 1 108 ? -17.012 3.610   10.789  1.00 18.36  ? 1399 LYS A CD  1 
ATOM   717  C CE  . LYS A 1 108 ? -16.086 2.434   11.014  1.00 19.16  ? 1399 LYS A CE  1 
ATOM   718  N NZ  . LYS A 1 108 ? -16.785 1.151   10.782  1.00 20.50  ? 1399 LYS A NZ  1 
ATOM   719  N N   . ARG A 1 109 ? -16.724 9.705   9.484   1.00 15.27  ? 1400 ARG A N   1 
ATOM   720  C CA  . ARG A 1 109 ? -16.933 10.831  8.523   1.00 17.08  ? 1400 ARG A CA  1 
ATOM   721  C C   . ARG A 1 109 ? -15.745 11.808  8.521   1.00 14.90  ? 1400 ARG A C   1 
ATOM   722  O O   . ARG A 1 109 ? -15.825 12.813  7.789   1.00 17.32  ? 1400 ARG A O   1 
ATOM   723  C CB  . ARG A 1 109 ? -18.231 11.582  8.855   1.00 19.76  ? 1400 ARG A CB  1 
ATOM   724  C CG  . ARG A 1 109 ? -19.490 10.726  8.763   1.00 22.58  ? 1400 ARG A CG  1 
ATOM   725  C CD  . ARG A 1 109 ? -20.710 11.401  9.378   1.00 26.39  ? 1400 ARG A CD  1 
ATOM   726  N NE  . ARG A 1 109 ? -20.915 12.764  8.890   1.00 28.91  ? 1400 ARG A NE  1 
ATOM   727  C CZ  . ARG A 1 109 ? -20.525 13.888  9.506   1.00 30.27  ? 1400 ARG A CZ  1 
ATOM   728  N NH1 . ARG A 1 109 ? -19.894 13.849  10.670  1.00 32.40  ? 1400 ARG A NH1 1 
ATOM   729  N NH2 . ARG A 1 109 ? -20.768 15.061  8.945   1.00 30.25  ? 1400 ARG A NH2 1 
ATOM   730  N N   . SER A 1 110 ? -14.678 11.543  9.278   1.00 13.46  ? 1401 SER A N   1 
ATOM   731  C CA  . SER A 1 110 ? -13.521 12.469  9.421   1.00 11.43  ? 1401 SER A CA  1 
ATOM   732  C C   . SER A 1 110 ? -12.870 12.766  8.062   1.00 10.23  ? 1401 SER A C   1 
ATOM   733  O O   . SER A 1 110 ? -12.940 11.918  7.139   1.00 10.06  ? 1401 SER A O   1 
ATOM   734  C CB  . SER A 1 110 ? -12.526 11.956  10.425  1.00 11.57  ? 1401 SER A CB  1 
ATOM   735  O OG  . SER A 1 110 ? -11.522 11.150  9.831   1.00 12.15  ? 1401 SER A OG  1 
ATOM   736  N N   . ARG A 1 111 ? -12.234 13.932  7.922   1.00 9.63   ? 1402 ARG A N   1 
ATOM   737  C CA  . ARG A 1 111 ? -11.515 14.319  6.687   1.00 9.34   ? 1402 ARG A CA  1 
ATOM   738  C C   . ARG A 1 111 ? -10.482 13.242  6.336   1.00 8.70   ? 1402 ARG A C   1 
ATOM   739  O O   . ARG A 1 111 ? -10.522 12.701  5.211   1.00 9.11   ? 1402 ARG A O   1 
ATOM   740  C CB  . ARG A 1 111 ? -10.799 15.661  6.891   1.00 9.69   ? 1402 ARG A CB  1 
ATOM   741  C CG  . ARG A 1 111 ? -9.936  16.097  5.717   1.00 9.94   ? 1402 ARG A CG  1 
ATOM   742  C CD  . ARG A 1 111 ? -10.726 16.423  4.459   1.00 10.80  ? 1402 ARG A CD  1 
ATOM   743  N NE  . ARG A 1 111 ? -9.882  16.633  3.287   1.00 11.42  ? 1402 ARG A NE  1 
ATOM   744  C CZ  . ARG A 1 111 ? -9.400  17.800  2.847   1.00 11.58  ? 1402 ARG A CZ  1 
ATOM   745  N NH1 . ARG A 1 111 ? -9.688  18.942  3.450   1.00 12.56  ? 1402 ARG A NH1 1 
ATOM   746  N NH2 . ARG A 1 111 ? -8.617  17.817  1.779   1.00 12.36  ? 1402 ARG A NH2 1 
ATOM   747  N N   . ILE A 1 112 ? -9.536  12.995  7.228   1.00 7.81   ? 1403 ILE A N   1 
ATOM   748  C CA  . ILE A 1 112 ? -8.358  12.130  6.902   1.00 7.85   ? 1403 ILE A CA  1 
ATOM   749  C C   . ILE A 1 112 ? -8.827  10.681  6.691   1.00 7.50   ? 1403 ILE A C   1 
ATOM   750  O O   . ILE A 1 112 ? -8.347  10.032  5.730   1.00 7.44   ? 1403 ILE A O   1 
ATOM   751  C CB  . ILE A 1 112 ? -7.239  12.296  7.956   1.00 7.77   ? 1403 ILE A CB  1 
ATOM   752  C CG1 . ILE A 1 112 ? -6.616  13.696  7.844   1.00 8.01   ? 1403 ILE A CG1 1 
ATOM   753  C CG2 . ILE A 1 112 ? -6.180  11.198  7.810   1.00 8.02   ? 1403 ILE A CG2 1 
ATOM   754  C CD1 . ILE A 1 112 ? -5.837  14.156  9.062   1.00 8.10   ? 1403 ILE A CD1 1 
ATOM   755  N N   . TYR A 1 113 ? -9.762  10.156  7.483   1.00 7.82   ? 1404 TYR A N   1 
ATOM   756  C CA  . TYR A 1 113 ? -10.274 8.786   7.231   1.00 8.10   ? 1404 TYR A CA  1 
ATOM   757  C C   . TYR A 1 113 ? -10.976 8.757   5.871   1.00 8.28   ? 1404 TYR A C   1 
ATOM   758  O O   . TYR A 1 113 ? -10.780 7.795   5.110   1.00 7.76   ? 1404 TYR A O   1 
ATOM   759  C CB  . TYR A 1 113 ? -11.213 8.330   8.344   1.00 8.53   ? 1404 TYR A CB  1 
ATOM   760  C CG  . TYR A 1 113 ? -11.817 6.962   8.125   1.00 8.80   ? 1404 TYR A CG  1 
ATOM   761  C CD1 . TYR A 1 113 ? -11.015 5.836   8.005   1.00 9.18   ? 1404 TYR A CD1 1 
ATOM   762  C CD2 . TYR A 1 113 ? -13.190 6.796   8.007   1.00 9.29   ? 1404 TYR A CD2 1 
ATOM   763  C CE1 . TYR A 1 113 ? -11.561 4.579   7.775   1.00 9.40   ? 1404 TYR A CE1 1 
ATOM   764  C CE2 . TYR A 1 113 ? -13.745 5.548   7.803   1.00 9.77   ? 1404 TYR A CE2 1 
ATOM   765  C CZ  . TYR A 1 113 ? -12.934 4.430   7.693   1.00 9.80   ? 1404 TYR A CZ  1 
ATOM   766  O OH  . TYR A 1 113 ? -13.505 3.196   7.507   1.00 10.31  ? 1404 TYR A OH  1 
ATOM   767  N N   A SER A 1 114 ? -11.749 9.787   5.516   0.30 8.61   ? 1405 SER A N   1 
ATOM   768  N N   B SER A 1 114 ? -11.760 9.763   5.511   0.30 8.64   ? 1405 SER A N   1 
ATOM   769  C CA  A SER A 1 114 ? -12.480 9.833   4.217   0.30 9.12   ? 1405 SER A CA  1 
ATOM   770  C CA  B SER A 1 114 ? -12.484 9.768   4.210   0.30 9.14   ? 1405 SER A CA  1 
ATOM   771  C C   A SER A 1 114 ? -11.481 9.769   3.048   0.30 9.06   ? 1405 SER A C   1 
ATOM   772  C C   B SER A 1 114 ? -11.482 9.760   3.038   0.30 9.08   ? 1405 SER A C   1 
ATOM   773  O O   A SER A 1 114 ? -11.759 9.103   2.014   0.30 9.20   ? 1405 SER A O   1 
ATOM   774  O O   B SER A 1 114 ? -11.753 9.116   1.989   0.30 9.16   ? 1405 SER A O   1 
ATOM   775  C CB  A SER A 1 114 ? -13.379 11.050  4.105   0.30 9.37   ? 1405 SER A CB  1 
ATOM   776  C CB  B SER A 1 114 ? -13.440 10.926  4.117   0.30 9.41   ? 1405 SER A CB  1 
ATOM   777  O OG  A SER A 1 114 ? -12.640 12.240  3.832   0.30 10.38  ? 1405 SER A OG  1 
ATOM   778  O OG  B SER A 1 114 ? -14.446 10.819  5.113   0.30 10.69  ? 1405 SER A OG  1 
ATOM   779  N N   . MET A 1 115 ? -10.348 10.452  3.168   1.00 8.67   ? 1406 MET A N   1 
ATOM   780  C CA  . MET A 1 115 ? -9.247  10.426  2.173   1.00 8.85   ? 1406 MET A CA  1 
ATOM   781  C C   . MET A 1 115 ? -8.698  8.993   2.084   1.00 8.44   ? 1406 MET A C   1 
ATOM   782  O O   . MET A 1 115 ? -8.462  8.482   0.946   1.00 8.29   ? 1406 MET A O   1 
ATOM   783  C CB  . MET A 1 115 ? -8.155  11.420  2.578   1.00 9.15   ? 1406 MET A CB  1 
ATOM   784  C CG  . MET A 1 115 ? -8.622  12.877  2.513   1.00 9.55   ? 1406 MET A CG  1 
ATOM   785  S SD  . MET A 1 115 ? -7.564  14.056  3.414   1.00 9.81   ? 1406 MET A SD  1 
ATOM   786  C CE  . MET A 1 115 ? -6.160  14.096  2.311   1.00 10.25  ? 1406 MET A CE  1 
ATOM   787  N N   . SER A 1 116 ? -8.538  8.313   3.224   1.00 8.27   ? 1407 SER A N   1 
ATOM   788  C CA  . SER A 1 116 ? -7.997  6.928   3.243   1.00 8.04   ? 1407 SER A CA  1 
ATOM   789  C C   . SER A 1 116 ? -8.946  6.002   2.446   1.00 7.88   ? 1407 SER A C   1 
ATOM   790  O O   . SER A 1 116 ? -8.467  5.099   1.737   1.00 8.31   ? 1407 SER A O   1 
ATOM   791  C CB  . SER A 1 116 ? -7.775  6.405   4.668   1.00 8.66   ? 1407 SER A CB  1 
ATOM   792  O OG  . SER A 1 116 ? -8.938  5.832   5.257   1.00 8.91   ? 1407 SER A OG  1 
ATOM   793  N N   . LEU A 1 117 ? -10.259 6.159   2.545   1.00 8.11   ? 1408 LEU A N   1 
ATOM   794  C CA  . LEU A 1 117 ? -11.176 5.225   1.870   1.00 8.37   ? 1408 LEU A CA  1 
ATOM   795  C C   . LEU A 1 117 ? -11.109 5.439   0.360   1.00 8.39   ? 1408 LEU A C   1 
ATOM   796  O O   . LEU A 1 117 ? -11.174 4.425   -0.380  1.00 8.15   ? 1408 LEU A O   1 
ATOM   797  C CB  . LEU A 1 117 ? -12.611 5.426   2.373   1.00 9.20   ? 1408 LEU A CB  1 
ATOM   798  C CG  . LEU A 1 117 ? -12.885 5.009   3.807   1.00 10.28  ? 1408 LEU A CG  1 
ATOM   799  C CD1 . LEU A 1 117 ? -14.346 5.244   4.153   1.00 12.05  ? 1408 LEU A CD1 1 
ATOM   800  C CD2 . LEU A 1 117 ? -12.491 3.554   4.061   1.00 11.42  ? 1408 LEU A CD2 1 
ATOM   801  N N   . ARG A 1 118 ? -11.001 6.686   -0.119  1.00 8.37   ? 1409 ARG A N   1 
ATOM   802  C CA  . ARG A 1 118 ? -10.897 6.911   -1.574  1.00 8.56   ? 1409 ARG A CA  1 
ATOM   803  C C   . ARG A 1 118 ? -9.569  6.348   -2.078  1.00 7.77   ? 1409 ARG A C   1 
ATOM   804  O O   . ARG A 1 118 ? -9.513  5.648   -3.129  1.00 8.87   ? 1409 ARG A O   1 
ATOM   805  C CB  . ARG A 1 118 ? -11.009 8.392   -1.947  1.00 8.68   ? 1409 ARG A CB  1 
ATOM   806  C CG  . ARG A 1 118 ? -12.400 8.988   -1.707  1.00 9.14   ? 1409 ARG A CG  1 
ATOM   807  C CD  . ARG A 1 118 ? -12.474 10.396  -2.315  1.00 10.08  ? 1409 ARG A CD  1 
ATOM   808  N NE  . ARG A 1 118 ? -11.625 11.346  -1.643  1.00 10.38  ? 1409 ARG A NE  1 
ATOM   809  C CZ  . ARG A 1 118 ? -11.979 12.191  -0.689  1.00 11.49  ? 1409 ARG A CZ  1 
ATOM   810  N NH1 . ARG A 1 118 ? -13.203 12.199  -0.231  1.00 12.87  ? 1409 ARG A NH1 1 
ATOM   811  N NH2 . ARG A 1 118 ? -11.049 12.992  -0.165  1.00 13.56  ? 1409 ARG A NH2 1 
ATOM   812  N N   . LEU A 1 119 ? -8.482  6.575   -1.335  1.00 7.78   ? 1410 LEU A N   1 
ATOM   813  C CA  . LEU A 1 119 ? -7.160  6.101   -1.780  1.00 7.97   ? 1410 LEU A CA  1 
ATOM   814  C C   . LEU A 1 119 ? -7.102  4.575   -1.774  1.00 7.46   ? 1410 LEU A C   1 
ATOM   815  O O   . LEU A 1 119 ? -6.495  3.983   -2.704  1.00 7.64   ? 1410 LEU A O   1 
ATOM   816  C CB  . LEU A 1 119 ? -6.074  6.710   -0.900  1.00 8.94   ? 1410 LEU A CB  1 
ATOM   817  C CG  . LEU A 1 119 ? -4.655  6.609   -1.457  1.00 10.01  ? 1410 LEU A CG  1 
ATOM   818  C CD1 . LEU A 1 119 ? -4.526  7.572   -2.667  1.00 10.94  ? 1410 LEU A CD1 1 
ATOM   819  C CD2 . LEU A 1 119 ? -3.664  7.022   -0.388  1.00 10.36  ? 1410 LEU A CD2 1 
ATOM   820  N N   . SER A 1 120 ? -7.754  3.929   -0.803  1.00 7.44   ? 1411 SER A N   1 
ATOM   821  C CA  . SER A 1 120 ? -7.818  2.452   -0.724  1.00 8.05   ? 1411 SER A CA  1 
ATOM   822  C C   . SER A 1 120 ? -8.554  1.916   -1.952  1.00 8.05   ? 1411 SER A C   1 
ATOM   823  O O   . SER A 1 120 ? -8.081  0.934   -2.564  1.00 7.35   ? 1411 SER A O   1 
ATOM   824  C CB  . SER A 1 120 ? -8.508  2.049   0.545   1.00 9.05   ? 1411 SER A CB  1 
ATOM   825  O OG  . SER A 1 120 ? -8.733  0.625   0.569   1.00 9.88   ? 1411 SER A OG  1 
ATOM   826  N N   . ALA A 1 121 ? -9.670  2.503   -2.369  1.00 7.37   ? 1412 ALA A N   1 
ATOM   827  C CA  . ALA A 1 121 ? -10.421 2.035   -3.557  1.00 7.65   ? 1412 ALA A CA  1 
ATOM   828  C C   . ALA A 1 121 ? -9.559  2.157   -4.805  1.00 7.67   ? 1412 ALA A C   1 
ATOM   829  O O   . ALA A 1 121 ? -9.523  1.243   -5.661  1.00 8.00   ? 1412 ALA A O   1 
ATOM   830  C CB  . ALA A 1 121 ? -11.678 2.849   -3.723  1.00 8.05   ? 1412 ALA A CB  1 
ATOM   831  N N   . PHE A 1 122 ? -8.808  3.264   -4.943  1.00 7.83   ? 1413 PHE A N   1 
ATOM   832  C CA  . PHE A 1 122 ? -7.904  3.451   -6.096  1.00 8.29   ? 1413 PHE A CA  1 
ATOM   833  C C   . PHE A 1 122 ? -6.804  2.384   -6.072  1.00 7.88   ? 1413 PHE A C   1 
ATOM   834  O O   . PHE A 1 122 ? -6.482  1.747   -7.096  1.00 8.87   ? 1413 PHE A O   1 
ATOM   835  C CB  . PHE A 1 122 ? -7.304  4.852   -6.029  1.00 8.92   ? 1413 PHE A CB  1 
ATOM   836  C CG  . PHE A 1 122 ? -6.286  5.143   -7.098  1.00 10.24  ? 1413 PHE A CG  1 
ATOM   837  C CD1 . PHE A 1 122 ? -6.662  5.527   -8.380  1.00 12.17  ? 1413 PHE A CD1 1 
ATOM   838  C CD2 . PHE A 1 122 ? -4.926  5.088   -6.829  1.00 11.75  ? 1413 PHE A CD2 1 
ATOM   839  C CE1 . PHE A 1 122 ? -5.701  5.767   -9.364  1.00 13.46  ? 1413 PHE A CE1 1 
ATOM   840  C CE2 . PHE A 1 122 ? -3.974  5.353   -7.806  1.00 12.05  ? 1413 PHE A CE2 1 
ATOM   841  C CZ  . PHE A 1 122 ? -4.364  5.724   -9.072  1.00 13.97  ? 1413 PHE A CZ  1 
ATOM   842  N N   . PHE A 1 123 ? -6.167  2.175   -4.905  1.00 7.95   ? 1414 PHE A N   1 
ATOM   843  C CA  . PHE A 1 123 ? -5.099  1.149   -4.777  1.00 8.34   ? 1414 PHE A CA  1 
ATOM   844  C C   . PHE A 1 123 ? -5.631  -0.251  -5.145  1.00 7.37   ? 1414 PHE A C   1 
ATOM   845  O O   . PHE A 1 123 ? -4.978  -0.973  -5.930  1.00 7.58   ? 1414 PHE A O   1 
ATOM   846  C CB  . PHE A 1 123 ? -4.497  1.157   -3.350  1.00 8.23   ? 1414 PHE A CB  1 
ATOM   847  C CG  . PHE A 1 123 ? -3.521  0.027   -3.117  1.00 8.65   ? 1414 PHE A CG  1 
ATOM   848  C CD1 . PHE A 1 123 ? -2.246  0.100   -3.643  1.00 8.26   ? 1414 PHE A CD1 1 
ATOM   849  C CD2 . PHE A 1 123 ? -3.912  -1.123  -2.419  1.00 8.19   ? 1414 PHE A CD2 1 
ATOM   850  C CE1 . PHE A 1 123 ? -1.343  -0.954  -3.439  1.00 8.22   ? 1414 PHE A CE1 1 
ATOM   851  C CE2 . PHE A 1 123 ? -3.006  -2.173  -2.250  1.00 9.51   ? 1414 PHE A CE2 1 
ATOM   852  C CZ  . PHE A 1 123 ? -1.748  -2.073  -2.747  1.00 8.55   ? 1414 PHE A CZ  1 
ATOM   853  N N   . GLU A 1 124 ? -6.770  -0.671  -4.607  1.00 7.26   ? 1415 GLU A N   1 
ATOM   854  C CA  . GLU A 1 124 ? -7.298  -2.030  -4.847  1.00 8.73   ? 1415 GLU A CA  1 
ATOM   855  C C   . GLU A 1 124 ? -7.667  -2.203  -6.316  1.00 8.57   ? 1415 GLU A C   1 
ATOM   856  O O   . GLU A 1 124 ? -7.389  -3.273  -6.899  1.00 10.34  ? 1415 GLU A O   1 
ATOM   857  C CB  . GLU A 1 124 ? -8.487  -2.328  -3.932  1.00 9.44   ? 1415 GLU A CB  1 
ATOM   858  C CG  . GLU A 1 124 ? -8.129  -2.403  -2.446  1.00 10.13  ? 1415 GLU A CG  1 
ATOM   859  C CD  . GLU A 1 124 ? -7.215  -3.557  -2.044  1.00 10.95  ? 1415 GLU A CD  1 
ATOM   860  O OE1 . GLU A 1 124 ? -7.176  -4.584  -2.757  1.00 13.66  ? 1415 GLU A OE1 1 
ATOM   861  O OE2 . GLU A 1 124 ? -6.458  -3.411  -1.060  1.00 11.62  ? 1415 GLU A OE2 1 
ATOM   862  N N   . GLU A 1 125 ? -8.130  -1.144  -6.984  1.00 9.06   ? 1416 GLU A N   1 
ATOM   863  C CA  . GLU A 1 125 ? -8.495  -1.221  -8.421  1.00 9.55   ? 1416 GLU A CA  1 
ATOM   864  C C   . GLU A 1 125 ? -7.249  -1.514  -9.238  1.00 9.22   ? 1416 GLU A C   1 
ATOM   865  O O   . GLU A 1 125 ? -7.327  -2.294  -10.221 1.00 10.76  ? 1416 GLU A O   1 
ATOM   866  C CB  . GLU A 1 125 ? -9.055  0.141   -8.805  1.00 9.70   ? 1416 GLU A CB  1 
ATOM   867  C CG  . GLU A 1 125 ? -9.376  0.389   -10.268 1.00 10.37  ? 1416 GLU A CG  1 
ATOM   868  C CD  . GLU A 1 125 ? -10.055 1.741   -10.476 1.00 11.06  ? 1416 GLU A CD  1 
ATOM   869  O OE1 . GLU A 1 125 ? -11.197 1.920   -9.934  1.00 11.90  ? 1416 GLU A OE1 1 
ATOM   870  O OE2 . GLU A 1 125 ? -9.399  2.655   -11.041 1.00 12.56  ? 1416 GLU A OE2 1 
ATOM   871  N N   . HIS A 1 126 ? -6.128  -0.921  -8.886  1.00 9.08   ? 1417 HIS A N   1 
ATOM   872  C CA  . HIS A 1 126 ? -4.864  -1.029  -9.649  1.00 11.28  ? 1417 HIS A CA  1 
ATOM   873  C C   . HIS A 1 126 ? -4.001  -2.238  -9.251  1.00 10.31  ? 1417 HIS A C   1 
ATOM   874  O O   . HIS A 1 126 ? -3.297  -2.792  -10.151 1.00 11.60  ? 1417 HIS A O   1 
ATOM   875  C CB  . HIS A 1 126 ? -4.082  0.282   -9.534  1.00 11.69  ? 1417 HIS A CB  1 
ATOM   876  C CG  . HIS A 1 126 ? -4.650  1.382   -10.367 1.00 15.13  ? 1417 HIS A CG  1 
ATOM   877  N ND1 . HIS A 1 126 ? -5.779  2.067   -10.024 1.00 16.36  ? 1417 HIS A ND1 1 
ATOM   878  C CD2 . HIS A 1 126 ? -4.193  1.902   -11.522 1.00 20.03  ? 1417 HIS A CD2 1 
ATOM   879  C CE1 . HIS A 1 126 ? -6.057  2.930   -11.001 1.00 19.65  ? 1417 HIS A CE1 1 
ATOM   880  N NE2 . HIS A 1 126 ? -5.087  2.878   -11.891 1.00 22.47  ? 1417 HIS A NE2 1 
ATOM   881  N N   . ILE A 1 127 ? -4.033  -2.696  -7.998  1.00 9.47   ? 1418 ILE A N   1 
ATOM   882  C CA  . ILE A 1 127 ? -3.151  -3.798  -7.543  1.00 9.64   ? 1418 ILE A CA  1 
ATOM   883  C C   . ILE A 1 127 ? -3.670  -5.170  -8.000  1.00 10.03  ? 1418 ILE A C   1 
ATOM   884  O O   . ILE A 1 127 ? -2.897  -6.124  -8.094  1.00 9.25   ? 1418 ILE A O   1 
ATOM   885  C CB  . ILE A 1 127 ? -2.939  -3.774  -6.008  1.00 9.22   ? 1418 ILE A CB  1 
ATOM   886  C CG1 . ILE A 1 127 ? -1.644  -4.485  -5.558  1.00 9.84   ? 1418 ILE A CG1 1 
ATOM   887  C CG2 . ILE A 1 127 ? -4.150  -4.362  -5.271  1.00 10.10  ? 1418 ILE A CG2 1 
ATOM   888  C CD1 . ILE A 1 127 ? -0.421  -3.899  -6.095  1.00 10.62  ? 1418 ILE A CD1 1 
ATOM   889  N N   A SER A 1 128 ? -4.959  -5.290  -8.320  0.25 9.76   ? 1419 SER A N   1 
ATOM   890  N N   B SER A 1 128 ? -4.967  -5.258  -8.317  0.25 10.13  ? 1419 SER A N   1 
ATOM   891  C CA  A SER A 1 128 ? -5.578  -6.601  -8.646  0.25 10.01  ? 1419 SER A CA  1 
ATOM   892  C CA  B SER A 1 128 ? -5.661  -6.510  -8.726  0.25 10.62  ? 1419 SER A CA  1 
ATOM   893  C C   A SER A 1 128 ? -4.864  -7.257  -9.845  0.25 9.56   ? 1419 SER A C   1 
ATOM   894  C C   B SER A 1 128 ? -4.873  -7.224  -9.834  0.25 9.91   ? 1419 SER A C   1 
ATOM   895  O O   A SER A 1 128 ? -4.545  -8.451  -9.737  0.25 9.21   ? 1419 SER A O   1 
ATOM   896  O O   B SER A 1 128 ? -4.546  -8.407  -9.659  0.25 9.62   ? 1419 SER A O   1 
ATOM   897  C CB  A SER A 1 128 ? -7.061  -6.466  -8.860  0.25 10.47  ? 1419 SER A CB  1 
ATOM   898  C CB  B SER A 1 128 ? -7.078  -6.228  -9.166  0.25 11.48  ? 1419 SER A CB  1 
ATOM   899  O OG  A SER A 1 128 ? -7.330  -5.491  -9.843  0.25 11.22  ? 1419 SER A OG  1 
ATOM   900  O OG  B SER A 1 128 ? -7.707  -7.431  -9.581  0.25 13.57  ? 1419 SER A OG  1 
ATOM   901  N N   . SER A 1 129 ? -4.564  -6.522  -10.924 1.00 9.45   ? 1420 SER A N   1 
ATOM   902  C CA  . SER A 1 129 ? -3.894  -7.117  -12.106 1.00 10.40  ? 1420 SER A CA  1 
ATOM   903  C C   . SER A 1 129 ? -2.442  -7.471  -11.767 1.00 9.26   ? 1420 SER A C   1 
ATOM   904  O O   . SER A 1 129 ? -1.894  -8.461  -12.282 1.00 8.96   ? 1420 SER A O   1 
ATOM   905  C CB  . SER A 1 129 ? -3.989  -6.275  -13.334 1.00 12.28  ? 1420 SER A CB  1 
ATOM   906  O OG  . SER A 1 129 ? -3.392  -5.001  -13.193 1.00 18.14  ? 1420 SER A OG  1 
ATOM   907  N N   . VAL A 1 130 ? -1.786  -6.641  -10.953 1.00 8.44   ? 1421 VAL A N   1 
ATOM   908  C CA  . VAL A 1 130 ? -0.390  -6.903  -10.519 1.00 8.95   ? 1421 VAL A CA  1 
ATOM   909  C C   . VAL A 1 130 ? -0.324  -8.250  -9.796  1.00 8.65   ? 1421 VAL A C   1 
ATOM   910  O O   . VAL A 1 130 ? 0.555   -9.115  -10.101 1.00 9.07   ? 1421 VAL A O   1 
ATOM   911  C CB  . VAL A 1 130 ? 0.124   -5.772  -9.648  1.00 8.22   ? 1421 VAL A CB  1 
ATOM   912  C CG1 . VAL A 1 130 ? 1.546   -6.087  -9.180  1.00 8.69   ? 1421 VAL A CG1 1 
ATOM   913  C CG2 . VAL A 1 130 ? 0.108   -4.448  -10.393 1.00 8.44   ? 1421 VAL A CG2 1 
ATOM   914  N N   . LEU A 1 131 ? -1.229  -8.507  -8.866  1.00 8.95   ? 1422 LEU A N   1 
ATOM   915  C CA  . LEU A 1 131 ? -1.249  -9.776  -8.108  1.00 8.68   ? 1422 LEU A CA  1 
ATOM   916  C C   . LEU A 1 131 ? -1.595  -10.956 -9.027  1.00 9.09   ? 1422 LEU A C   1 
ATOM   917  O O   . LEU A 1 131 ? -0.935  -12.011 -8.975  1.00 8.96   ? 1422 LEU A O   1 
ATOM   918  C CB  . LEU A 1 131 ? -2.288  -9.682  -6.983  1.00 9.40   ? 1422 LEU A CB  1 
ATOM   919  C CG  . LEU A 1 131 ? -1.986  -8.681  -5.863  1.00 10.34  ? 1422 LEU A CG  1 
ATOM   920  C CD1 . LEU A 1 131 ? -3.189  -8.438  -4.980  1.00 11.69  ? 1422 LEU A CD1 1 
ATOM   921  C CD2 . LEU A 1 131 ? -0.782  -9.092  -5.034  1.00 12.09  ? 1422 LEU A CD2 1 
ATOM   922  N N   A SER A 1 132 ? -2.623  -10.796 -9.864  0.40 9.32   ? 1423 SER A N   1 
ATOM   923  N N   B SER A 1 132 ? -2.617  -10.768 -9.859  0.10 9.33   ? 1423 SER A N   1 
ATOM   924  C CA  A SER A 1 132 ? -3.069  -11.880 -10.789 0.40 9.57   ? 1423 SER A CA  1 
ATOM   925  C CA  B SER A 1 132 ? -3.114  -11.796 -10.805 0.10 9.60   ? 1423 SER A CA  1 
ATOM   926  C C   A SER A 1 132 ? -1.906  -12.267 -11.704 0.40 9.44   ? 1423 SER A C   1 
ATOM   927  C C   B SER A 1 132 ? -1.985  -12.233 -11.747 0.10 9.49   ? 1423 SER A C   1 
ATOM   928  O O   A SER A 1 132 ? -1.644  -13.478 -11.881 0.40 9.50   ? 1423 SER A O   1 
ATOM   929  O O   B SER A 1 132 ? -1.821  -13.450 -11.955 0.10 9.53   ? 1423 SER A O   1 
ATOM   930  C CB  A SER A 1 132 ? -4.265  -11.479 -11.624 0.40 10.23  ? 1423 SER A CB  1 
ATOM   931  C CB  B SER A 1 132 ? -4.291  -11.281 -11.572 0.10 9.98   ? 1423 SER A CB  1 
ATOM   932  O OG  A SER A 1 132 ? -5.400  -11.321 -10.806 0.40 11.23  ? 1423 SER A OG  1 
ATOM   933  O OG  B SER A 1 132 ? -5.053  -12.369 -12.047 0.10 10.65  ? 1423 SER A OG  1 
ATOM   934  N N   . ASP A 1 133 ? -1.240  -11.269 -12.297 1.00 9.34   ? 1424 ASP A N   1 
ATOM   935  C CA  . ASP A 1 133 ? -0.167  -11.572 -13.280 1.00 9.25   ? 1424 ASP A CA  1 
ATOM   936  C C   . ASP A 1 133 ? 0.988   -12.256 -12.572 1.00 8.92   ? 1424 ASP A C   1 
ATOM   937  O O   . ASP A 1 133 ? 1.607   -13.203 -13.115 1.00 9.50   ? 1424 ASP A O   1 
ATOM   938  C CB  . ASP A 1 133 ? 0.329   -10.327 -14.006 1.00 10.63  ? 1424 ASP A CB  1 
ATOM   939  C CG  . ASP A 1 133 ? -0.636  -9.737  -15.018 1.00 14.04  ? 1424 ASP A CG  1 
ATOM   940  O OD1 . ASP A 1 133 ? -1.719  -10.318 -15.262 1.00 14.93  ? 1424 ASP A OD1 1 
ATOM   941  O OD2 . ASP A 1 133 ? -0.259  -8.692  -15.604 1.00 21.02  ? 1424 ASP A OD2 1 
ATOM   942  N N   . TYR A 1 134 ? 1.342   -11.819 -11.372 1.00 8.45   ? 1425 TYR A N   1 
ATOM   943  C CA  . TYR A 1 134 ? 2.451   -12.436 -10.607 1.00 7.94   ? 1425 TYR A CA  1 
ATOM   944  C C   . TYR A 1 134 ? 2.124   -13.895 -10.312 1.00 8.07   ? 1425 TYR A C   1 
ATOM   945  O O   . TYR A 1 134 ? 2.954   -14.818 -10.504 1.00 8.45   ? 1425 TYR A O   1 
ATOM   946  C CB  . TYR A 1 134 ? 2.776   -11.655 -9.313  1.00 8.21   ? 1425 TYR A CB  1 
ATOM   947  C CG  . TYR A 1 134 ? 3.803   -12.314 -8.447  1.00 8.94   ? 1425 TYR A CG  1 
ATOM   948  C CD1 . TYR A 1 134 ? 5.146   -12.217 -8.788  1.00 9.83   ? 1425 TYR A CD1 1 
ATOM   949  C CD2 . TYR A 1 134 ? 3.453   -13.104 -7.371  1.00 10.20  ? 1425 TYR A CD2 1 
ATOM   950  C CE1 . TYR A 1 134 ? 6.127   -12.787 -8.009  1.00 11.61  ? 1425 TYR A CE1 1 
ATOM   951  C CE2 . TYR A 1 134 ? 4.420   -13.658 -6.566  1.00 11.66  ? 1425 TYR A CE2 1 
ATOM   952  C CZ  . TYR A 1 134 ? 5.754   -13.545 -6.915  1.00 12.07  ? 1425 TYR A CZ  1 
ATOM   953  O OH  . TYR A 1 134 ? 6.707   -14.133 -6.117  1.00 14.80  ? 1425 TYR A OH  1 
ATOM   954  N N   . LYS A 1 135 ? 0.934   -14.153 -9.793  1.00 8.41   ? 1426 LYS A N   1 
ATOM   955  C CA  . LYS A 1 135 ? 0.580   -15.534 -9.374  1.00 8.82   ? 1426 LYS A CA  1 
ATOM   956  C C   . LYS A 1 135 ? 0.527   -16.454 -10.606 1.00 8.89   ? 1426 LYS A C   1 
ATOM   957  O O   . LYS A 1 135 ? 0.958   -17.586 -10.528 1.00 8.30   ? 1426 LYS A O   1 
ATOM   958  C CB  . LYS A 1 135 ? -0.716  -15.498 -8.553  1.00 9.86   ? 1426 LYS A CB  1 
ATOM   959  C CG  . LYS A 1 135 ? -0.564  -14.805 -7.195  1.00 10.80  ? 1426 LYS A CG  1 
ATOM   960  C CD  . LYS A 1 135 ? -1.887  -14.695 -6.434  1.00 12.64  ? 1426 LYS A CD  1 
ATOM   961  C CE  . LYS A 1 135 ? -1.744  -14.018 -5.090  1.00 15.90  ? 1426 LYS A CE  1 
ATOM   962  N NZ  . LYS A 1 135 ? -2.965  -14.229 -4.273  1.00 21.44  ? 1426 LYS A NZ  1 
ATOM   963  N N   A SER A 1 136 ? 0.010   -15.939 -11.718 0.40 8.38   ? 1427 SER A N   1 
ATOM   964  N N   B SER A 1 136 ? 0.031   -15.955 -11.737 0.10 8.71   ? 1427 SER A N   1 
ATOM   965  C CA  A SER A 1 136 ? -0.026  -16.660 -13.018 0.40 9.31   ? 1427 SER A CA  1 
ATOM   966  C CA  B SER A 1 136 ? -0.035  -16.752 -12.990 0.10 8.99   ? 1427 SER A CA  1 
ATOM   967  C C   A SER A 1 136 ? 1.404   -17.005 -13.452 0.40 9.17   ? 1427 SER A C   1 
ATOM   968  C C   B SER A 1 136 ? 1.383   -16.985 -13.537 0.10 9.21   ? 1427 SER A C   1 
ATOM   969  O O   A SER A 1 136 ? 1.672   -18.153 -13.883 0.40 8.24   ? 1427 SER A O   1 
ATOM   970  O O   B SER A 1 136 ? 1.619   -18.081 -14.086 0.10 9.09   ? 1427 SER A O   1 
ATOM   971  C CB  A SER A 1 136 ? -0.703  -15.828 -14.058 0.40 9.74   ? 1427 SER A CB  1 
ATOM   972  C CB  B SER A 1 136 ? -0.969  -16.137 -13.997 0.10 8.96   ? 1427 SER A CB  1 
ATOM   973  O OG  A SER A 1 136 ? -0.515  -16.392 -15.355 0.40 12.71  ? 1427 SER A OG  1 
ATOM   974  O OG  B SER A 1 136 ? -0.441  -14.945 -14.548 0.10 9.06   ? 1427 SER A OG  1 
ATOM   975  N N   . ALA A 1 137 ? 2.316   -16.040 -13.346 1.00 9.44   ? 1428 ALA A N   1 
ATOM   976  C CA  . ALA A 1 137 ? 3.729   -16.235 -13.751 1.00 10.20  ? 1428 ALA A CA  1 
ATOM   977  C C   . ALA A 1 137 ? 4.382   -17.320 -12.906 1.00 10.85  ? 1428 ALA A C   1 
ATOM   978  O O   . ALA A 1 137 ? 5.139   -18.163 -13.447 1.00 11.07  ? 1428 ALA A O   1 
ATOM   979  C CB  . ALA A 1 137 ? 4.525   -14.938 -13.665 1.00 11.81  ? 1428 ALA A CB  1 
ATOM   980  N N   . LEU A 1 138 ? 4.166   -17.354 -11.586 1.00 10.72  ? 1429 LEU A N   1 
ATOM   981  C CA  . LEU A 1 138 ? 4.767   -18.414 -10.741 1.00 11.47  ? 1429 LEU A CA  1 
ATOM   982  C C   . LEU A 1 138 ? 4.138   -19.761 -11.092 1.00 11.12  ? 1429 LEU A C   1 
ATOM   983  O O   . LEU A 1 138 ? 4.869   -20.763 -11.128 1.00 11.06  ? 1429 LEU A O   1 
ATOM   984  C CB  . LEU A 1 138 ? 4.590   -18.112 -9.253  1.00 12.97  ? 1429 LEU A CB  1 
ATOM   985  C CG  . LEU A 1 138 ? 5.639   -17.192 -8.647  1.00 13.42  ? 1429 LEU A CG  1 
ATOM   986  C CD1 . LEU A 1 138 ? 5.347   -17.027 -7.174  1.00 14.39  ? 1429 LEU A CD1 1 
ATOM   987  C CD2 . LEU A 1 138 ? 7.052   -17.731 -8.870  1.00 13.40  ? 1429 LEU A CD2 1 
ATOM   988  N N   . ARG A 1 139 ? 2.832   -19.799 -11.373 1.00 10.11  ? 1430 ARG A N   1 
ATOM   989  C CA  . ARG A 1 139 ? 2.220   -21.082 -11.735 1.00 9.84   ? 1430 ARG A CA  1 
ATOM   990  C C   . ARG A 1 139 ? 2.871   -21.578 -13.041 1.00 9.12   ? 1430 ARG A C   1 
ATOM   991  O O   . ARG A 1 139 ? 3.178   -22.783 -13.150 1.00 10.20  ? 1430 ARG A O   1 
ATOM   992  C CB  . ARG A 1 139 ? 0.707   -20.983 -11.891 1.00 10.03  ? 1430 ARG A CB  1 
ATOM   993  C CG  . ARG A 1 139 ? -0.053  -20.797 -10.575 1.00 9.80   ? 1430 ARG A CG  1 
ATOM   994  C CD  . ARG A 1 139 ? -1.562  -20.885 -10.762 1.00 10.00  ? 1430 ARG A CD  1 
ATOM   995  N NE  . ARG A 1 139 ? -2.185  -19.874 -11.568 1.00 10.37  ? 1430 ARG A NE  1 
ATOM   996  C CZ  . ARG A 1 139 ? -2.712  -18.743 -11.135 1.00 9.26   ? 1430 ARG A CZ  1 
ATOM   997  N NH1 . ARG A 1 139 ? -2.592  -18.382 -9.862  1.00 9.97   ? 1430 ARG A NH1 1 
ATOM   998  N NH2 . ARG A 1 139 ? -3.319  -17.963 -12.000 1.00 9.96   ? 1430 ARG A NH2 1 
ATOM   999  N N   . PHE A 1 140 ? 3.085   -20.706 -14.037 1.00 8.09   ? 1431 PHE A N   1 
ATOM   1000 C CA  . PHE A 1 140 ? 3.719   -21.140 -15.291 1.00 8.54   ? 1431 PHE A CA  1 
ATOM   1001 C C   . PHE A 1 140 ? 5.131   -21.653 -15.003 1.00 9.08   ? 1431 PHE A C   1 
ATOM   1002 O O   . PHE A 1 140 ? 5.571   -22.626 -15.592 1.00 9.40   ? 1431 PHE A O   1 
ATOM   1003 C CB  . PHE A 1 140 ? 3.714   -19.999 -16.309 1.00 9.30   ? 1431 PHE A CB  1 
ATOM   1004 C CG  . PHE A 1 140 ? 4.151   -20.415 -17.693 1.00 10.66  ? 1431 PHE A CG  1 
ATOM   1005 C CD1 . PHE A 1 140 ? 3.255   -21.058 -18.528 1.00 13.44  ? 1431 PHE A CD1 1 
ATOM   1006 C CD2 . PHE A 1 140 ? 5.418   -20.139 -18.145 1.00 12.67  ? 1431 PHE A CD2 1 
ATOM   1007 C CE1 . PHE A 1 140 ? 3.658   -21.440 -19.804 1.00 14.10  ? 1431 PHE A CE1 1 
ATOM   1008 C CE2 . PHE A 1 140 ? 5.821   -20.537 -19.413 1.00 13.51  ? 1431 PHE A CE2 1 
ATOM   1009 C CZ  . PHE A 1 140 ? 4.921   -21.150 -20.237 1.00 14.29  ? 1431 PHE A CZ  1 
ATOM   1010 N N   . HIS A 1 141 ? 5.867   -20.966 -14.148 1.00 11.32  ? 1432 HIS A N   1 
ATOM   1011 C CA  . HIS A 1 141 ? 7.248   -21.404 -13.775 1.00 13.70  ? 1432 HIS A CA  1 
ATOM   1012 C C   . HIS A 1 141 ? 7.273   -22.842 -13.227 1.00 16.75  ? 1432 HIS A C   1 
ATOM   1013 O O   . HIS A 1 141 ? 8.249   -23.575 -13.522 1.00 16.89  ? 1432 HIS A O   1 
ATOM   1014 C CB  . HIS A 1 141 ? 7.851   -20.401 -12.817 1.00 13.86  ? 1432 HIS A CB  1 
ATOM   1015 C CG  . HIS A 1 141 ? 9.322   -20.604 -12.601 1.00 13.35  ? 1432 HIS A CG  1 
ATOM   1016 N ND1 . HIS A 1 141 ? 10.238  -20.283 -13.585 1.00 13.16  ? 1432 HIS A ND1 1 
ATOM   1017 C CD2 . HIS A 1 141 ? 10.005  -21.135 -11.558 1.00 15.87  ? 1432 HIS A CD2 1 
ATOM   1018 C CE1 . HIS A 1 141 ? 11.471  -20.531 -13.105 1.00 13.15  ? 1432 HIS A CE1 1 
ATOM   1019 N NE2 . HIS A 1 141 ? 11.350  -21.107 -11.888 1.00 14.33  ? 1432 HIS A NE2 1 
ATOM   1020 N N   . LYS A 1 142 ? 6.226   -23.274 -12.512 1.00 17.13  ? 1433 LYS A N   1 
ATOM   1021 C CA  . LYS A 1 142 ? 6.115   -24.635 -11.904 1.00 18.30  ? 1433 LYS A CA  1 
ATOM   1022 C C   . LYS A 1 142 ? 5.234   -25.583 -12.739 1.00 18.97  ? 1433 LYS A C   1 
ATOM   1023 O O   . LYS A 1 142 ? 4.843   -26.652 -12.212 1.00 20.73  ? 1433 LYS A O   1 
ATOM   1024 C CB  . LYS A 1 142 ? 5.509   -24.533 -10.497 1.00 20.51  ? 1433 LYS A CB  1 
ATOM   1025 C CG  . LYS A 1 142 ? 6.513   -24.499 -9.352  1.00 21.07  ? 1433 LYS A CG  1 
ATOM   1026 C CD  . LYS A 1 142 ? 7.215   -23.171 -9.175  1.00 21.30  ? 1433 LYS A CD  1 
ATOM   1027 C CE  . LYS A 1 142 ? 6.287   -22.067 -8.718  1.00 20.94  ? 1433 LYS A CE  1 
ATOM   1028 N NZ  . LYS A 1 142 ? 6.909   -20.738 -8.901  1.00 19.48  ? 1433 LYS A NZ  1 
ATOM   1029 N N   . ARG A 1 143 ? 4.937   -25.262 -13.996 1.00 17.64  ? 1434 ARG A N   1 
ATOM   1030 C CA  . ARG A 1 143 ? 3.882   -25.969 -14.770 1.00 18.72  ? 1434 ARG A CA  1 
ATOM   1031 C C   . ARG A 1 143 ? 4.224   -27.457 -14.926 1.00 21.51  ? 1434 ARG A C   1 
ATOM   1032 O O   . ARG A 1 143 ? 3.279   -28.277 -14.986 1.00 22.93  ? 1434 ARG A O   1 
ATOM   1033 C CB  . ARG A 1 143 ? 3.680   -25.295 -16.125 1.00 17.34  ? 1434 ARG A CB  1 
ATOM   1034 C CG  . ARG A 1 143 ? 4.919   -25.281 -17.004 1.00 16.21  ? 1434 ARG A CG  1 
ATOM   1035 C CD  . ARG A 1 143 ? 4.654   -24.398 -18.204 1.00 16.19  ? 1434 ARG A CD  1 
ATOM   1036 N NE  . ARG A 1 143 ? 5.717   -24.415 -19.198 1.00 16.04  ? 1434 ARG A NE  1 
ATOM   1037 C CZ  . ARG A 1 143 ? 6.903   -23.840 -19.057 1.00 16.41  ? 1434 ARG A CZ  1 
ATOM   1038 N NH1 . ARG A 1 143 ? 7.210   -23.188 -17.947 1.00 14.97  ? 1434 ARG A NH1 1 
ATOM   1039 N NH2 . ARG A 1 143 ? 7.788   -23.910 -20.041 1.00 16.73  ? 1434 ARG A NH2 1 
ATOM   1040 N N   . ASN A 1 144 ? 5.509   -27.800 -15.020 1.00 22.96  ? 1435 ASN A N   1 
ATOM   1041 C CA  . ASN A 1 144 ? 5.955   -29.208 -15.208 1.00 26.63  ? 1435 ASN A CA  1 
ATOM   1042 C C   . ASN A 1 144 ? 7.108   -29.507 -14.246 1.00 27.94  ? 1435 ASN A C   1 
ATOM   1043 O O   . ASN A 1 144 ? 7.721   -30.580 -14.422 1.00 31.25  ? 1435 ASN A O   1 
ATOM   1044 C CB  . ASN A 1 144 ? 6.349   -29.487 -16.661 1.00 27.99  ? 1435 ASN A CB  1 
ATOM   1045 C CG  . ASN A 1 144 ? 6.511   -30.963 -16.959 1.00 29.18  ? 1435 ASN A CG  1 
ATOM   1046 O OD1 . ASN A 1 144 ? 5.706   -31.786 -16.518 1.00 29.86  ? 1435 ASN A OD1 1 
ATOM   1047 N ND2 . ASN A 1 144 ? 7.543   -31.306 -17.714 1.00 30.15  ? 1435 ASN A ND2 1 
HETATM 1048 N N1  . ZJR B 2 .   ? 0.218   12.148  9.040   0.60 12.90  ? 1901 ZJR A N1  1 
HETATM 1049 N N3  . ZJR B 2 .   ? -3.709  9.583   10.817  0.60 10.60  ? 1901 ZJR A N3  1 
HETATM 1050 C C4  . ZJR B 2 .   ? 1.806   13.612  6.379   0.60 17.42  ? 1901 ZJR A C4  1 
HETATM 1051 C C5  . ZJR B 2 .   ? -2.803  11.831  11.106  0.60 11.06  ? 1901 ZJR A C5  1 
HETATM 1052 C C6  . ZJR B 2 .   ? -3.327  10.594  11.812  0.60 10.82  ? 1901 ZJR A C6  1 
HETATM 1053 C C7  . ZJR B 2 .   ? -2.544  9.183   10.031  0.60 10.93  ? 1901 ZJR A C7  1 
HETATM 1054 C C8  . ZJR B 2 .   ? -2.027  10.387  9.266   0.60 10.91  ? 1901 ZJR A C8  1 
HETATM 1055 C C10 . ZJR B 2 .   ? -6.190  9.721   11.019  0.60 9.16   ? 1901 ZJR A C10 1 
HETATM 1056 C C13 . ZJR B 2 .   ? -7.456  11.324  11.828  0.60 8.79   ? 1901 ZJR A C13 1 
HETATM 1057 C C1  . ZJR B 2 .   ? -0.607  12.293  10.083  0.60 12.32  ? 1901 ZJR A C1  1 
HETATM 1058 C C11 . ZJR B 2 .   ? -7.466  9.259   11.015  0.60 8.88   ? 1901 ZJR A C11 1 
HETATM 1059 C C12 . ZJR B 2 .   ? -8.286  10.283  11.547  0.60 8.53   ? 1901 ZJR A C12 1 
HETATM 1060 C C2  . ZJR B 2 .   ? 1.377   13.027  8.925   0.60 14.24  ? 1901 ZJR A C2  1 
HETATM 1061 C C3  . ZJR B 2 .   ? 1.635   13.454  7.548   0.60 16.40  ? 1901 ZJR A C3  1 
HETATM 1062 C C9  . ZJR B 2 .   ? -4.945  9.095   10.571  0.60 9.52   ? 1901 ZJR A C9  1 
HETATM 1063 N N2  . ZJR B 2 .   ? -1.727  11.513  10.159  0.60 11.29  ? 1901 ZJR A N2  1 
HETATM 1064 O O1  . ZJR B 2 .   ? -0.392  13.200  10.910  0.60 12.12  ? 1901 ZJR A O1  1 
HETATM 1065 O O2  . ZJR B 2 .   ? -5.052  8.094   9.861   0.60 9.26   ? 1901 ZJR A O2  1 
HETATM 1066 O O3  . ZJR B 2 .   ? -6.167  10.996  11.515  0.60 8.82   ? 1901 ZJR A O3  1 
HETATM 1067 O O   . HOH C 3 .   ? 1.916   6.273   23.687  1.00 37.61  ? 2001 HOH A O   1 
HETATM 1068 O O   . HOH C 3 .   ? 11.822  0.113   -6.549  1.00 28.44  ? 2002 HOH A O   1 
HETATM 1069 O O   . HOH C 3 .   ? -17.174 7.543   5.642   0.60 19.80  ? 2003 HOH A O   1 
HETATM 1070 O O   . HOH C 3 .   ? -6.653  15.799  12.308  1.00 32.57  ? 2004 HOH A O   1 
HETATM 1071 O O   . HOH C 3 .   ? 12.078  -17.790 -1.715  1.00 32.05  ? 2005 HOH A O   1 
HETATM 1072 O O   . HOH C 3 .   ? -0.060  -13.873 -16.824 1.00 32.70  ? 2006 HOH A O   1 
HETATM 1073 O O   . HOH C 3 .   ? -2.647  -2.207  -12.555 1.00 24.78  ? 2007 HOH A O   1 
HETATM 1074 O O   . HOH C 3 .   ? 7.626   -4.718  5.429   1.00 34.08  ? 2008 HOH A O   1 
HETATM 1075 O O   . HOH C 3 .   ? 16.274  -2.736  -5.467  1.00 14.79  ? 2009 HOH A O   1 
HETATM 1076 O O   . HOH C 3 .   ? -1.894  -18.188 -16.570 1.00 21.66  ? 2010 HOH A O   1 
HETATM 1077 O O   . HOH C 3 .   ? -9.261  1.917   17.556  1.00 15.98  ? 2011 HOH A O   1 
HETATM 1078 O O   . HOH C 3 .   ? -4.556  7.013   25.248  1.00 26.68  ? 2012 HOH A O   1 
HETATM 1079 O O   . HOH C 3 .   ? 4.748   -13.696 -0.645  1.00 25.95  ? 2013 HOH A O   1 
HETATM 1080 O O   . HOH C 3 .   ? -2.688  15.842  10.373  0.60 16.67  ? 2014 HOH A O   1 
HETATM 1081 O O   . HOH C 3 .   ? 6.440   0.184   11.480  1.00 22.80  ? 2015 HOH A O   1 
HETATM 1082 O O   . HOH C 3 .   ? -4.922  -12.771 -5.206  1.00 38.68  ? 2016 HOH A O   1 
HETATM 1083 O O   . HOH C 3 .   ? -16.826 0.892   8.173   1.00 31.35  ? 2017 HOH A O   1 
HETATM 1084 O O   . HOH C 3 .   ? 1.656   14.351  12.076  0.60 15.94  ? 2018 HOH A O   1 
HETATM 1085 O O   . HOH C 3 .   ? -3.969  -11.656 -15.054 1.00 35.27  ? 2019 HOH A O   1 
HETATM 1086 O O   . HOH C 3 .   ? -7.091  11.652  21.406  0.60 18.45  ? 2020 HOH A O   1 
HETATM 1087 O O   . HOH C 3 .   ? -6.394  8.121   23.144  1.00 19.80  ? 2021 HOH A O   1 
HETATM 1088 O O   . HOH C 3 .   ? 9.294   -14.112 -6.646  1.00 31.85  ? 2022 HOH A O   1 
HETATM 1089 O O   . HOH C 3 .   ? -12.887 -0.072  -9.528  1.00 19.77  ? 2023 HOH A O   1 
HETATM 1090 O O   . HOH C 3 .   ? 6.844   11.351  14.358  0.60 23.23  ? 2024 HOH A O   1 
HETATM 1091 O O   . HOH C 3 .   ? -0.279  17.195  10.448  0.60 13.62  ? 2025 HOH A O   1 
HETATM 1092 O O   . HOH C 3 .   ? -6.762  -1.405  0.696   1.00 13.91  ? 2026 HOH A O   1 
HETATM 1093 O O   . HOH C 3 .   ? -11.990 4.221   15.251  1.00 13.46  ? 2027 HOH A O   1 
HETATM 1094 O O   . HOH C 3 .   ? 3.821   13.890  -3.763  0.60 15.61  ? 2028 HOH A O   1 
HETATM 1095 O O   . HOH C 3 .   ? 9.203   -19.319 -15.888 1.00 11.40  ? 2029 HOH A O   1 
HETATM 1096 O O   . HOH C 3 .   ? -3.265  6.029   10.572  0.60 9.29   ? 2030 HOH A O   1 
HETATM 1097 O O   . HOH C 3 .   ? 4.524   -2.335  18.546  1.00 49.32  ? 2031 HOH A O   1 
HETATM 1098 O O   . HOH C 3 .   ? -15.799 -0.565  12.633  0.60 27.70  ? 2032 HOH A O   1 
HETATM 1099 O O   . HOH C 3 .   ? 5.095   5.731   9.476   0.60 15.16  ? 2033 HOH A O   1 
HETATM 1100 O O   . HOH C 3 .   ? -7.524  -5.589  -5.261  1.00 14.36  ? 2034 HOH A O   1 
HETATM 1101 O O   . HOH C 3 .   ? 0.303   4.435   10.360  0.60 7.63   ? 2035 HOH A O   1 
HETATM 1102 O O   . HOH C 3 .   ? 6.894   -17.793 -15.503 1.00 12.39  ? 2036 HOH A O   1 
HETATM 1103 O O   . HOH C 3 .   ? -17.596 8.477   16.242  0.60 16.66  ? 2037 HOH A O   1 
HETATM 1104 O O   . HOH C 3 .   ? -9.953  5.047   -9.807  1.00 11.64  ? 2038 HOH A O   1 
HETATM 1105 O O   . HOH C 3 .   ? -4.169  -4.432  7.947   1.00 11.75  ? 2039 HOH A O   1 
HETATM 1106 O O   . HOH C 3 .   ? 6.117   -15.683 -3.920  1.00 25.28  ? 2040 HOH A O   1 
HETATM 1107 O O   . HOH C 3 .   ? -10.125 -0.169  2.812   1.00 20.85  ? 2041 HOH A O   1 
HETATM 1108 O O   . HOH C 3 .   ? 9.649   2.716   -12.266 1.00 35.16  ? 2042 HOH A O   1 
HETATM 1109 O O   . HOH C 3 .   ? -2.709  17.619  3.086   1.00 32.96  ? 2043 HOH A O   1 
HETATM 1110 O O   . HOH C 3 .   ? 19.386  -2.965  -0.170  1.00 28.23  ? 2044 HOH A O   1 
HETATM 1111 O O   . HOH C 3 .   ? -9.079  3.151   5.911   1.00 10.69  ? 2045 HOH A O   1 
HETATM 1112 O O   . HOH C 3 .   ? -4.194  -1.599  11.750  1.00 13.21  ? 2046 HOH A O   1 
HETATM 1113 O O   . HOH C 3 .   ? -14.407 8.569   1.380   1.00 12.31  ? 2047 HOH A O   1 
HETATM 1114 O O   . HOH C 3 .   ? 13.077  -1.902  -10.262 1.00 26.61  ? 2048 HOH A O   1 
HETATM 1115 O O   . HOH C 3 .   ? 0.121   6.460   7.174   0.60 8.53   ? 2049 HOH A O   1 
HETATM 1116 O O   . HOH C 3 .   ? -8.940  1.905   -13.679 1.00 23.37  ? 2050 HOH A O   1 
HETATM 1117 O O   . HOH C 3 .   ? 8.554   7.287   6.754   0.60 26.90  ? 2051 HOH A O   1 
HETATM 1118 O O   . HOH C 3 .   ? -6.044  -10.033 -7.971  1.00 16.58  ? 2052 HOH A O   1 
HETATM 1119 O O   . HOH C 3 .   ? 10.045  -5.079  -12.539 1.00 10.25  ? 2053 HOH A O   1 
HETATM 1120 O O   . HOH C 3 .   ? -2.134  -20.854 -14.180 1.00 13.99  ? 2054 HOH A O   1 
HETATM 1121 O O   . HOH C 3 .   ? 3.987   16.085  0.321   1.00 35.74  ? 2055 HOH A O   1 
HETATM 1122 O O   . HOH C 3 .   ? -12.535 2.034   0.096   1.00 18.47  ? 2056 HOH A O   1 
HETATM 1123 O O   . HOH C 3 .   ? -2.212  -5.620  6.545   1.00 11.39  ? 2057 HOH A O   1 
HETATM 1124 O O   . HOH C 3 .   ? 3.964   8.341   15.397  0.60 21.42  ? 2058 HOH A O   1 
HETATM 1125 O O   . HOH C 3 .   ? -10.232 11.864  -4.794  0.60 11.67  ? 2059 HOH A O   1 
HETATM 1126 O O   . HOH C 3 .   ? -7.077  -9.506  -12.109 1.00 20.27  ? 2060 HOH A O   1 
HETATM 1127 O O   . HOH C 3 .   ? 7.010   -4.408  -15.195 1.00 18.78  ? 2061 HOH A O   1 
HETATM 1128 O O   . HOH C 3 .   ? -9.899  -4.663  -9.098  1.00 34.77  ? 2062 HOH A O   1 
HETATM 1129 O O   . HOH C 3 .   ? 4.560   11.042  -8.197  1.00 20.89  ? 2063 HOH A O   1 
HETATM 1130 O O   . HOH C 3 .   ? 2.804   -8.675  -11.930 1.00 9.25   ? 2064 HOH A O   1 
HETATM 1131 O O   . HOH C 3 .   ? 9.426   -6.608  3.924   1.00 20.71  ? 2065 HOH A O   1 
HETATM 1132 O O   . HOH C 3 .   ? -16.961 12.097  5.316   1.00 32.71  ? 2066 HOH A O   1 
HETATM 1133 O O   . HOH C 3 .   ? 6.449   3.482   8.478   0.60 15.91  ? 2067 HOH A O   1 
HETATM 1134 O O   . HOH C 3 .   ? -6.917  -2.426  5.291   1.00 10.97  ? 2068 HOH A O   1 
HETATM 1135 O O   . HOH C 3 .   ? -4.930  -10.133 -1.428  1.00 31.71  ? 2069 HOH A O   1 
HETATM 1136 O O   . HOH C 3 .   ? -1.240  -9.660  0.778   1.00 16.53  ? 2070 HOH A O   1 
HETATM 1137 O O   . HOH C 3 .   ? -9.725  -3.580  -10.983 1.00 25.46  ? 2071 HOH A O   1 
HETATM 1138 O O   . HOH C 3 .   ? 2.689   1.236   20.103  1.00 31.20  ? 2072 HOH A O   1 
HETATM 1139 O O   . HOH C 3 .   ? 1.647   -24.889 -12.046 1.00 23.12  ? 2073 HOH A O   1 
HETATM 1140 O O   . HOH C 3 .   ? 15.472  -4.800  -8.952  1.00 15.04  ? 2074 HOH A O   1 
HETATM 1141 O O   . HOH C 3 .   ? -5.939  -4.070  -11.931 1.00 17.23  ? 2075 HOH A O   1 
HETATM 1142 O O   . HOH C 3 .   ? 7.966   -7.576  -18.673 1.00 32.63  ? 2076 HOH A O   1 
HETATM 1143 O O   . HOH C 3 .   ? 1.195   8.432   8.659   0.60 15.12  ? 2077 HOH A O   1 
HETATM 1144 O O   . HOH C 3 .   ? 8.071   -25.834 -15.223 1.00 35.58  ? 2078 HOH A O   1 
HETATM 1145 O O   . HOH C 3 .   ? 2.762   11.442  23.446  1.00 26.29  ? 2079 HOH A O   1 
HETATM 1146 O O   . HOH C 3 .   ? -8.321  15.509  -0.405  1.00 25.10  ? 2080 HOH A O   1 
HETATM 1147 O O   . HOH C 3 .   ? 1.196   -18.575 -7.868  1.00 14.59  ? 2081 HOH A O   1 
HETATM 1148 O O   . HOH C 3 .   ? 9.343   -21.300 -17.764 1.00 19.73  ? 2082 HOH A O   1 
HETATM 1149 O O   . HOH C 3 .   ? -0.968  -1.163  13.894  1.00 15.45  ? 2083 HOH A O   1 
HETATM 1150 O O   . HOH C 3 .   ? -11.698 -0.613  -5.652  1.00 17.06  ? 2084 HOH A O   1 
HETATM 1151 O O   . HOH C 3 .   ? 1.259   -0.055  -12.408 1.00 21.05  ? 2085 HOH A O   1 
HETATM 1152 O O   . HOH C 3 .   ? 4.601   -7.141  4.428   1.00 17.87  ? 2086 HOH A O   1 
HETATM 1153 O O   . HOH C 3 .   ? -8.786  -1.107  11.455  1.00 18.62  ? 2087 HOH A O   1 
HETATM 1154 O O   . HOH C 3 .   ? -2.045  19.639  -5.550  1.00 18.63  ? 2088 HOH A O   1 
HETATM 1155 O O   . HOH C 3 .   ? -16.251 3.085   6.672   1.00 24.32  ? 2089 HOH A O   1 
HETATM 1156 O O   . HOH C 3 .   ? -0.016  -19.940 -15.547 1.00 11.63  ? 2090 HOH A O   1 
HETATM 1157 O O   . HOH C 3 .   ? 2.272   -5.549  7.608   1.00 24.00  ? 2091 HOH A O   1 
HETATM 1158 O O   . HOH C 3 .   ? -10.435 6.939   -5.530  1.00 15.10  ? 2092 HOH A O   1 
HETATM 1159 O O   . HOH C 3 .   ? -15.483 10.453  -0.482  1.00 13.25  ? 2093 HOH A O   1 
HETATM 1160 O O   . HOH C 3 .   ? -1.831  5.128   8.480   0.60 8.35   ? 2094 HOH A O   1 
HETATM 1161 O O   . HOH C 3 .   ? 7.818   4.813   -6.624  1.00 27.30  ? 2095 HOH A O   1 
HETATM 1162 O O   . HOH C 3 .   ? 18.416  0.464   -3.722  1.00 38.90  ? 2096 HOH A O   1 
HETATM 1163 O O   . HOH C 3 .   ? 11.617  -5.222  -3.089  1.00 9.08   ? 2097 HOH A O   1 
HETATM 1164 O O   . HOH C 3 .   ? 1.476   7.888   21.684  1.00 26.19  ? 2098 HOH A O   1 
HETATM 1165 O O   . HOH C 3 .   ? 3.878   -10.956 -15.215 1.00 15.06  ? 2099 HOH A O   1 
HETATM 1166 O O   . HOH C 3 .   ? 17.905  -3.213  3.861   1.00 31.49  ? 2100 HOH A O   1 
HETATM 1167 O O   . HOH C 3 .   ? -4.110  16.784  0.674   1.00 21.47  ? 2101 HOH A O   1 
HETATM 1168 O O   . HOH C 3 .   ? 14.003  -1.683  3.896   1.00 32.39  ? 2102 HOH A O   1 
HETATM 1169 O O   . HOH C 3 .   ? -5.286  14.638  -6.699  1.00 26.23  ? 2103 HOH A O   1 
HETATM 1170 O O   . HOH C 3 .   ? -6.138  18.251  0.307   1.00 31.15  ? 2104 HOH A O   1 
HETATM 1171 O O   . HOH C 3 .   ? 7.500   -14.381 0.437   1.00 29.24  ? 2105 HOH A O   1 
HETATM 1172 O O   . HOH C 3 .   ? 2.800   -8.501  -15.813 1.00 17.12  ? 2106 HOH A O   1 
HETATM 1173 O O   . HOH C 3 .   ? 7.977   -1.886  5.300   1.00 27.11  ? 2107 HOH A O   1 
HETATM 1174 O O   . HOH C 3 .   ? -2.590  -1.305  16.203  1.00 25.18  ? 2108 HOH A O   1 
HETATM 1175 O O   . HOH C 3 .   ? -11.138 -0.259  -0.868  1.00 17.42  ? 2109 HOH A O   1 
HETATM 1176 O O   . HOH C 3 .   ? -8.030  8.766   -4.166  1.00 22.83  ? 2110 HOH A O   1 
HETATM 1177 O O   . HOH C 3 .   ? 10.322  2.085   -4.827  1.00 28.23  ? 2111 HOH A O   1 
HETATM 1178 O O   . HOH C 3 .   ? 10.375  6.011   5.767   1.00 40.35  ? 2112 HOH A O   1 
HETATM 1179 O O   . HOH C 3 .   ? -8.534  21.030  1.709   0.60 13.87  ? 2113 HOH A O   1 
HETATM 1180 O O   . HOH C 3 .   ? -4.763  13.403  19.457  1.00 38.06  ? 2114 HOH A O   1 
HETATM 1181 O O   . HOH C 3 .   ? 18.575  -4.597  1.410   1.00 24.69  ? 2115 HOH A O   1 
HETATM 1182 O O   . HOH C 3 .   ? 4.923   -4.454  8.492   1.00 36.67  ? 2116 HOH A O   1 
HETATM 1183 O O   . HOH C 3 .   ? 12.398  -13.514 -8.689  1.00 21.41  ? 2117 HOH A O   1 
HETATM 1184 O O   . HOH C 3 .   ? -2.352  -13.348 -1.501  1.00 28.37  ? 2118 HOH A O   1 
HETATM 1185 O O   . HOH C 3 .   ? -1.354  -19.626 -7.461  1.00 15.89  ? 2119 HOH A O   1 
HETATM 1186 O O   . HOH C 3 .   ? 6.816   12.300  16.920  1.00 32.40  ? 2120 HOH A O   1 
HETATM 1187 O O   . HOH C 3 .   ? -0.140  -3.968  13.736  1.00 38.42  ? 2121 HOH A O   1 
HETATM 1188 O O   . HOH C 3 .   ? 10.511  -7.523  -14.896 1.00 14.80  ? 2122 HOH A O   1 
HETATM 1189 O O   . HOH C 3 .   ? 5.247   -10.192 -11.855 1.00 8.76   ? 2123 HOH A O   1 
HETATM 1190 O O   . HOH C 3 .   ? 3.355   6.380   -12.602 1.00 26.96  ? 2124 HOH A O   1 
HETATM 1191 O O   . HOH C 3 .   ? -0.162  16.309  -3.819  1.00 28.72  ? 2125 HOH A O   1 
HETATM 1192 O O   . HOH C 3 .   ? 7.968   11.696  -4.096  1.00 29.04  ? 2126 HOH A O   1 
HETATM 1193 O O   . HOH C 3 .   ? 10.952  -10.541 -8.218  1.00 17.37  ? 2127 HOH A O   1 
HETATM 1194 O O   . HOH C 3 .   ? -6.568  12.480  -4.705  0.60 17.39  ? 2128 HOH A O   1 
HETATM 1195 O O   . HOH C 3 .   ? -13.064 0.179   5.623   1.00 22.78  ? 2129 HOH A O   1 
HETATM 1196 O O   . HOH C 3 .   ? -3.010  -8.391  2.533   1.00 14.30  ? 2130 HOH A O   1 
HETATM 1197 O O   . HOH C 3 .   ? -9.477  14.212  9.985   1.00 12.55  ? 2131 HOH A O   1 
HETATM 1198 O O   . HOH C 3 .   ? 11.377  -8.012  -9.348  1.00 12.42  ? 2132 HOH A O   1 
HETATM 1199 O O   . HOH C 3 .   ? -6.604  -9.272  -3.114  1.00 24.35  ? 2133 HOH A O   1 
HETATM 1200 O O   . HOH C 3 .   ? -0.952  -11.290 8.158   1.00 27.21  ? 2134 HOH A O   1 
HETATM 1201 O O   . HOH C 3 .   ? -10.426 -8.751  -9.617  1.00 34.04  ? 2135 HOH A O   1 
HETATM 1202 O O   . HOH C 3 .   ? -2.844  9.842   -9.669  1.00 30.18  ? 2136 HOH A O   1 
HETATM 1203 O O   . HOH C 3 .   ? 9.068   8.985   -0.945  1.00 31.49  ? 2137 HOH A O   1 
HETATM 1204 O O   . HOH C 3 .   ? -13.611 3.518   12.014  0.60 15.60  ? 2138 HOH A O   1 
HETATM 1205 O O   . HOH C 3 .   ? -0.182  -6.124  -13.938 1.00 27.44  ? 2139 HOH A O   1 
HETATM 1206 O O   . HOH C 3 .   ? 10.584  6.836   0.053   1.00 30.95  ? 2140 HOH A O   1 
HETATM 1207 O O   . HOH C 3 .   ? -1.184  16.730  -6.243  1.00 20.55  ? 2141 HOH A O   1 
HETATM 1208 O O   . HOH C 3 .   ? -7.803  -6.539  -12.699 1.00 25.01  ? 2142 HOH A O   1 
HETATM 1209 O O   . HOH C 3 .   ? -5.435  17.384  10.520  0.60 24.10  ? 2143 HOH A O   1 
HETATM 1210 O O   . HOH C 3 .   ? 11.059  -15.467 -5.188  0.50 30.71  ? 2144 HOH A O   1 
HETATM 1211 O O   . HOH C 3 .   ? 3.727   7.148   12.646  0.60 17.67  ? 2145 HOH A O   1 
HETATM 1212 O O   . HOH C 3 .   ? -9.409  -8.970  -7.433  1.00 44.04  ? 2146 HOH A O   1 
HETATM 1213 O O   . HOH C 3 .   ? 1.589   17.679  -2.648  0.60 26.60  ? 2147 HOH A O   1 
HETATM 1214 O O   . HOH C 3 .   ? -10.415 13.017  12.455  0.60 25.35  ? 2148 HOH A O   1 
HETATM 1215 O O   . HOH C 3 .   ? 2.430   6.270   10.367  0.60 10.92  ? 2149 HOH A O   1 
HETATM 1216 O O   . HOH C 3 .   ? -6.526  -0.336  -12.950 1.00 38.73  ? 2150 HOH A O   1 
HETATM 1217 O O   . HOH C 3 .   ? -3.772  -14.044 -14.927 1.00 39.74  ? 2151 HOH A O   1 
HETATM 1218 O O   . HOH C 3 .   ? 3.796   15.147  10.382  0.60 20.74  ? 2152 HOH A O   1 
HETATM 1219 O O   . HOH C 3 .   ? 3.100   16.459  -4.106  1.00 24.26  ? 2153 HOH A O   1 
HETATM 1220 O O   . HOH C 3 .   ? 7.406   -8.166  4.073   1.00 33.12  ? 2154 HOH A O   1 
HETATM 1221 O O   . HOH C 3 .   ? 0.905   -22.656 -16.065 1.00 13.12  ? 2155 HOH A O   1 
HETATM 1222 O O   . HOH C 3 .   ? -8.976  -1.169  6.691   1.00 12.04  ? 2156 HOH A O   1 
HETATM 1223 O O   . HOH C 3 .   ? -16.392 8.502   3.215   1.00 19.05  ? 2157 HOH A O   1 
HETATM 1224 O O   . HOH C 3 .   ? 2.231   -11.491 2.225   1.00 29.46  ? 2158 HOH A O   1 
HETATM 1225 O O   . HOH C 3 .   ? 2.918   10.047  -11.446 1.00 37.93  ? 2159 HOH A O   1 
HETATM 1226 O O   . HOH C 3 .   ? -7.005  -0.009  18.042  1.00 39.01  ? 2160 HOH A O   1 
HETATM 1227 O O   . HOH C 3 .   ? -6.426  -1.993  13.149  1.00 26.93  ? 2161 HOH A O   1 
HETATM 1228 O O   . HOH C 3 .   ? -11.125 -3.318  -6.807  1.00 32.36  ? 2162 HOH A O   1 
HETATM 1229 O O   . HOH C 3 .   ? 0.271   -24.745 -14.381 1.00 35.34  ? 2163 HOH A O   1 
HETATM 1230 O O   . HOH C 3 .   ? -5.959  -4.780  6.168   1.00 275.15 ? 2164 HOH A O   1 
HETATM 1231 O O   . HOH C 3 .   ? 3.492   -28.632 -18.718 1.00 43.89  ? 2165 HOH A O   1 
HETATM 1232 O O   . HOH C 3 .   ? -0.461  17.750  -1.537  0.60 26.20  ? 2166 HOH A O   1 
HETATM 1233 O O   . HOH C 3 .   ? 2.877   -20.860 -7.734  1.00 25.37  ? 2167 HOH A O   1 
HETATM 1234 O O   . HOH C 3 .   ? 4.226   17.798  -2.196  1.00 21.34  ? 2168 HOH A O   1 
HETATM 1235 O O   . HOH C 3 .   ? 5.954   -5.607  -17.627 1.00 42.37  ? 2169 HOH A O   1 
HETATM 1236 O O   . HOH C 3 .   ? -1.636  -12.114 -18.667 1.00 41.19  ? 2170 HOH A O   1 
HETATM 1237 O O   . HOH C 3 .   ? 11.463  4.736   -18.396 1.00 22.81  ? 2171 HOH A O   1 
HETATM 1238 O O   . HOH C 3 .   ? -14.380 5.153   -2.436  1.00 24.15  ? 2172 HOH A O   1 
HETATM 1239 O O   . HOH C 3 .   ? -10.974 -0.548  13.219  1.00 24.92  ? 2173 HOH A O   1 
HETATM 1240 O O   . HOH C 3 .   ? -6.465  -10.322 -15.121 1.00 26.81  ? 2174 HOH A O   1 
HETATM 1241 O O   . HOH C 3 .   ? -5.477  -3.654  -16.320 1.00 39.56  ? 2175 HOH A O   1 
HETATM 1242 O O   . HOH C 3 .   ? -7.004  -8.299  -5.747  1.00 16.50  ? 2176 HOH A O   1 
HETATM 1243 O O   . HOH C 3 .   ? -8.030  -2.615  2.821   1.00 17.09  ? 2177 HOH A O   1 
HETATM 1244 O O   . HOH C 3 .   ? -1.368  -9.007  9.754   1.00 26.61  ? 2178 HOH A O   1 
HETATM 1245 O O   . HOH C 3 .   ? 11.828  9.351   -3.782  1.00 44.71  ? 2179 HOH A O   1 
HETATM 1246 O O   . HOH C 3 .   ? -2.385  -10.335 -1.572  1.00 24.92  ? 2180 HOH A O   1 
HETATM 1247 O O   . HOH C 3 .   ? -17.762 4.883   5.850   1.00 29.08  ? 2181 HOH A O   1 
HETATM 1248 O O   . HOH C 3 .   ? -8.267  14.436  -4.919  1.00 37.82  ? 2182 HOH A O   1 
HETATM 1249 O O   . HOH C 3 .   ? -7.892  -7.141  3.023   1.00 30.69  ? 2183 HOH A O   1 
HETATM 1250 O O   . HOH C 3 .   ? 7.015   10.220  -12.183 1.00 26.66  ? 2184 HOH A O   1 
HETATM 1251 O O   . HOH C 3 .   ? -0.324  -17.299 -4.047  1.00 39.62  ? 2185 HOH A O   1 
HETATM 1252 O O   . HOH C 3 .   ? 1.680   4.965   -14.208 1.00 39.60  ? 2186 HOH A O   1 
HETATM 1253 O O   . HOH C 3 .   ? -15.107 6.172   -0.115  1.00 29.66  ? 2187 HOH A O   1 
HETATM 1254 O O   . HOH C 3 .   ? 5.031   10.979  -10.740 1.00 30.12  ? 2188 HOH A O   1 
HETATM 1255 O O   . HOH C 3 .   ? 12.468  -4.179  -11.667 1.00 17.22  ? 2189 HOH A O   1 
HETATM 1256 O O   . HOH C 3 .   ? 9.704   -4.753  -15.350 1.00 21.65  ? 2190 HOH A O   1 
HETATM 1257 O O   . HOH C 3 .   ? 7.166   7.727   -14.542 1.00 46.47  ? 2191 HOH A O   1 
HETATM 1258 O O   . HOH C 3 .   ? -1.383  0.591   -11.856 1.00 28.24  ? 2192 HOH A O   1 
HETATM 1259 O O   . HOH C 3 .   ? 10.368  4.610   -7.867  1.00 42.96  ? 2193 HOH A O   1 
HETATM 1260 O O   . HOH C 3 .   ? -10.397 0.815   5.296   1.00 10.59  ? 2194 HOH A O   1 
HETATM 1261 O O   . HOH C 3 .   ? 2.709   -13.582 0.933   1.00 40.30  ? 2195 HOH A O   1 
HETATM 1262 O O   . HOH C 3 .   ? -0.495  -6.418  8.621   1.00 22.27  ? 2196 HOH A O   1 
HETATM 1263 O O   . HOH C 3 .   ? -12.457 -1.789  -7.600  1.00 27.04  ? 2197 HOH A O   1 
HETATM 1264 O O   . HOH C 3 .   ? -15.170 0.796   4.182   1.00 34.23  ? 2198 HOH A O   1 
HETATM 1265 O O   . HOH C 3 .   ? 9.702   9.382   5.744   0.60 26.79  ? 2199 HOH A O   1 
HETATM 1266 O O   . HOH C 3 .   ? 1.873   -23.358 -8.690  1.00 34.71  ? 2200 HOH A O   1 
HETATM 1267 O O   . HOH C 3 .   ? -2.533  -24.383 -10.874 1.00 31.40  ? 2201 HOH A O   1 
HETATM 1268 O O   . HOH C 3 .   ? -10.953 -0.131  16.941  1.00 31.52  ? 2202 HOH A O   1 
HETATM 1269 O O   . HOH C 3 .   ? -7.321  -10.856 3.014   1.00 39.03  ? 2203 HOH A O   1 
HETATM 1270 O O   . HOH C 3 .   ? 7.942   12.203  -0.651  0.60 34.11  ? 2204 HOH A O   1 
HETATM 1271 O O   . HOH C 3 .   ? 13.939  -7.049  -10.737 0.50 7.82   ? 2205 HOH A O   1 
HETATM 1272 O O   . HOH C 3 .   ? -11.988 -1.688  -2.846  1.00 28.86  ? 2206 HOH A O   1 
HETATM 1273 O O   . HOH C 3 .   ? 8.765   -1.353  8.004   1.00 33.67  ? 2207 HOH A O   1 
HETATM 1274 O O   . HOH C 3 .   ? 3.783   14.260  -8.961  1.00 30.04  ? 2208 HOH A O   1 
HETATM 1275 O O   . HOH C 3 .   ? -1.561  -22.226 -7.247  1.00 28.25  ? 2209 HOH A O   1 
HETATM 1276 O O   . HOH C 3 .   ? -7.670  -5.879  -15.253 1.00 34.52  ? 2210 HOH A O   1 
HETATM 1277 O O   . HOH C 3 .   ? -6.035  -12.626 -0.288  1.00 54.18  ? 2211 HOH A O   1 
HETATM 1278 O O   . HOH C 3 .   ? -14.785 1.652   1.587   1.00 33.72  ? 2212 HOH A O   1 
HETATM 1279 O O   . HOH C 3 .   ? 4.421   13.482  -9.380  1.00 100.20 ? 2213 HOH A O   1 
HETATM 1280 O O   . HOH C 3 .   ? 1.871   -16.850 -5.564  1.00 23.44  ? 2214 HOH A O   1 
# 
